data_2L73
#
_entry.id   2L73
#
_entity_poly.entity_id   1
_entity_poly.type   'polypeptide(L)'
_entity_poly.pdbx_seq_one_letter_code
;GPLGSMAGPRYPVSVQGAALVQIKRLQTFAFSVRWSDGSDTFVRRSWDEFRQLKKTLKETFPVEAGLLRRSDRVLPKLLD
APLLGRVGRTSRGLARLQLLETYSRRLLATAERVARSPTITGFFAPQPLDLEPALPPGSRVILPTPEEQ
;
_entity_poly.pdbx_strand_id   A
#
# COMPACT_ATOMS: atom_id res chain seq x y z
N ALA A 7 -22.65 0.11 12.70
CA ALA A 7 -21.37 -0.59 12.94
C ALA A 7 -20.23 0.39 12.74
N GLY A 8 -19.29 0.40 13.67
CA GLY A 8 -18.16 1.31 13.60
C GLY A 8 -17.21 0.88 12.49
N PRO A 9 -17.02 1.72 11.49
CA PRO A 9 -16.07 1.44 10.36
C PRO A 9 -14.64 1.25 10.86
N ARG A 10 -13.88 0.37 10.22
CA ARG A 10 -12.46 0.19 10.55
C ARG A 10 -11.68 0.23 9.26
N TYR A 11 -12.04 1.18 8.42
CA TYR A 11 -11.51 1.24 7.06
C TYR A 11 -10.92 2.61 6.77
N PRO A 12 -9.73 2.66 6.21
CA PRO A 12 -9.10 3.94 5.77
C PRO A 12 -9.93 4.56 4.69
N VAL A 13 -10.07 5.87 4.58
CA VAL A 13 -10.82 6.41 3.48
C VAL A 13 -9.85 6.72 2.37
N SER A 14 -8.61 6.88 2.76
CA SER A 14 -7.56 7.32 1.85
C SER A 14 -6.22 6.79 2.35
N VAL A 15 -5.28 6.63 1.44
CA VAL A 15 -3.93 6.18 1.77
C VAL A 15 -2.97 7.13 1.07
N GLN A 16 -1.89 7.58 1.70
CA GLN A 16 -0.89 8.34 0.97
C GLN A 16 0.48 7.69 1.24
N GLY A 17 1.37 7.75 0.26
CA GLY A 17 2.72 7.20 0.43
C GLY A 17 3.47 7.99 1.48
N ALA A 18 3.74 7.36 2.60
CA ALA A 18 4.33 8.06 3.73
C ALA A 18 5.86 8.11 3.70
N ALA A 19 6.52 6.99 3.39
CA ALA A 19 7.98 6.96 3.57
C ALA A 19 8.70 5.82 2.82
N LEU A 20 10.03 5.89 2.91
CA LEU A 20 10.90 4.79 2.46
C LEU A 20 11.78 4.32 3.61
N VAL A 21 11.85 3.02 3.81
CA VAL A 21 12.75 2.44 4.78
C VAL A 21 13.66 1.53 4.03
N GLN A 22 14.97 1.57 4.26
CA GLN A 22 15.83 0.76 3.45
C GLN A 22 16.05 -0.60 4.08
N ILE A 23 15.57 -1.51 3.31
CA ILE A 23 15.79 -2.89 3.51
C ILE A 23 16.44 -3.44 2.30
N LYS A 24 17.13 -4.60 2.47
CA LYS A 24 17.77 -5.41 1.39
C LYS A 24 17.28 -5.04 -0.01
N ARG A 25 17.62 -5.80 -0.99
CA ARG A 25 17.53 -5.27 -2.33
C ARG A 25 16.05 -5.01 -2.64
N LEU A 26 15.22 -5.14 -1.56
CA LEU A 26 13.90 -4.58 -1.51
C LEU A 26 13.92 -3.52 -0.41
N GLN A 27 13.52 -2.31 -0.71
CA GLN A 27 13.36 -1.28 0.32
C GLN A 27 11.93 -1.32 0.75
N THR A 28 11.56 -0.88 1.95
CA THR A 28 10.20 -1.02 2.40
C THR A 28 9.56 0.37 2.38
N PHE A 29 8.29 0.42 2.03
CA PHE A 29 7.67 1.68 1.68
C PHE A 29 6.49 2.01 2.59
N ALA A 30 6.49 3.22 3.09
CA ALA A 30 5.52 3.58 4.10
C ALA A 30 4.30 4.27 3.51
N PHE A 31 3.20 4.08 4.19
CA PHE A 31 1.93 4.69 3.80
C PHE A 31 1.31 5.36 4.97
N SER A 32 0.45 6.31 4.68
CA SER A 32 -0.32 6.95 5.72
C SER A 32 -1.77 6.88 5.28
N VAL A 33 -2.62 6.25 6.07
CA VAL A 33 -4.03 6.11 5.72
C VAL A 33 -4.86 6.62 6.88
N ARG A 34 -5.92 7.38 6.63
CA ARG A 34 -6.76 7.87 7.73
C ARG A 34 -8.17 7.36 7.47
N TRP A 35 -8.87 6.89 8.52
CA TRP A 35 -10.02 6.05 8.31
C TRP A 35 -11.33 6.77 8.60
N SER A 36 -12.41 6.19 8.07
CA SER A 36 -13.75 6.79 8.15
C SER A 36 -14.12 7.10 9.60
N ASP A 37 -13.58 6.35 10.54
CA ASP A 37 -13.87 6.59 11.96
C ASP A 37 -13.14 7.86 12.41
N GLY A 38 -12.44 8.47 11.46
CA GLY A 38 -11.74 9.73 11.68
C GLY A 38 -10.27 9.50 11.89
N SER A 39 -9.90 8.25 12.08
CA SER A 39 -8.54 7.98 12.52
C SER A 39 -7.53 8.35 11.44
N ASP A 40 -6.26 8.42 11.81
CA ASP A 40 -5.17 8.65 10.87
C ASP A 40 -4.14 7.62 11.18
N THR A 41 -3.45 7.14 10.18
CA THR A 41 -2.36 6.25 10.46
C THR A 41 -1.24 6.41 9.45
N PHE A 42 -0.01 6.25 9.92
CA PHE A 42 1.13 6.14 9.04
C PHE A 42 1.85 4.85 9.37
N VAL A 43 2.11 4.06 8.37
CA VAL A 43 2.65 2.73 8.59
C VAL A 43 3.72 2.42 7.54
N ARG A 44 4.60 1.43 7.80
CA ARG A 44 5.62 1.05 6.82
C ARG A 44 5.15 -0.22 6.13
N ARG A 45 5.46 -0.38 4.84
CA ARG A 45 5.07 -1.57 4.11
C ARG A 45 6.20 -2.05 3.23
N SER A 46 6.18 -3.31 2.93
CA SER A 46 7.14 -3.82 1.96
C SER A 46 6.51 -4.02 0.60
N TRP A 47 7.30 -3.90 -0.46
CA TRP A 47 6.84 -4.26 -1.80
C TRP A 47 6.54 -5.75 -1.87
N ASP A 48 7.41 -6.50 -1.23
CA ASP A 48 7.19 -7.93 -1.01
C ASP A 48 6.00 -8.13 -0.15
N GLU A 49 5.85 -7.22 0.78
CA GLU A 49 4.63 -7.23 1.58
C GLU A 49 3.43 -6.92 0.73
N PHE A 50 3.50 -5.96 -0.20
CA PHE A 50 2.38 -5.70 -1.05
C PHE A 50 2.08 -6.95 -1.83
N ARG A 51 3.14 -7.58 -2.35
CA ARG A 51 2.97 -8.68 -3.28
C ARG A 51 2.13 -9.73 -2.62
N GLN A 52 2.29 -9.89 -1.30
CA GLN A 52 1.42 -10.77 -0.59
C GLN A 52 0.03 -10.12 -0.51
N LEU A 53 0.04 -8.79 -0.30
CA LEU A 53 -1.24 -8.04 -0.09
C LEU A 53 -2.17 -8.08 -1.32
N LYS A 54 -1.62 -7.85 -2.49
CA LYS A 54 -2.39 -7.94 -3.72
C LYS A 54 -2.90 -9.36 -3.90
N LYS A 55 -1.98 -10.27 -3.66
CA LYS A 55 -2.34 -11.67 -3.82
C LYS A 55 -3.48 -11.94 -2.87
N THR A 56 -3.31 -11.45 -1.65
CA THR A 56 -4.26 -11.72 -0.60
C THR A 56 -5.63 -11.16 -0.93
N LEU A 57 -5.74 -9.92 -1.45
CA LEU A 57 -7.04 -9.42 -1.83
C LEU A 57 -7.58 -10.29 -2.95
N LYS A 58 -6.69 -10.57 -3.88
CA LYS A 58 -7.08 -11.32 -5.08
C LYS A 58 -7.62 -12.67 -4.70
N GLU A 59 -7.16 -13.21 -3.59
CA GLU A 59 -7.72 -14.45 -3.12
C GLU A 59 -9.18 -14.20 -2.71
N THR A 60 -9.41 -13.07 -2.05
CA THR A 60 -10.77 -12.72 -1.63
C THR A 60 -11.60 -12.14 -2.80
N PHE A 61 -10.94 -11.64 -3.84
CA PHE A 61 -11.64 -11.08 -4.99
C PHE A 61 -11.33 -11.91 -6.23
N PRO A 62 -12.26 -12.73 -6.67
CA PRO A 62 -12.11 -13.56 -7.92
C PRO A 62 -12.29 -12.69 -9.17
N VAL A 63 -12.45 -11.42 -8.91
CA VAL A 63 -12.76 -10.43 -9.91
C VAL A 63 -11.61 -10.31 -10.92
N GLU A 64 -10.42 -10.30 -10.38
CA GLU A 64 -9.19 -9.96 -11.11
C GLU A 64 -9.29 -10.20 -12.63
N ALA A 65 -9.83 -11.34 -13.08
CA ALA A 65 -9.82 -11.63 -14.50
C ALA A 65 -11.12 -11.17 -15.19
N GLY A 66 -12.14 -10.81 -14.42
CA GLY A 66 -13.38 -10.24 -14.99
C GLY A 66 -14.32 -11.32 -15.53
N LEU A 67 -14.00 -12.58 -15.28
CA LEU A 67 -14.82 -13.64 -15.81
C LEU A 67 -16.20 -13.67 -15.14
N LEU A 68 -16.19 -13.52 -13.82
CA LEU A 68 -17.41 -13.71 -13.00
C LEU A 68 -18.49 -12.63 -13.18
N ARG A 69 -18.07 -11.38 -13.34
CA ARG A 69 -19.02 -10.24 -13.25
C ARG A 69 -18.86 -9.26 -14.39
N ARG A 70 -19.81 -8.29 -14.49
CA ARG A 70 -19.68 -7.24 -15.50
C ARG A 70 -19.33 -5.87 -14.87
N SER A 71 -19.60 -5.72 -13.57
CA SER A 71 -19.09 -4.53 -12.81
C SER A 71 -17.73 -4.94 -12.24
N ASP A 72 -17.07 -5.64 -13.10
CA ASP A 72 -16.02 -6.54 -12.73
C ASP A 72 -14.63 -6.07 -13.04
N ARG A 73 -14.36 -4.91 -13.58
CA ARG A 73 -13.00 -4.58 -13.87
C ARG A 73 -12.51 -3.70 -12.73
N VAL A 74 -13.43 -3.50 -11.76
CA VAL A 74 -13.25 -2.51 -10.70
C VAL A 74 -11.89 -2.69 -10.07
N LEU A 75 -11.38 -3.90 -10.21
CA LEU A 75 -9.98 -4.14 -9.98
C LEU A 75 -9.32 -4.28 -11.35
N PRO A 76 -8.98 -3.19 -11.99
CA PRO A 76 -8.43 -3.21 -13.38
C PRO A 76 -7.04 -3.76 -13.36
N LYS A 77 -6.90 -4.84 -12.59
CA LYS A 77 -5.60 -5.35 -12.25
C LYS A 77 -4.78 -4.17 -11.79
N LEU A 78 -3.50 -4.20 -12.01
CA LEU A 78 -2.66 -3.11 -11.54
C LEU A 78 -2.08 -2.34 -12.72
N LEU A 79 -2.05 -1.02 -12.59
CA LEU A 79 -1.44 -0.15 -13.60
C LEU A 79 0.01 -0.17 -13.27
N ASP A 80 0.90 -0.25 -14.26
CA ASP A 80 2.31 -0.32 -13.95
C ASP A 80 3.10 0.54 -14.95
N ALA A 81 4.15 1.13 -14.47
CA ALA A 81 5.03 1.95 -15.28
C ALA A 81 5.85 1.06 -16.22
N PRO A 82 6.68 1.63 -17.07
CA PRO A 82 7.42 0.84 -18.10
C PRO A 82 8.19 -0.28 -17.42
N LEU A 83 8.29 -1.40 -18.11
CA LEU A 83 8.64 -2.63 -17.41
C LEU A 83 10.10 -2.71 -17.07
N LEU A 84 10.33 -3.12 -15.84
CA LEU A 84 11.64 -3.50 -15.33
C LEU A 84 12.74 -2.47 -15.61
N GLY A 85 13.20 -2.30 -16.85
CA GLY A 85 14.33 -1.41 -17.08
C GLY A 85 15.55 -1.98 -16.38
N ARG A 86 15.99 -3.15 -16.85
CA ARG A 86 16.98 -3.92 -16.11
C ARG A 86 16.45 -4.15 -14.71
N VAL A 87 15.18 -4.56 -14.67
CA VAL A 87 14.44 -4.82 -13.45
C VAL A 87 14.73 -3.76 -12.37
N GLY A 88 15.86 -3.95 -11.72
CA GLY A 88 16.22 -3.12 -10.59
C GLY A 88 15.20 -3.30 -9.49
N ARG A 89 15.52 -4.10 -8.49
CA ARG A 89 14.55 -4.39 -7.45
C ARG A 89 14.18 -3.13 -6.72
N THR A 90 15.14 -2.25 -6.50
CA THR A 90 14.85 -0.96 -5.92
C THR A 90 13.91 -0.22 -6.86
N SER A 91 14.25 -0.24 -8.13
CA SER A 91 13.48 0.47 -9.13
C SER A 91 12.03 0.01 -9.12
N ARG A 92 11.82 -1.28 -8.99
CA ARG A 92 10.46 -1.84 -8.95
C ARG A 92 9.68 -1.37 -7.70
N GLY A 93 10.39 -1.21 -6.60
CA GLY A 93 9.78 -0.56 -5.36
C GLY A 93 9.47 0.93 -5.62
N LEU A 94 10.40 1.46 -6.27
CA LEU A 94 10.33 2.86 -6.71
C LEU A 94 9.15 3.08 -7.70
N ALA A 95 9.05 2.20 -8.65
CA ALA A 95 7.94 2.23 -9.59
C ALA A 95 6.66 1.95 -8.81
N ARG A 96 6.74 0.92 -8.01
CA ARG A 96 5.62 0.46 -7.21
C ARG A 96 5.16 1.55 -6.26
N LEU A 97 6.03 2.35 -5.71
CA LEU A 97 5.56 3.40 -4.82
C LEU A 97 4.62 4.32 -5.56
N GLN A 98 5.02 4.72 -6.76
CA GLN A 98 4.17 5.65 -7.50
C GLN A 98 2.88 4.92 -7.92
N LEU A 99 3.08 3.73 -8.46
CA LEU A 99 1.98 2.94 -8.99
C LEU A 99 1.03 2.57 -7.89
N LEU A 100 1.61 2.15 -6.78
CA LEU A 100 0.81 1.65 -5.70
C LEU A 100 -0.06 2.72 -5.19
N GLU A 101 0.40 3.96 -5.02
CA GLU A 101 -0.48 4.99 -4.61
C GLU A 101 -1.55 5.32 -5.59
N THR A 102 -1.34 5.17 -6.88
CA THR A 102 -2.48 5.39 -7.74
C THR A 102 -3.49 4.27 -7.49
N TYR A 103 -2.93 3.07 -7.43
CA TYR A 103 -3.65 1.81 -7.32
C TYR A 103 -4.49 1.73 -6.02
N SER A 104 -3.88 2.06 -4.90
CA SER A 104 -4.58 2.05 -3.60
C SER A 104 -5.72 3.06 -3.61
N ARG A 105 -5.45 4.19 -4.23
CA ARG A 105 -6.46 5.20 -4.45
C ARG A 105 -7.57 4.65 -5.32
N ARG A 106 -7.22 3.84 -6.31
CA ARG A 106 -8.25 3.14 -7.04
C ARG A 106 -9.01 2.20 -6.12
N LEU A 107 -8.35 1.52 -5.27
CA LEU A 107 -9.04 0.57 -4.44
C LEU A 107 -10.07 1.30 -3.59
N LEU A 108 -9.75 2.48 -3.04
CA LEU A 108 -10.71 3.25 -2.27
C LEU A 108 -11.72 4.00 -3.20
N ALA A 109 -11.47 3.99 -4.53
CA ALA A 109 -12.61 4.42 -5.40
C ALA A 109 -13.11 3.35 -6.35
N THR A 110 -12.22 2.60 -6.95
CA THR A 110 -12.66 1.68 -7.96
C THR A 110 -13.47 0.51 -7.47
N ALA A 111 -13.46 0.16 -6.17
CA ALA A 111 -14.53 -0.76 -5.75
C ALA A 111 -14.81 -0.64 -4.27
N GLU A 112 -16.08 -0.45 -3.96
CA GLU A 112 -16.58 -0.51 -2.59
C GLU A 112 -16.39 -1.91 -2.06
N ARG A 113 -16.72 -2.83 -2.95
CA ARG A 113 -16.71 -4.22 -2.56
C ARG A 113 -15.31 -4.62 -2.17
N VAL A 114 -14.29 -4.18 -2.90
CA VAL A 114 -12.96 -4.40 -2.42
C VAL A 114 -12.73 -3.53 -1.19
N ALA A 115 -13.16 -2.25 -1.28
CA ALA A 115 -12.72 -1.23 -0.31
C ALA A 115 -13.02 -1.52 1.14
N ARG A 116 -13.97 -2.36 1.47
CA ARG A 116 -14.14 -2.64 2.90
C ARG A 116 -13.78 -4.08 3.25
N SER A 117 -13.64 -4.91 2.25
CA SER A 117 -13.57 -6.34 2.53
C SER A 117 -12.60 -6.65 3.67
N PRO A 118 -12.83 -7.73 4.39
CA PRO A 118 -12.08 -8.04 5.65
C PRO A 118 -10.61 -8.00 5.38
N THR A 119 -10.31 -8.25 4.14
CA THR A 119 -8.99 -8.11 3.64
C THR A 119 -8.54 -6.67 3.81
N ILE A 120 -9.46 -5.67 3.62
CA ILE A 120 -9.03 -4.30 3.75
C ILE A 120 -8.56 -4.09 5.17
N THR A 121 -9.33 -4.61 6.10
CA THR A 121 -8.99 -4.44 7.49
C THR A 121 -7.61 -5.04 7.79
N GLY A 122 -7.28 -6.23 7.26
CA GLY A 122 -5.94 -6.76 7.52
C GLY A 122 -4.92 -5.82 6.93
N PHE A 123 -5.09 -5.45 5.65
CA PHE A 123 -4.06 -4.68 4.95
C PHE A 123 -3.66 -3.42 5.68
N PHE A 124 -4.59 -2.69 6.19
CA PHE A 124 -4.24 -1.44 6.82
C PHE A 124 -3.97 -1.62 8.31
N ALA A 125 -4.11 -2.85 8.78
CA ALA A 125 -3.83 -3.18 10.19
C ALA A 125 -2.32 -3.09 10.46
N PRO A 126 -1.93 -3.07 11.73
CA PRO A 126 -0.50 -2.83 12.14
C PRO A 126 0.44 -3.85 11.52
N GLN A 127 1.71 -3.48 11.36
CA GLN A 127 2.71 -4.42 10.89
C GLN A 127 3.78 -4.48 11.98
N PRO A 128 4.26 -5.61 12.38
CA PRO A 128 5.29 -5.68 13.48
C PRO A 128 6.49 -4.80 13.14
N LEU A 129 6.89 -4.83 11.88
CA LEU A 129 7.99 -4.04 11.39
C LEU A 129 7.66 -2.56 11.51
N ASP A 130 6.39 -2.24 11.57
CA ASP A 130 6.00 -0.88 11.82
C ASP A 130 6.00 -0.64 13.31
N LEU A 131 5.93 -1.73 14.06
CA LEU A 131 5.89 -1.69 15.50
C LEU A 131 7.28 -1.89 16.08
N GLU A 132 8.30 -1.85 15.22
CA GLU A 132 9.67 -1.88 15.72
C GLU A 132 10.25 -0.45 15.56
N PRO A 133 10.64 0.20 16.63
CA PRO A 133 11.09 1.64 16.57
C PRO A 133 12.21 1.87 15.58
N ALA A 134 13.15 0.96 15.56
CA ALA A 134 14.26 1.01 14.61
C ALA A 134 14.31 -0.31 13.86
N LEU A 135 14.71 -0.30 12.59
CA LEU A 135 14.91 -1.55 11.88
C LEU A 135 16.41 -1.83 11.83
N PRO A 136 16.82 -3.03 11.48
CA PRO A 136 18.27 -3.42 11.44
C PRO A 136 19.21 -2.23 11.14
N PRO A 137 20.42 -2.25 11.67
CA PRO A 137 21.38 -1.10 11.55
C PRO A 137 21.60 -0.65 10.11
N GLY A 138 21.65 -1.56 9.18
CA GLY A 138 21.89 -1.19 7.79
C GLY A 138 20.69 -0.42 7.22
N SER A 139 19.62 -0.32 8.00
CA SER A 139 18.41 0.30 7.50
C SER A 139 18.52 1.83 7.46
N ARG A 140 18.00 2.35 6.37
CA ARG A 140 17.81 3.81 6.25
C ARG A 140 16.36 4.07 6.19
N VAL A 141 15.87 5.00 6.95
CA VAL A 141 14.46 5.27 6.91
C VAL A 141 14.25 6.68 6.44
N ILE A 142 13.39 6.84 5.48
CA ILE A 142 13.11 8.13 4.95
C ILE A 142 11.80 8.62 5.51
N LEU A 143 11.88 9.78 6.11
CA LEU A 143 10.77 10.32 6.88
C LEU A 143 10.13 11.53 6.26
N PRO A 144 8.81 11.55 6.20
CA PRO A 144 8.02 12.77 5.85
C PRO A 144 8.07 13.74 7.02
N THR A 145 7.94 15.01 6.76
CA THR A 145 7.85 15.97 7.85
C THR A 145 6.47 15.81 8.52
N PRO A 146 6.43 15.57 9.81
CA PRO A 146 5.15 15.21 10.51
C PRO A 146 4.12 16.32 10.40
N GLU A 147 2.87 15.91 10.23
CA GLU A 147 1.77 16.85 10.13
C GLU A 147 1.17 17.07 11.50
N GLU A 148 1.03 16.00 12.25
CA GLU A 148 0.52 16.08 13.60
C GLU A 148 1.65 16.26 14.58
N GLN A 149 1.29 16.61 15.81
CA GLN A 149 2.29 16.76 16.87
C GLN A 149 2.65 15.39 17.43
N ALA A 7 -9.71 -1.74 17.15
CA ALA A 7 -10.90 -2.11 17.94
C ALA A 7 -12.06 -1.25 17.47
N GLY A 8 -13.25 -1.84 17.44
CA GLY A 8 -14.44 -1.14 16.95
C GLY A 8 -14.35 -1.02 15.42
N PRO A 9 -15.42 -0.63 14.77
CA PRO A 9 -15.43 -0.51 13.28
C PRO A 9 -14.38 0.49 12.81
N ARG A 10 -13.74 0.18 11.70
CA ARG A 10 -12.73 1.04 11.12
C ARG A 10 -12.86 0.96 9.64
N TYR A 11 -12.74 2.10 8.96
CA TYR A 11 -12.61 2.04 7.51
C TYR A 11 -11.74 3.23 7.05
N PRO A 12 -10.55 2.95 6.57
CA PRO A 12 -9.61 4.02 6.07
C PRO A 12 -10.19 4.65 4.83
N VAL A 13 -9.96 5.92 4.54
CA VAL A 13 -10.63 6.53 3.42
C VAL A 13 -9.63 6.98 2.39
N SER A 14 -8.42 7.24 2.86
CA SER A 14 -7.37 7.73 1.99
C SER A 14 -6.05 7.19 2.48
N VAL A 15 -5.13 6.97 1.55
CA VAL A 15 -3.77 6.53 1.89
C VAL A 15 -2.82 7.53 1.29
N GLN A 16 -1.77 7.98 1.97
CA GLN A 16 -0.80 8.85 1.33
C GLN A 16 0.60 8.33 1.69
N GLY A 17 1.47 8.13 0.71
CA GLY A 17 2.83 7.59 0.97
C GLY A 17 3.39 8.15 2.27
N ALA A 18 3.56 7.27 3.26
CA ALA A 18 4.02 7.71 4.56
C ALA A 18 5.53 7.75 4.61
N ALA A 19 6.17 6.72 4.09
CA ALA A 19 7.62 6.59 4.25
C ALA A 19 8.19 5.55 3.31
N LEU A 20 9.48 5.64 3.14
CA LEU A 20 10.19 4.64 2.39
C LEU A 20 11.43 4.25 3.20
N VAL A 21 11.66 2.95 3.35
CA VAL A 21 12.92 2.47 3.96
C VAL A 21 13.64 1.63 2.92
N GLN A 22 14.93 1.89 2.65
CA GLN A 22 15.60 1.07 1.65
C GLN A 22 16.80 0.31 2.18
N ILE A 23 16.67 -0.97 2.22
CA ILE A 23 17.73 -1.88 2.62
C ILE A 23 18.04 -2.78 1.44
N LYS A 24 18.72 -3.91 1.69
CA LYS A 24 18.93 -4.99 0.67
C LYS A 24 17.82 -4.96 -0.42
N ARG A 25 17.87 -5.82 -1.37
CA ARG A 25 16.95 -5.72 -2.50
C ARG A 25 15.49 -5.90 -2.01
N LEU A 26 15.29 -5.72 -0.68
CA LEU A 26 13.94 -5.66 -0.15
C LEU A 26 13.69 -4.22 0.32
N GLN A 27 12.60 -3.60 -0.14
CA GLN A 27 12.31 -2.20 0.26
C GLN A 27 10.87 -2.11 0.69
N THR A 28 10.56 -1.42 1.80
CA THR A 28 9.22 -1.47 2.34
C THR A 28 8.52 -0.15 2.11
N PHE A 29 7.19 -0.18 1.92
CA PHE A 29 6.49 1.04 1.53
C PHE A 29 5.51 1.48 2.59
N ALA A 30 5.69 2.70 3.04
CA ALA A 30 4.88 3.18 4.11
C ALA A 30 3.72 3.99 3.59
N PHE A 31 2.64 3.96 4.33
CA PHE A 31 1.43 4.67 3.94
C PHE A 31 0.98 5.51 5.08
N SER A 32 0.31 6.61 4.78
CA SER A 32 -0.40 7.36 5.78
C SER A 32 -1.86 7.19 5.38
N VAL A 33 -2.66 6.52 6.16
CA VAL A 33 -4.04 6.31 5.76
C VAL A 33 -4.96 6.72 6.91
N ARG A 34 -6.05 7.47 6.66
CA ARG A 34 -6.94 7.90 7.76
C ARG A 34 -8.35 7.39 7.52
N TRP A 35 -9.09 7.01 8.58
CA TRP A 35 -10.38 6.36 8.38
C TRP A 35 -11.52 7.32 8.68
N SER A 36 -12.70 6.97 8.18
CA SER A 36 -13.85 7.86 8.25
C SER A 36 -14.16 8.29 9.67
N ASP A 37 -13.76 7.50 10.64
CA ASP A 37 -14.01 7.87 12.03
C ASP A 37 -13.05 9.00 12.38
N GLY A 38 -12.22 9.36 11.39
CA GLY A 38 -11.33 10.51 11.48
C GLY A 38 -9.91 10.08 11.76
N SER A 39 -9.73 8.83 12.12
CA SER A 39 -8.42 8.42 12.63
C SER A 39 -7.39 8.50 11.54
N ASP A 40 -6.14 8.34 11.90
CA ASP A 40 -5.06 8.33 10.94
C ASP A 40 -4.22 7.15 11.20
N THR A 41 -3.55 6.66 10.21
CA THR A 41 -2.64 5.58 10.41
C THR A 41 -1.46 5.74 9.46
N PHE A 42 -0.29 5.45 9.96
CA PHE A 42 0.95 5.48 9.17
C PHE A 42 1.59 4.12 9.31
N VAL A 43 1.87 3.37 8.25
CA VAL A 43 2.52 2.09 8.44
C VAL A 43 3.53 1.90 7.34
N ARG A 44 4.53 1.08 7.61
CA ARG A 44 5.54 0.67 6.62
C ARG A 44 5.28 -0.81 6.37
N ARG A 45 5.07 -1.35 5.15
CA ARG A 45 4.93 -2.79 5.03
C ARG A 45 5.73 -3.20 3.81
N SER A 46 6.37 -4.33 3.84
CA SER A 46 7.36 -4.56 2.80
C SER A 46 6.65 -4.68 1.45
N TRP A 47 7.34 -4.29 0.36
CA TRP A 47 6.76 -4.33 -0.98
C TRP A 47 6.47 -5.76 -1.36
N ASP A 48 7.42 -6.58 -1.00
CA ASP A 48 7.31 -7.99 -1.24
C ASP A 48 6.16 -8.50 -0.45
N GLU A 49 5.98 -7.98 0.74
CA GLU A 49 4.81 -8.29 1.50
C GLU A 49 3.57 -7.65 0.90
N PHE A 50 3.69 -6.42 0.34
CA PHE A 50 2.54 -5.66 -0.15
C PHE A 50 1.90 -6.44 -1.29
N ARG A 51 2.73 -6.87 -2.24
CA ARG A 51 2.28 -7.68 -3.37
C ARG A 51 1.78 -9.04 -2.90
N GLN A 52 2.46 -9.57 -1.90
CA GLN A 52 2.02 -10.82 -1.35
C GLN A 52 0.64 -10.63 -0.76
N LEU A 53 0.41 -9.54 0.00
CA LEU A 53 -0.94 -9.27 0.52
C LEU A 53 -1.95 -9.07 -0.59
N LYS A 54 -1.60 -8.27 -1.58
CA LYS A 54 -2.57 -7.95 -2.64
C LYS A 54 -2.99 -9.17 -3.36
N LYS A 55 -2.08 -10.05 -3.66
CA LYS A 55 -2.49 -11.26 -4.30
C LYS A 55 -3.50 -11.95 -3.41
N THR A 56 -3.22 -11.94 -2.14
CA THR A 56 -4.12 -12.51 -1.17
C THR A 56 -5.49 -11.82 -1.21
N LEU A 57 -5.53 -10.48 -1.35
CA LEU A 57 -6.82 -9.83 -1.54
C LEU A 57 -7.49 -10.30 -2.82
N LYS A 58 -6.72 -10.38 -3.90
CA LYS A 58 -7.24 -10.75 -5.23
C LYS A 58 -7.79 -12.15 -5.21
N GLU A 59 -7.20 -12.97 -4.38
CA GLU A 59 -7.67 -14.32 -4.22
C GLU A 59 -9.08 -14.29 -3.62
N THR A 60 -9.28 -13.35 -2.68
CA THR A 60 -10.62 -13.09 -2.15
C THR A 60 -11.46 -12.24 -3.13
N PHE A 61 -10.79 -11.59 -4.08
CA PHE A 61 -11.49 -10.72 -5.03
C PHE A 61 -11.35 -11.25 -6.46
N PRO A 62 -12.19 -12.21 -6.82
CA PRO A 62 -12.25 -12.77 -8.23
C PRO A 62 -12.66 -11.68 -9.20
N VAL A 63 -13.26 -10.65 -8.62
CA VAL A 63 -13.65 -9.45 -9.33
C VAL A 63 -12.54 -9.05 -10.28
N GLU A 64 -11.33 -9.17 -9.81
CA GLU A 64 -10.13 -8.83 -10.60
C GLU A 64 -10.29 -9.17 -12.07
N ALA A 65 -10.95 -10.28 -12.41
CA ALA A 65 -11.10 -10.66 -13.80
C ALA A 65 -12.23 -9.90 -14.47
N GLY A 66 -13.07 -9.21 -13.70
CA GLY A 66 -14.18 -8.44 -14.29
C GLY A 66 -15.41 -9.32 -14.48
N LEU A 67 -15.35 -10.53 -13.97
CA LEU A 67 -16.45 -11.46 -14.10
C LEU A 67 -17.69 -10.99 -13.31
N LEU A 68 -17.45 -10.51 -12.08
CA LEU A 68 -18.56 -10.26 -11.12
C LEU A 68 -19.53 -9.14 -11.54
N ARG A 69 -19.02 -8.06 -12.10
CA ARG A 69 -19.88 -6.91 -12.45
C ARG A 69 -19.44 -6.28 -13.77
N ARG A 70 -20.36 -5.61 -14.48
CA ARG A 70 -20.01 -4.97 -15.76
C ARG A 70 -18.99 -3.84 -15.56
N SER A 71 -19.12 -3.06 -14.47
CA SER A 71 -18.05 -2.10 -14.13
C SER A 71 -16.89 -2.98 -13.71
N ASP A 72 -16.29 -3.55 -14.73
CA ASP A 72 -15.61 -4.82 -14.57
C ASP A 72 -14.10 -4.78 -14.49
N ARG A 73 -13.40 -3.67 -14.55
CA ARG A 73 -11.96 -3.77 -14.48
C ARG A 73 -11.46 -3.24 -13.14
N VAL A 74 -12.39 -2.84 -12.28
CA VAL A 74 -12.02 -2.20 -11.01
C VAL A 74 -10.98 -3.09 -10.31
N LEU A 75 -10.15 -2.46 -9.47
CA LEU A 75 -8.95 -3.17 -8.97
C LEU A 75 -8.17 -3.65 -10.17
N PRO A 76 -7.87 -2.76 -11.09
CA PRO A 76 -7.40 -3.14 -12.45
C PRO A 76 -6.23 -4.07 -12.38
N LYS A 77 -5.32 -3.73 -11.47
CA LYS A 77 -4.13 -4.52 -11.17
C LYS A 77 -3.06 -3.59 -10.65
N LEU A 78 -1.96 -4.15 -10.23
CA LEU A 78 -0.93 -3.36 -9.57
C LEU A 78 0.29 -3.21 -10.44
N LEU A 79 0.83 -1.99 -10.47
CA LEU A 79 1.99 -1.70 -11.30
C LEU A 79 3.28 -2.09 -10.63
N ASP A 80 4.23 -2.35 -11.51
CA ASP A 80 5.62 -2.28 -11.13
C ASP A 80 6.22 -1.35 -12.16
N ALA A 81 6.97 -0.34 -11.74
CA ALA A 81 7.51 0.59 -12.71
C ALA A 81 8.58 -0.10 -13.53
N PRO A 82 8.40 -0.16 -14.85
CA PRO A 82 9.37 -0.82 -15.78
C PRO A 82 10.76 -0.25 -15.62
N LEU A 83 10.85 1.03 -15.31
CA LEU A 83 12.14 1.65 -15.13
C LEU A 83 12.62 1.33 -13.73
N LEU A 84 13.79 0.73 -13.64
CA LEU A 84 14.30 0.28 -12.36
C LEU A 84 15.57 0.99 -11.96
N GLY A 85 16.27 1.58 -12.93
CA GLY A 85 17.47 2.35 -12.63
C GLY A 85 18.55 1.47 -12.03
N ARG A 86 19.82 1.82 -12.31
CA ARG A 86 20.95 1.03 -11.83
C ARG A 86 20.89 0.84 -10.32
N VAL A 87 20.07 -0.12 -9.99
CA VAL A 87 19.68 -0.38 -8.63
C VAL A 87 18.80 0.76 -8.13
N GLY A 88 19.36 1.99 -8.01
CA GLY A 88 18.56 3.17 -7.65
C GLY A 88 17.34 2.83 -6.87
N ARG A 89 17.52 2.43 -5.64
CA ARG A 89 16.39 2.12 -4.81
C ARG A 89 15.56 3.36 -4.59
N THR A 90 16.21 4.51 -4.46
CA THR A 90 15.47 5.74 -4.17
C THR A 90 14.56 6.18 -5.35
N SER A 91 15.14 6.27 -6.54
CA SER A 91 14.38 6.62 -7.76
C SER A 91 13.32 5.56 -8.06
N ARG A 92 13.77 4.32 -7.94
CA ARG A 92 12.92 3.15 -8.08
C ARG A 92 11.86 3.17 -6.96
N GLY A 93 12.35 3.71 -5.88
CA GLY A 93 11.57 3.84 -4.65
C GLY A 93 10.38 4.80 -4.81
N LEU A 94 10.62 6.02 -5.33
CA LEU A 94 9.50 6.95 -5.49
C LEU A 94 8.49 6.47 -6.52
N ALA A 95 9.01 5.99 -7.63
CA ALA A 95 8.12 5.64 -8.75
C ALA A 95 7.12 4.60 -8.26
N ARG A 96 7.66 3.59 -7.63
CA ARG A 96 6.86 2.51 -7.06
C ARG A 96 6.00 2.98 -5.88
N LEU A 97 6.50 3.90 -5.05
CA LEU A 97 5.67 4.39 -3.96
C LEU A 97 4.44 5.04 -4.54
N GLN A 98 4.64 5.81 -5.58
CA GLN A 98 3.52 6.48 -6.20
C GLN A 98 2.55 5.45 -6.77
N LEU A 99 3.07 4.41 -7.44
CA LEU A 99 2.19 3.44 -8.06
C LEU A 99 1.39 2.72 -6.97
N LEU A 100 2.07 2.32 -5.90
CA LEU A 100 1.38 1.63 -4.82
C LEU A 100 0.35 2.56 -4.23
N GLU A 101 0.74 3.80 -4.07
CA GLU A 101 -0.16 4.82 -3.55
C GLU A 101 -1.38 4.95 -4.45
N THR A 102 -1.16 5.02 -5.75
CA THR A 102 -2.24 5.12 -6.68
C THR A 102 -3.13 3.88 -6.58
N TYR A 103 -2.51 2.73 -6.49
CA TYR A 103 -3.24 1.46 -6.45
C TYR A 103 -4.17 1.47 -5.23
N SER A 104 -3.62 1.85 -4.07
CA SER A 104 -4.41 1.91 -2.84
C SER A 104 -5.58 2.90 -2.99
N ARG A 105 -5.28 4.05 -3.57
CA ARG A 105 -6.32 5.07 -3.79
C ARG A 105 -7.39 4.57 -4.74
N ARG A 106 -6.98 3.86 -5.76
CA ARG A 106 -7.95 3.34 -6.68
C ARG A 106 -8.82 2.34 -5.94
N LEU A 107 -8.22 1.50 -5.14
CA LEU A 107 -8.99 0.50 -4.43
C LEU A 107 -10.00 1.19 -3.52
N LEU A 108 -9.58 2.29 -2.90
CA LEU A 108 -10.51 3.01 -2.09
C LEU A 108 -11.65 3.54 -3.00
N ALA A 109 -11.28 3.99 -4.23
CA ALA A 109 -12.28 4.60 -5.18
C ALA A 109 -12.46 3.79 -6.50
N THR A 110 -12.10 2.51 -6.48
CA THR A 110 -12.40 1.63 -7.64
C THR A 110 -13.48 0.66 -7.31
N ALA A 111 -13.67 0.39 -6.04
CA ALA A 111 -14.92 -0.25 -5.65
C ALA A 111 -15.17 0.01 -4.16
N GLU A 112 -16.36 0.45 -3.83
CA GLU A 112 -16.78 0.57 -2.45
C GLU A 112 -16.76 -0.82 -1.86
N ARG A 113 -17.15 -1.76 -2.73
CA ARG A 113 -17.24 -3.10 -2.28
C ARG A 113 -15.91 -3.60 -1.84
N VAL A 114 -14.82 -3.28 -2.56
CA VAL A 114 -13.52 -3.65 -2.06
C VAL A 114 -13.21 -2.79 -0.84
N ALA A 115 -13.48 -1.50 -0.99
CA ALA A 115 -12.92 -0.49 -0.11
C ALA A 115 -13.14 -0.71 1.33
N ARG A 116 -14.16 -1.42 1.74
CA ARG A 116 -14.29 -1.64 3.16
C ARG A 116 -13.95 -3.09 3.51
N SER A 117 -13.83 -3.95 2.52
CA SER A 117 -13.86 -5.38 2.84
C SER A 117 -12.98 -5.72 4.03
N PRO A 118 -13.33 -6.76 4.78
CA PRO A 118 -12.66 -7.04 6.08
C PRO A 118 -11.19 -7.08 5.84
N THR A 119 -10.89 -7.44 4.63
CA THR A 119 -9.56 -7.38 4.15
C THR A 119 -8.98 -5.95 4.19
N ILE A 120 -9.80 -4.87 3.95
CA ILE A 120 -9.22 -3.55 4.04
C ILE A 120 -8.88 -3.25 5.48
N THR A 121 -9.81 -3.60 6.34
CA THR A 121 -9.74 -3.17 7.72
C THR A 121 -8.43 -3.61 8.37
N GLY A 122 -8.01 -4.86 8.15
CA GLY A 122 -6.78 -5.28 8.79
C GLY A 122 -5.59 -4.56 8.18
N PHE A 123 -5.51 -4.55 6.87
CA PHE A 123 -4.29 -4.07 6.21
C PHE A 123 -3.89 -2.64 6.55
N PHE A 124 -4.82 -1.72 6.55
CA PHE A 124 -4.45 -0.33 6.87
C PHE A 124 -4.21 -0.17 8.36
N ALA A 125 -4.79 -1.09 9.10
CA ALA A 125 -4.49 -1.20 10.51
C ALA A 125 -3.07 -1.72 10.68
N PRO A 126 -2.35 -1.25 11.68
CA PRO A 126 -1.01 -1.79 12.01
C PRO A 126 -1.18 -3.24 12.45
N GLN A 127 -0.25 -4.16 12.21
CA GLN A 127 -0.37 -5.50 12.67
C GLN A 127 0.83 -5.65 13.60
N PRO A 128 0.94 -6.64 14.42
CA PRO A 128 2.00 -6.65 15.46
C PRO A 128 3.39 -6.24 14.90
N LEU A 129 3.71 -6.58 13.67
CA LEU A 129 4.96 -6.14 13.06
C LEU A 129 5.03 -4.60 12.94
N ASP A 130 3.87 -3.97 12.85
CA ASP A 130 3.80 -2.50 12.85
C ASP A 130 4.04 -1.99 14.24
N LEU A 131 3.99 -2.90 15.19
CA LEU A 131 4.21 -2.53 16.56
C LEU A 131 5.68 -2.22 16.77
N GLU A 132 6.56 -2.90 16.01
CA GLU A 132 8.00 -2.60 16.10
C GLU A 132 8.34 -1.28 15.36
N PRO A 133 8.72 -0.26 16.10
CA PRO A 133 9.13 1.07 15.53
C PRO A 133 10.52 1.06 14.87
N ALA A 134 11.26 -0.05 15.03
CA ALA A 134 12.68 -0.05 14.66
C ALA A 134 12.90 -0.18 13.15
N LEU A 135 13.82 0.64 12.65
CA LEU A 135 14.23 0.57 11.25
C LEU A 135 15.60 -0.12 11.13
N PRO A 136 15.74 -1.06 10.23
CA PRO A 136 17.02 -1.84 10.07
C PRO A 136 18.25 -0.94 9.86
N PRO A 137 19.41 -1.38 10.26
CA PRO A 137 20.68 -0.60 10.07
C PRO A 137 21.12 -0.54 8.61
N GLY A 138 21.79 0.54 8.26
CA GLY A 138 22.24 0.76 6.88
C GLY A 138 21.06 1.13 6.01
N SER A 139 19.88 1.06 6.58
CA SER A 139 18.67 1.33 5.82
C SER A 139 18.58 2.81 5.56
N ARG A 140 17.87 3.21 4.54
CA ARG A 140 17.72 4.62 4.26
C ARG A 140 16.25 4.92 4.12
N VAL A 141 15.83 5.98 4.77
CA VAL A 141 14.43 6.26 4.88
C VAL A 141 14.08 7.54 4.13
N ILE A 142 13.04 7.50 3.30
CA ILE A 142 12.61 8.69 2.60
C ILE A 142 11.41 9.28 3.32
N LEU A 143 11.61 10.49 3.73
CA LEU A 143 10.64 11.13 4.61
C LEU A 143 9.83 12.21 3.91
N PRO A 144 8.61 11.86 3.52
CA PRO A 144 7.57 12.84 3.09
C PRO A 144 7.24 13.74 4.25
N THR A 145 6.86 14.97 4.00
CA THR A 145 6.43 15.79 5.10
C THR A 145 4.99 15.42 5.47
N PRO A 146 4.69 15.26 6.73
CA PRO A 146 3.32 14.86 7.19
C PRO A 146 2.28 15.88 6.75
N GLU A 147 1.09 15.41 6.42
CA GLU A 147 0.09 16.26 5.83
C GLU A 147 -0.24 17.41 6.79
N GLU A 148 -0.32 17.10 8.08
CA GLU A 148 -0.58 18.13 9.09
C GLU A 148 0.57 19.13 9.17
N GLN A 149 1.78 18.63 9.00
CA GLN A 149 2.96 19.48 9.10
C GLN A 149 3.20 20.22 7.76
N ALA A 7 -10.21 4.94 18.92
CA ALA A 7 -10.68 5.34 17.56
C ALA A 7 -12.15 4.96 17.43
N GLY A 8 -12.79 5.48 16.41
CA GLY A 8 -14.18 5.13 16.15
C GLY A 8 -14.23 3.90 15.28
N PRO A 9 -15.10 3.86 14.29
CA PRO A 9 -15.20 2.68 13.38
C PRO A 9 -13.89 2.41 12.62
N ARG A 10 -13.56 1.14 12.52
CA ARG A 10 -12.33 0.76 11.87
C ARG A 10 -12.56 0.74 10.37
N TYR A 11 -12.45 1.92 9.76
CA TYR A 11 -12.56 2.03 8.32
C TYR A 11 -11.70 3.18 7.82
N PRO A 12 -10.64 2.90 7.11
CA PRO A 12 -9.79 3.96 6.47
C PRO A 12 -10.46 4.49 5.22
N VAL A 13 -10.30 5.78 4.89
CA VAL A 13 -11.04 6.34 3.77
C VAL A 13 -10.12 6.75 2.63
N SER A 14 -8.87 7.08 2.98
CA SER A 14 -7.90 7.56 1.98
C SER A 14 -6.51 7.19 2.43
N VAL A 15 -5.56 7.07 1.50
CA VAL A 15 -4.19 6.73 1.83
C VAL A 15 -3.29 7.69 1.11
N GLN A 16 -2.26 8.17 1.75
CA GLN A 16 -1.23 8.92 1.04
C GLN A 16 0.10 8.28 1.40
N GLY A 17 1.02 8.16 0.44
CA GLY A 17 2.33 7.51 0.71
C GLY A 17 3.06 8.25 1.81
N ALA A 18 3.45 7.53 2.84
CA ALA A 18 4.06 8.14 4.01
C ALA A 18 5.57 8.25 3.90
N ALA A 19 6.26 7.19 3.43
CA ALA A 19 7.72 7.19 3.46
C ALA A 19 8.35 6.07 2.61
N LEU A 20 9.66 6.13 2.57
CA LEU A 20 10.47 5.07 1.98
C LEU A 20 11.51 4.62 3.01
N VAL A 21 11.57 3.32 3.28
CA VAL A 21 12.60 2.79 4.16
C VAL A 21 13.41 1.79 3.35
N GLN A 22 14.73 1.91 3.33
CA GLN A 22 15.56 0.90 2.71
C GLN A 22 16.46 0.34 3.80
N ILE A 23 16.54 -0.95 3.99
CA ILE A 23 17.48 -1.57 4.88
C ILE A 23 18.23 -2.45 3.90
N LYS A 24 18.98 -3.51 4.30
CA LYS A 24 19.50 -4.47 3.28
C LYS A 24 18.59 -4.44 2.04
N ARG A 25 18.99 -5.00 0.95
CA ARG A 25 18.51 -4.42 -0.32
C ARG A 25 17.01 -4.48 -0.52
N LEU A 26 16.27 -4.83 0.50
CA LEU A 26 14.82 -4.67 0.43
C LEU A 26 14.49 -3.19 0.71
N GLN A 27 13.51 -2.64 0.03
CA GLN A 27 13.10 -1.27 0.32
C GLN A 27 11.63 -1.31 0.73
N THR A 28 11.25 -0.74 1.87
CA THR A 28 9.87 -0.90 2.33
C THR A 28 9.13 0.42 2.14
N PHE A 29 7.82 0.35 1.96
CA PHE A 29 7.07 1.52 1.54
C PHE A 29 6.07 1.97 2.58
N ALA A 30 6.18 3.23 3.00
CA ALA A 30 5.30 3.70 4.05
C ALA A 30 4.09 4.42 3.47
N PHE A 31 2.97 4.31 4.16
CA PHE A 31 1.73 4.95 3.73
C PHE A 31 1.10 5.64 4.89
N SER A 32 0.31 6.66 4.60
CA SER A 32 -0.51 7.28 5.59
C SER A 32 -1.93 7.10 5.11
N VAL A 33 -2.75 6.45 5.89
CA VAL A 33 -4.13 6.22 5.50
C VAL A 33 -5.04 6.69 6.60
N ARG A 34 -6.11 7.45 6.27
CA ARG A 34 -6.92 8.06 7.31
C ARG A 34 -8.27 7.37 7.48
N TRP A 35 -8.75 7.49 8.71
CA TRP A 35 -9.92 6.74 9.18
C TRP A 35 -11.18 7.61 9.24
N SER A 36 -12.29 7.00 8.81
CA SER A 36 -13.59 7.67 8.77
C SER A 36 -13.94 8.23 10.16
N ASP A 37 -13.43 7.55 11.15
CA ASP A 37 -13.71 7.95 12.52
C ASP A 37 -12.91 9.22 12.81
N GLY A 38 -12.17 9.66 11.79
CA GLY A 38 -11.37 10.87 11.85
C GLY A 38 -9.92 10.53 12.08
N SER A 39 -9.68 9.29 12.43
CA SER A 39 -8.33 8.86 12.81
C SER A 39 -7.43 8.80 11.59
N ASP A 40 -6.17 8.62 11.83
CA ASP A 40 -5.18 8.60 10.77
C ASP A 40 -4.23 7.46 11.06
N THR A 41 -3.59 6.93 10.04
CA THR A 41 -2.63 5.88 10.28
C THR A 41 -1.46 5.95 9.30
N PHE A 42 -0.27 5.61 9.79
CA PHE A 42 0.95 5.51 8.96
C PHE A 42 1.53 4.11 9.09
N VAL A 43 1.80 3.36 8.01
CA VAL A 43 2.41 2.05 8.17
C VAL A 43 3.47 1.83 7.10
N ARG A 44 4.36 0.90 7.35
CA ARG A 44 5.48 0.54 6.45
C ARG A 44 5.09 -0.74 5.75
N ARG A 45 5.48 -0.96 4.48
CA ARG A 45 5.08 -2.17 3.80
C ARG A 45 6.28 -2.73 3.00
N SER A 46 6.17 -3.97 2.66
CA SER A 46 7.10 -4.52 1.65
C SER A 46 6.45 -4.62 0.28
N TRP A 47 7.26 -4.43 -0.78
CA TRP A 47 6.82 -4.75 -2.13
C TRP A 47 6.57 -6.23 -2.29
N ASP A 48 7.50 -7.00 -1.74
CA ASP A 48 7.46 -8.44 -1.83
C ASP A 48 6.29 -8.95 -1.07
N GLU A 49 6.07 -8.39 0.11
CA GLU A 49 4.93 -8.74 0.85
C GLU A 49 3.73 -8.21 0.13
N PHE A 50 3.84 -7.04 -0.55
CA PHE A 50 2.71 -6.48 -1.20
C PHE A 50 2.23 -7.47 -2.23
N ARG A 51 3.14 -8.04 -3.00
CA ARG A 51 2.73 -9.02 -3.99
C ARG A 51 1.98 -10.18 -3.35
N GLN A 52 2.33 -10.54 -2.13
CA GLN A 52 1.43 -11.45 -1.39
C GLN A 52 0.11 -10.69 -1.09
N LEU A 53 0.28 -9.41 -0.80
CA LEU A 53 -0.87 -8.51 -0.46
C LEU A 53 -1.84 -8.40 -1.69
N LYS A 54 -1.26 -8.22 -2.88
CA LYS A 54 -2.05 -8.13 -4.10
C LYS A 54 -2.75 -9.47 -4.28
N LYS A 55 -1.94 -10.47 -4.05
CA LYS A 55 -2.37 -11.84 -4.22
C LYS A 55 -3.52 -12.08 -3.26
N THR A 56 -3.30 -11.64 -2.04
CA THR A 56 -4.24 -11.85 -0.98
C THR A 56 -5.58 -11.19 -1.31
N LEU A 57 -5.60 -9.93 -1.78
CA LEU A 57 -6.87 -9.36 -2.13
C LEU A 57 -7.44 -10.12 -3.32
N LYS A 58 -6.59 -10.37 -4.31
CA LYS A 58 -7.00 -11.00 -5.55
C LYS A 58 -7.52 -12.42 -5.37
N GLU A 59 -7.00 -13.13 -4.39
CA GLU A 59 -7.56 -14.44 -4.10
C GLU A 59 -8.99 -14.23 -3.57
N THR A 60 -9.13 -13.21 -2.74
CA THR A 60 -10.42 -12.83 -2.16
C THR A 60 -11.41 -12.37 -3.26
N PHE A 61 -10.91 -11.55 -4.18
CA PHE A 61 -11.73 -10.98 -5.25
C PHE A 61 -11.18 -11.43 -6.62
N PRO A 62 -11.31 -12.70 -6.94
CA PRO A 62 -10.90 -13.25 -8.29
C PRO A 62 -11.64 -12.53 -9.39
N VAL A 63 -12.72 -11.93 -8.99
CA VAL A 63 -13.62 -11.30 -9.90
C VAL A 63 -12.90 -10.19 -10.69
N GLU A 64 -11.83 -9.71 -10.11
CA GLU A 64 -11.03 -8.60 -10.71
C GLU A 64 -10.73 -8.87 -12.18
N ALA A 65 -11.09 -10.05 -12.65
CA ALA A 65 -10.93 -10.35 -14.05
C ALA A 65 -12.02 -9.61 -14.83
N GLY A 66 -12.99 -9.07 -14.09
CA GLY A 66 -14.00 -8.18 -14.64
C GLY A 66 -15.06 -8.93 -15.42
N LEU A 67 -15.03 -10.24 -15.40
CA LEU A 67 -16.03 -11.00 -16.10
C LEU A 67 -17.36 -11.02 -15.34
N LEU A 68 -17.28 -11.31 -14.04
CA LEU A 68 -18.49 -11.45 -13.23
C LEU A 68 -19.15 -10.11 -12.86
N ARG A 69 -18.33 -9.11 -12.52
CA ARG A 69 -18.84 -7.82 -12.07
C ARG A 69 -17.98 -6.66 -12.51
N ARG A 70 -18.48 -5.47 -12.20
CA ARG A 70 -17.73 -4.23 -12.42
C ARG A 70 -17.68 -3.38 -11.14
N SER A 71 -16.89 -2.32 -11.19
CA SER A 71 -16.85 -1.26 -10.15
C SER A 71 -16.72 -1.75 -8.67
N ASP A 72 -17.40 -2.81 -8.25
CA ASP A 72 -17.22 -3.25 -6.85
C ASP A 72 -16.39 -4.51 -6.77
N ARG A 73 -16.05 -5.03 -7.91
CA ARG A 73 -15.14 -6.17 -7.98
C ARG A 73 -13.80 -5.80 -8.61
N VAL A 74 -13.65 -4.56 -9.01
CA VAL A 74 -12.47 -4.18 -9.76
C VAL A 74 -11.24 -4.09 -8.84
N LEU A 75 -10.26 -4.96 -9.12
CA LEU A 75 -9.04 -5.03 -8.32
C LEU A 75 -7.75 -5.00 -9.22
N PRO A 76 -7.86 -5.04 -10.56
CA PRO A 76 -6.65 -5.07 -11.46
C PRO A 76 -5.84 -3.79 -11.41
N LYS A 77 -6.49 -2.72 -10.97
CA LYS A 77 -5.93 -1.37 -11.09
C LYS A 77 -4.68 -1.17 -10.24
N LEU A 78 -3.86 -2.18 -10.13
CA LEU A 78 -2.57 -2.00 -9.50
C LEU A 78 -1.53 -2.18 -10.54
N LEU A 79 -0.66 -1.21 -10.68
CA LEU A 79 0.39 -1.34 -11.65
C LEU A 79 1.72 -1.35 -10.92
N ASP A 80 2.52 -2.38 -11.14
CA ASP A 80 3.82 -2.50 -10.48
C ASP A 80 4.88 -2.10 -11.50
N ALA A 81 6.00 -1.57 -11.04
CA ALA A 81 7.02 -1.10 -11.97
C ALA A 81 7.76 -2.28 -12.60
N PRO A 82 7.69 -2.38 -13.90
CA PRO A 82 8.47 -3.40 -14.68
C PRO A 82 9.97 -3.29 -14.41
N LEU A 83 10.44 -2.07 -14.17
CA LEU A 83 11.85 -1.83 -13.93
C LEU A 83 12.23 -2.43 -12.58
N LEU A 84 11.97 -3.70 -12.47
CA LEU A 84 12.18 -4.45 -11.25
C LEU A 84 13.66 -4.52 -10.89
N GLY A 85 14.53 -4.66 -11.91
CA GLY A 85 15.97 -4.86 -11.70
C GLY A 85 16.54 -3.93 -10.66
N ARG A 86 17.62 -4.40 -10.06
CA ARG A 86 18.13 -3.82 -8.83
C ARG A 86 19.00 -2.56 -8.99
N VAL A 87 19.09 -1.94 -10.17
CA VAL A 87 19.79 -0.65 -10.28
C VAL A 87 18.78 0.45 -9.92
N GLY A 88 19.20 1.70 -9.71
CA GLY A 88 18.23 2.77 -9.50
C GLY A 88 17.37 2.47 -8.32
N ARG A 89 17.96 1.92 -7.27
CA ARG A 89 17.19 1.41 -6.16
C ARG A 89 16.36 2.50 -5.50
N THR A 90 16.94 3.66 -5.33
CA THR A 90 16.19 4.77 -4.78
C THR A 90 15.03 5.15 -5.72
N SER A 91 15.35 5.21 -7.01
CA SER A 91 14.34 5.52 -8.03
C SER A 91 13.21 4.49 -7.99
N ARG A 92 13.60 3.24 -7.83
CA ARG A 92 12.66 2.15 -7.68
C ARG A 92 11.83 2.39 -6.44
N GLY A 93 12.50 2.94 -5.44
CA GLY A 93 11.81 3.25 -4.21
C GLY A 93 10.73 4.30 -4.43
N LEU A 94 11.07 5.42 -5.07
CA LEU A 94 10.10 6.49 -5.23
C LEU A 94 8.94 6.17 -6.15
N ALA A 95 9.16 5.45 -7.26
CA ALA A 95 8.03 5.21 -8.16
C ALA A 95 7.08 4.24 -7.51
N ARG A 96 7.65 3.20 -6.93
CA ARG A 96 6.87 2.09 -6.42
C ARG A 96 5.98 2.57 -5.31
N LEU A 97 6.48 3.47 -4.48
CA LEU A 97 5.66 4.01 -3.44
C LEU A 97 4.49 4.73 -4.08
N GLN A 98 4.77 5.50 -5.11
CA GLN A 98 3.71 6.25 -5.79
C GLN A 98 2.67 5.28 -6.36
N LEU A 99 3.13 4.21 -7.01
CA LEU A 99 2.18 3.27 -7.61
C LEU A 99 1.35 2.66 -6.50
N LEU A 100 2.03 2.30 -5.42
CA LEU A 100 1.35 1.68 -4.31
C LEU A 100 0.34 2.64 -3.74
N GLU A 101 0.69 3.92 -3.60
CA GLU A 101 -0.28 4.88 -3.07
C GLU A 101 -1.47 4.88 -3.97
N THR A 102 -1.20 4.95 -5.26
CA THR A 102 -2.25 5.08 -6.23
C THR A 102 -3.20 3.90 -6.14
N TYR A 103 -2.64 2.72 -6.03
CA TYR A 103 -3.42 1.52 -5.84
C TYR A 103 -4.20 1.58 -4.52
N SER A 104 -3.51 1.96 -3.45
CA SER A 104 -4.13 2.01 -2.12
C SER A 104 -5.31 2.97 -2.12
N ARG A 105 -5.12 4.12 -2.74
CA ARG A 105 -6.17 5.12 -2.90
C ARG A 105 -7.26 4.55 -3.76
N ARG A 106 -6.86 3.79 -4.77
CA ARG A 106 -7.83 3.15 -5.60
C ARG A 106 -8.68 2.17 -4.80
N LEU A 107 -8.12 1.35 -3.97
CA LEU A 107 -8.90 0.33 -3.31
C LEU A 107 -9.99 0.98 -2.49
N LEU A 108 -9.65 2.09 -1.86
CA LEU A 108 -10.66 2.78 -1.09
C LEU A 108 -11.80 3.27 -2.05
N ALA A 109 -11.43 3.75 -3.25
CA ALA A 109 -12.41 4.29 -4.24
C ALA A 109 -12.44 3.47 -5.56
N THR A 110 -11.96 2.25 -5.48
CA THR A 110 -11.95 1.38 -6.67
C THR A 110 -12.97 0.31 -6.54
N ALA A 111 -13.20 -0.12 -5.31
CA ALA A 111 -14.41 -0.87 -5.07
C ALA A 111 -14.70 -0.80 -3.59
N GLU A 112 -15.93 -0.46 -3.24
CA GLU A 112 -16.32 -0.46 -1.83
C GLU A 112 -16.24 -1.86 -1.31
N ARG A 113 -16.66 -2.77 -2.18
CA ARG A 113 -16.84 -4.09 -1.71
C ARG A 113 -15.48 -4.62 -1.35
N VAL A 114 -14.43 -4.34 -2.15
CA VAL A 114 -13.11 -4.66 -1.69
C VAL A 114 -12.75 -3.75 -0.53
N ALA A 115 -13.06 -2.44 -0.68
CA ALA A 115 -12.53 -1.43 0.23
C ALA A 115 -12.80 -1.66 1.67
N ARG A 116 -13.81 -2.42 2.03
CA ARG A 116 -13.95 -2.69 3.44
C ARG A 116 -13.64 -4.14 3.75
N SER A 117 -13.54 -4.99 2.75
CA SER A 117 -13.43 -6.42 3.04
C SER A 117 -12.41 -6.69 4.13
N PRO A 118 -12.60 -7.76 4.89
CA PRO A 118 -11.79 -8.01 6.13
C PRO A 118 -10.36 -7.91 5.79
N THR A 119 -10.10 -8.15 4.55
CA THR A 119 -8.81 -7.96 4.02
C THR A 119 -8.38 -6.49 4.13
N ILE A 120 -9.27 -5.47 3.90
CA ILE A 120 -8.77 -4.13 4.00
C ILE A 120 -8.36 -3.84 5.41
N THR A 121 -9.20 -4.25 6.34
CA THR A 121 -8.98 -3.90 7.71
C THR A 121 -7.60 -4.38 8.20
N GLY A 122 -7.17 -5.59 7.84
CA GLY A 122 -5.85 -6.01 8.29
C GLY A 122 -4.78 -5.12 7.68
N PHE A 123 -4.83 -4.91 6.38
CA PHE A 123 -3.71 -4.24 5.71
C PHE A 123 -3.41 -2.82 6.20
N PHE A 124 -4.42 -2.00 6.40
CA PHE A 124 -4.15 -0.61 6.82
C PHE A 124 -3.77 -0.59 8.29
N ALA A 125 -4.10 -1.69 8.93
CA ALA A 125 -3.59 -1.96 10.26
C ALA A 125 -2.10 -2.33 10.17
N PRO A 126 -1.32 -2.02 11.17
CA PRO A 126 0.10 -2.49 11.22
C PRO A 126 0.02 -3.98 11.25
N GLN A 127 0.95 -4.77 10.73
CA GLN A 127 0.85 -6.18 10.91
C GLN A 127 2.05 -6.44 11.82
N PRO A 128 2.18 -7.51 12.50
CA PRO A 128 3.21 -7.62 13.58
C PRO A 128 4.58 -7.07 13.12
N LEU A 129 4.93 -7.28 11.86
CA LEU A 129 6.18 -6.74 11.33
C LEU A 129 6.21 -5.21 11.36
N ASP A 130 5.03 -4.58 11.36
CA ASP A 130 4.98 -3.11 11.56
C ASP A 130 5.13 -2.81 13.03
N LEU A 131 4.91 -3.84 13.83
CA LEU A 131 4.96 -3.74 15.27
C LEU A 131 6.28 -4.28 15.78
N GLU A 132 7.22 -4.55 14.88
CA GLU A 132 8.54 -4.98 15.32
C GLU A 132 9.15 -3.90 16.20
N PRO A 133 9.64 -4.26 17.35
CA PRO A 133 10.28 -3.28 18.29
C PRO A 133 11.42 -2.51 17.62
N ALA A 134 12.23 -3.21 16.79
CA ALA A 134 13.32 -2.55 16.10
C ALA A 134 13.23 -2.77 14.60
N LEU A 135 13.52 -1.73 13.84
CA LEU A 135 13.50 -1.84 12.38
C LEU A 135 14.79 -2.52 11.92
N PRO A 136 14.74 -3.27 10.84
CA PRO A 136 15.93 -4.03 10.34
C PRO A 136 17.20 -3.16 10.33
N PRO A 137 18.35 -3.75 10.62
CA PRO A 137 19.67 -3.03 10.67
C PRO A 137 20.02 -2.35 9.34
N GLY A 138 20.68 -1.20 9.42
CA GLY A 138 21.14 -0.48 8.22
C GLY A 138 20.00 0.27 7.54
N SER A 139 18.94 0.51 8.29
CA SER A 139 17.73 1.08 7.71
C SER A 139 17.93 2.56 7.35
N ARG A 140 17.47 2.95 6.16
CA ARG A 140 17.51 4.34 5.76
C ARG A 140 16.12 4.75 5.35
N VAL A 141 15.66 5.86 5.87
CA VAL A 141 14.35 6.34 5.57
C VAL A 141 14.39 7.70 4.89
N ILE A 142 13.74 7.82 3.76
CA ILE A 142 13.56 9.12 3.12
C ILE A 142 12.06 9.34 2.93
N LEU A 143 11.50 10.41 3.52
CA LEU A 143 10.06 10.58 3.52
C LEU A 143 9.58 11.76 2.65
N PRO A 144 8.44 11.60 2.03
CA PRO A 144 7.63 12.74 1.47
C PRO A 144 7.20 13.63 2.62
N THR A 145 6.95 14.90 2.37
CA THR A 145 6.46 15.72 3.45
C THR A 145 5.05 15.23 3.80
N PRO A 146 4.77 14.94 5.05
CA PRO A 146 3.46 14.31 5.41
C PRO A 146 2.30 15.20 4.98
N GLU A 147 1.27 14.55 4.46
CA GLU A 147 0.08 15.25 3.97
C GLU A 147 0.44 16.42 3.03
N GLU A 148 1.72 16.58 2.73
CA GLU A 148 2.17 17.58 1.80
C GLU A 148 3.01 16.90 0.75
N GLN A 149 4.03 17.59 0.23
CA GLN A 149 4.88 17.00 -0.79
C GLN A 149 6.30 16.82 -0.25
N ALA A 7 -8.13 -2.86 16.90
CA ALA A 7 -9.08 -3.94 17.25
C ALA A 7 -10.42 -3.64 16.58
N GLY A 8 -11.25 -2.85 17.25
CA GLY A 8 -12.57 -2.53 16.72
C GLY A 8 -12.45 -2.08 15.26
N PRO A 9 -13.23 -2.65 14.36
CA PRO A 9 -13.03 -2.41 12.90
C PRO A 9 -13.34 -0.98 12.48
N ARG A 10 -12.54 -0.49 11.56
CA ARG A 10 -12.79 0.78 10.92
C ARG A 10 -12.38 0.70 9.48
N TYR A 11 -13.04 1.45 8.61
CA TYR A 11 -12.64 1.48 7.23
C TYR A 11 -11.88 2.76 6.96
N PRO A 12 -10.68 2.67 6.47
CA PRO A 12 -9.89 3.84 6.05
C PRO A 12 -10.46 4.43 4.76
N VAL A 13 -10.29 5.71 4.52
CA VAL A 13 -10.98 6.36 3.45
C VAL A 13 -10.03 6.79 2.35
N SER A 14 -8.82 7.13 2.71
CA SER A 14 -7.84 7.66 1.74
C SER A 14 -6.44 7.34 2.20
N VAL A 15 -5.49 7.23 1.27
CA VAL A 15 -4.11 6.87 1.62
C VAL A 15 -3.14 7.69 0.80
N GLN A 16 -2.03 8.13 1.39
CA GLN A 16 -0.91 8.64 0.60
C GLN A 16 0.36 8.05 1.23
N GLY A 17 1.46 7.96 0.49
CA GLY A 17 2.67 7.30 1.01
C GLY A 17 3.20 7.99 2.25
N ALA A 18 3.53 7.20 3.27
CA ALA A 18 4.02 7.76 4.54
C ALA A 18 5.54 7.93 4.56
N ALA A 19 6.27 6.88 4.16
CA ALA A 19 7.72 6.84 4.38
C ALA A 19 8.43 5.91 3.41
N LEU A 20 9.74 6.05 3.38
CA LEU A 20 10.59 5.18 2.59
C LEU A 20 11.65 4.55 3.51
N VAL A 21 11.73 3.22 3.51
CA VAL A 21 12.81 2.53 4.23
C VAL A 21 13.60 1.72 3.23
N GLN A 22 14.91 1.88 3.17
CA GLN A 22 15.73 0.99 2.36
C GLN A 22 16.67 0.31 3.30
N ILE A 23 16.67 -0.99 3.43
CA ILE A 23 17.69 -1.70 4.13
C ILE A 23 18.20 -2.60 3.01
N LYS A 24 18.97 -3.68 3.32
CA LYS A 24 19.42 -4.75 2.31
C LYS A 24 18.68 -4.66 0.92
N ARG A 25 18.88 -5.58 0.02
CA ARG A 25 18.60 -5.20 -1.37
C ARG A 25 17.09 -4.93 -1.54
N LEU A 26 16.34 -4.91 -0.42
CA LEU A 26 14.90 -4.64 -0.48
C LEU A 26 14.60 -3.28 0.21
N GLN A 27 13.62 -2.55 -0.27
CA GLN A 27 13.23 -1.25 0.33
C GLN A 27 11.76 -1.32 0.75
N THR A 28 11.36 -0.82 1.92
CA THR A 28 9.99 -0.99 2.39
C THR A 28 9.25 0.34 2.26
N PHE A 29 7.96 0.27 1.88
CA PHE A 29 7.26 1.49 1.49
C PHE A 29 6.13 1.80 2.43
N ALA A 30 6.17 3.01 2.95
CA ALA A 30 5.23 3.40 3.98
C ALA A 30 4.05 4.16 3.39
N PHE A 31 2.93 4.06 4.08
CA PHE A 31 1.69 4.71 3.64
C PHE A 31 1.07 5.49 4.77
N SER A 32 0.28 6.49 4.41
CA SER A 32 -0.54 7.18 5.36
C SER A 32 -1.97 7.01 4.88
N VAL A 33 -2.80 6.39 5.67
CA VAL A 33 -4.18 6.11 5.26
C VAL A 33 -5.16 6.60 6.34
N ARG A 34 -6.28 7.30 5.98
CA ARG A 34 -7.14 7.92 7.01
C ARG A 34 -8.45 7.16 7.21
N TRP A 35 -8.94 7.16 8.48
CA TRP A 35 -10.22 6.49 8.82
C TRP A 35 -11.32 7.52 9.08
N SER A 36 -12.54 7.20 8.64
CA SER A 36 -13.67 8.14 8.72
C SER A 36 -13.84 8.62 10.16
N ASP A 37 -13.26 7.87 11.08
CA ASP A 37 -13.35 8.20 12.51
C ASP A 37 -12.51 9.44 12.77
N GLY A 38 -11.83 9.88 11.74
CA GLY A 38 -11.02 11.08 11.78
C GLY A 38 -9.59 10.72 11.98
N SER A 39 -9.38 9.49 12.33
CA SER A 39 -8.06 9.00 12.60
C SER A 39 -7.29 8.89 11.33
N ASP A 40 -5.99 9.03 11.45
CA ASP A 40 -5.10 8.83 10.33
C ASP A 40 -4.25 7.63 10.65
N THR A 41 -3.72 7.01 9.64
CA THR A 41 -2.77 5.95 9.91
C THR A 41 -1.59 6.08 8.98
N PHE A 42 -0.42 5.82 9.52
CA PHE A 42 0.80 5.78 8.76
C PHE A 42 1.46 4.46 9.03
N VAL A 43 1.76 3.65 8.02
CA VAL A 43 2.33 2.35 8.29
C VAL A 43 3.47 2.10 7.30
N ARG A 44 4.37 1.19 7.64
CA ARG A 44 5.51 0.81 6.79
C ARG A 44 5.14 -0.51 6.17
N ARG A 45 5.57 -0.81 4.94
CA ARG A 45 5.21 -2.08 4.35
C ARG A 45 6.41 -2.70 3.66
N SER A 46 6.43 -3.99 3.62
CA SER A 46 7.46 -4.64 2.86
C SER A 46 7.05 -4.63 1.40
N TRP A 47 8.04 -4.54 0.54
CA TRP A 47 7.79 -4.66 -0.90
C TRP A 47 7.31 -6.07 -1.21
N ASP A 48 8.03 -6.97 -0.58
CA ASP A 48 7.74 -8.37 -0.68
C ASP A 48 6.40 -8.67 -0.12
N GLU A 49 6.06 -8.05 1.01
CA GLU A 49 4.78 -8.28 1.58
C GLU A 49 3.70 -7.66 0.78
N PHE A 50 3.88 -6.49 0.14
CA PHE A 50 2.79 -5.85 -0.53
C PHE A 50 2.30 -6.74 -1.65
N ARG A 51 3.23 -7.23 -2.45
CA ARG A 51 2.85 -8.00 -3.63
C ARG A 51 2.11 -9.24 -3.19
N GLN A 52 2.52 -9.78 -2.07
CA GLN A 52 1.74 -10.87 -1.47
C GLN A 52 0.39 -10.31 -0.96
N LEU A 53 0.51 -9.14 -0.39
CA LEU A 53 -0.65 -8.52 0.30
C LEU A 53 -1.77 -8.28 -0.75
N LYS A 54 -1.38 -7.66 -1.84
CA LYS A 54 -2.29 -7.38 -2.95
C LYS A 54 -2.74 -8.66 -3.62
N LYS A 55 -1.79 -9.54 -3.85
CA LYS A 55 -2.09 -10.76 -4.60
C LYS A 55 -3.16 -11.50 -3.84
N THR A 56 -3.02 -11.51 -2.52
CA THR A 56 -3.98 -12.09 -1.64
C THR A 56 -5.34 -11.40 -1.72
N LEU A 57 -5.41 -10.08 -1.83
CA LEU A 57 -6.73 -9.48 -1.98
C LEU A 57 -7.35 -10.01 -3.24
N LYS A 58 -6.58 -10.00 -4.30
CA LYS A 58 -7.02 -10.48 -5.58
C LYS A 58 -7.43 -11.94 -5.52
N GLU A 59 -6.87 -12.70 -4.57
CA GLU A 59 -7.34 -14.08 -4.38
C GLU A 59 -8.80 -14.07 -3.89
N THR A 60 -9.13 -13.16 -3.00
CA THR A 60 -10.53 -13.01 -2.55
C THR A 60 -11.44 -12.47 -3.66
N PHE A 61 -10.92 -11.57 -4.47
CA PHE A 61 -11.66 -11.05 -5.62
C PHE A 61 -10.87 -11.35 -6.89
N PRO A 62 -10.76 -12.61 -7.26
CA PRO A 62 -9.89 -13.01 -8.42
C PRO A 62 -10.29 -12.30 -9.68
N VAL A 63 -9.29 -11.91 -10.43
CA VAL A 63 -9.47 -11.22 -11.70
C VAL A 63 -8.24 -11.42 -12.55
N GLU A 64 -7.10 -11.05 -11.96
CA GLU A 64 -5.77 -11.13 -12.59
C GLU A 64 -5.80 -11.33 -14.12
N ALA A 65 -6.27 -12.49 -14.56
CA ALA A 65 -6.24 -12.82 -15.99
C ALA A 65 -7.46 -12.29 -16.73
N GLY A 66 -8.45 -11.84 -16.00
CA GLY A 66 -9.67 -11.25 -16.57
C GLY A 66 -10.48 -12.24 -17.39
N LEU A 67 -10.11 -13.51 -17.41
CA LEU A 67 -10.96 -14.48 -18.08
C LEU A 67 -12.25 -14.70 -17.32
N LEU A 68 -12.13 -14.89 -16.00
CA LEU A 68 -13.26 -15.24 -15.15
C LEU A 68 -14.28 -14.12 -15.00
N ARG A 69 -13.78 -12.88 -14.89
CA ARG A 69 -14.65 -11.72 -14.69
C ARG A 69 -14.18 -10.49 -15.47
N ARG A 70 -15.16 -9.68 -15.82
CA ARG A 70 -14.91 -8.43 -16.50
C ARG A 70 -14.41 -7.39 -15.50
N SER A 71 -14.34 -7.81 -14.25
CA SER A 71 -13.89 -6.94 -13.17
C SER A 71 -12.46 -6.45 -13.46
N ASP A 72 -11.90 -6.93 -14.59
CA ASP A 72 -10.57 -6.52 -15.05
C ASP A 72 -10.55 -5.02 -15.26
N ARG A 73 -11.73 -4.49 -15.58
CA ARG A 73 -11.86 -3.08 -15.80
C ARG A 73 -11.49 -2.30 -14.54
N VAL A 74 -11.74 -2.90 -13.36
CA VAL A 74 -11.50 -2.18 -12.09
C VAL A 74 -10.26 -2.68 -11.35
N LEU A 75 -10.20 -4.00 -11.06
CA LEU A 75 -9.18 -4.54 -10.12
C LEU A 75 -7.75 -4.45 -10.66
N PRO A 76 -7.46 -5.08 -11.76
CA PRO A 76 -6.07 -5.15 -12.30
C PRO A 76 -5.62 -3.81 -12.86
N LYS A 77 -5.79 -2.79 -12.06
CA LYS A 77 -5.38 -1.44 -12.42
C LYS A 77 -4.08 -1.12 -11.68
N LEU A 78 -3.25 -2.11 -11.55
CA LEU A 78 -1.99 -1.93 -10.84
C LEU A 78 -0.96 -1.37 -11.78
N LEU A 79 -0.38 -0.28 -11.37
CA LEU A 79 0.70 0.30 -12.12
C LEU A 79 1.98 -0.35 -11.62
N ASP A 80 2.74 -0.86 -12.55
CA ASP A 80 4.04 -1.37 -12.20
C ASP A 80 5.13 -0.53 -12.84
N ALA A 81 6.07 -0.12 -12.01
CA ALA A 81 7.27 0.56 -12.48
C ALA A 81 8.41 -0.45 -12.45
N PRO A 82 9.57 -0.09 -12.91
CA PRO A 82 10.77 -0.99 -12.84
C PRO A 82 11.07 -1.37 -11.37
N LEU A 83 11.57 -2.59 -11.18
CA LEU A 83 11.69 -3.16 -9.85
C LEU A 83 12.98 -2.67 -9.17
N LEU A 84 12.94 -1.43 -8.69
CA LEU A 84 14.13 -0.80 -8.15
C LEU A 84 15.18 -0.92 -9.20
N GLY A 85 16.45 -0.83 -8.90
CA GLY A 85 17.40 -0.81 -9.96
C GLY A 85 17.68 0.62 -10.34
N ARG A 86 18.74 0.83 -11.07
CA ARG A 86 19.18 2.18 -11.43
C ARG A 86 19.18 3.09 -10.18
N VAL A 87 20.12 2.81 -9.28
CA VAL A 87 20.33 3.63 -8.08
C VAL A 87 19.10 4.45 -7.68
N GLY A 88 19.30 5.80 -7.60
CA GLY A 88 18.28 6.74 -7.12
C GLY A 88 17.25 6.03 -6.25
N ARG A 89 17.68 5.51 -5.09
CA ARG A 89 16.78 4.70 -4.29
C ARG A 89 15.60 5.56 -3.83
N THR A 90 15.89 6.82 -3.51
CA THR A 90 14.84 7.71 -3.05
C THR A 90 13.81 7.92 -4.18
N SER A 91 14.28 8.15 -5.40
CA SER A 91 13.37 8.37 -6.54
C SER A 91 12.47 7.17 -6.72
N ARG A 92 13.06 6.00 -6.61
CA ARG A 92 12.34 4.73 -6.71
C ARG A 92 11.39 4.60 -5.50
N GLY A 93 11.86 5.15 -4.42
CA GLY A 93 11.10 5.14 -3.19
C GLY A 93 9.77 5.87 -3.41
N LEU A 94 9.88 7.05 -3.97
CA LEU A 94 8.68 7.80 -4.34
C LEU A 94 7.90 7.06 -5.42
N ALA A 95 8.66 6.57 -6.42
CA ALA A 95 8.07 6.00 -7.63
C ALA A 95 7.30 4.70 -7.39
N ARG A 96 7.80 3.87 -6.50
CA ARG A 96 7.02 2.70 -6.17
C ARG A 96 5.80 3.14 -5.36
N LEU A 97 6.02 4.14 -4.49
CA LEU A 97 4.95 4.63 -3.63
C LEU A 97 3.83 5.20 -4.43
N GLN A 98 4.12 5.97 -5.47
CA GLN A 98 3.04 6.58 -6.20
C GLN A 98 2.15 5.51 -6.75
N LEU A 99 2.76 4.49 -7.35
CA LEU A 99 1.95 3.43 -7.94
C LEU A 99 1.16 2.72 -6.86
N LEU A 100 1.85 2.39 -5.77
CA LEU A 100 1.23 1.64 -4.69
C LEU A 100 0.09 2.44 -4.08
N GLU A 101 0.34 3.74 -3.83
CA GLU A 101 -0.69 4.53 -3.16
C GLU A 101 -1.91 4.56 -4.01
N THR A 102 -1.68 4.84 -5.27
CA THR A 102 -2.76 5.04 -6.20
C THR A 102 -3.60 3.80 -6.32
N TYR A 103 -2.97 2.67 -6.45
CA TYR A 103 -3.71 1.41 -6.61
C TYR A 103 -4.57 1.18 -5.39
N SER A 104 -3.96 1.34 -4.21
CA SER A 104 -4.70 1.16 -2.96
C SER A 104 -5.84 2.20 -2.88
N ARG A 105 -5.54 3.44 -3.28
CA ARG A 105 -6.57 4.46 -3.36
C ARG A 105 -7.61 4.07 -4.39
N ARG A 106 -7.15 3.46 -5.46
CA ARG A 106 -8.06 3.01 -6.48
C ARG A 106 -9.00 2.03 -5.85
N LEU A 107 -8.46 1.12 -5.07
CA LEU A 107 -9.25 0.07 -4.46
C LEU A 107 -10.31 0.66 -3.56
N LEU A 108 -10.03 1.77 -2.88
CA LEU A 108 -11.09 2.35 -2.04
C LEU A 108 -12.26 2.73 -2.99
N ALA A 109 -11.90 3.24 -4.20
CA ALA A 109 -12.90 3.68 -5.22
C ALA A 109 -12.83 2.83 -6.52
N THR A 110 -12.28 1.65 -6.40
CA THR A 110 -12.20 0.73 -7.55
C THR A 110 -13.16 -0.39 -7.36
N ALA A 111 -13.34 -0.79 -6.11
CA ALA A 111 -14.38 -1.73 -5.83
C ALA A 111 -14.87 -1.57 -4.39
N GLU A 112 -16.19 -1.54 -4.25
CA GLU A 112 -16.82 -1.63 -2.96
C GLU A 112 -16.44 -2.97 -2.35
N ARG A 113 -16.48 -3.94 -3.23
CA ARG A 113 -16.21 -5.28 -2.77
C ARG A 113 -14.80 -5.40 -2.29
N VAL A 114 -13.82 -4.83 -2.98
CA VAL A 114 -12.48 -4.94 -2.45
C VAL A 114 -12.32 -4.02 -1.25
N ALA A 115 -12.80 -2.77 -1.39
CA ALA A 115 -12.41 -1.71 -0.46
C ALA A 115 -12.69 -1.99 1.01
N ARG A 116 -13.72 -2.72 1.32
CA ARG A 116 -13.93 -2.98 2.75
C ARG A 116 -13.64 -4.41 3.14
N SER A 117 -13.55 -5.32 2.19
CA SER A 117 -13.45 -6.72 2.59
C SER A 117 -12.40 -6.91 3.68
N PRO A 118 -12.61 -7.87 4.56
CA PRO A 118 -11.85 -7.98 5.84
C PRO A 118 -10.38 -7.88 5.59
N THR A 119 -10.01 -8.28 4.41
CA THR A 119 -8.67 -8.13 3.99
C THR A 119 -8.26 -6.65 3.93
N ILE A 120 -9.17 -5.66 3.61
CA ILE A 120 -8.69 -4.29 3.60
C ILE A 120 -8.31 -3.89 4.98
N THR A 121 -9.16 -4.24 5.91
CA THR A 121 -8.98 -3.75 7.27
C THR A 121 -7.61 -4.16 7.81
N GLY A 122 -7.15 -5.35 7.44
CA GLY A 122 -5.81 -5.76 7.93
C GLY A 122 -4.75 -4.82 7.40
N PHE A 123 -4.76 -4.55 6.09
CA PHE A 123 -3.65 -3.82 5.48
C PHE A 123 -3.39 -2.41 6.03
N PHE A 124 -4.40 -1.60 6.22
CA PHE A 124 -4.16 -0.22 6.68
C PHE A 124 -3.81 -0.23 8.18
N ALA A 125 -4.16 -1.34 8.75
CA ALA A 125 -3.70 -1.66 10.09
C ALA A 125 -2.17 -1.98 10.04
N PRO A 126 -1.43 -1.73 11.11
CA PRO A 126 0.00 -2.23 11.22
C PRO A 126 -0.06 -3.74 11.20
N GLN A 127 0.92 -4.49 10.67
CA GLN A 127 0.88 -5.93 10.77
C GLN A 127 2.11 -6.26 11.63
N PRO A 128 2.22 -7.41 12.22
CA PRO A 128 3.25 -7.62 13.29
C PRO A 128 4.66 -7.11 12.88
N LEU A 129 5.09 -7.30 11.62
CA LEU A 129 6.40 -6.77 11.19
C LEU A 129 6.36 -5.26 11.09
N ASP A 130 5.16 -4.70 11.05
CA ASP A 130 5.03 -3.25 11.10
C ASP A 130 5.00 -2.84 12.57
N LEU A 131 4.68 -3.83 13.38
CA LEU A 131 4.69 -3.70 14.83
C LEU A 131 6.03 -4.15 15.40
N GLU A 132 6.99 -4.38 14.52
CA GLU A 132 8.34 -4.64 14.99
C GLU A 132 9.06 -3.29 15.13
N PRO A 133 9.29 -2.80 16.34
CA PRO A 133 9.82 -1.41 16.58
C PRO A 133 11.23 -1.21 16.05
N ALA A 134 12.00 -2.29 16.01
CA ALA A 134 13.41 -2.18 15.65
C ALA A 134 13.62 -2.40 14.17
N LEU A 135 14.29 -1.45 13.55
CA LEU A 135 14.63 -1.54 12.14
C LEU A 135 16.09 -1.88 12.00
N PRO A 136 16.45 -2.76 11.11
CA PRO A 136 17.88 -3.19 10.97
C PRO A 136 18.83 -1.97 10.92
N PRO A 137 19.98 -2.05 11.53
CA PRO A 137 20.97 -0.91 11.54
C PRO A 137 21.28 -0.42 10.14
N GLY A 138 21.35 -1.34 9.21
CA GLY A 138 21.63 -1.00 7.82
C GLY A 138 20.45 -0.28 7.17
N SER A 139 19.36 -0.13 7.92
CA SER A 139 18.17 0.48 7.35
C SER A 139 18.35 2.00 7.19
N ARG A 140 17.78 2.53 6.11
CA ARG A 140 17.73 3.97 5.93
C ARG A 140 16.29 4.32 5.72
N VAL A 141 15.76 5.16 6.59
CA VAL A 141 14.35 5.53 6.54
C VAL A 141 14.17 7.00 6.28
N ILE A 142 13.40 7.31 5.25
CA ILE A 142 13.04 8.67 4.97
C ILE A 142 11.52 8.75 5.09
N LEU A 143 11.02 9.57 6.00
CA LEU A 143 9.58 9.73 6.11
C LEU A 143 9.20 11.14 5.66
N PRO A 144 8.65 11.31 4.47
CA PRO A 144 8.24 12.66 4.02
C PRO A 144 7.26 13.26 5.01
N THR A 145 7.48 14.52 5.33
CA THR A 145 6.84 15.06 6.51
C THR A 145 5.31 15.10 6.33
N PRO A 146 4.61 14.34 7.17
CA PRO A 146 3.11 14.22 7.16
C PRO A 146 2.40 15.54 7.39
N GLU A 147 1.21 15.66 6.81
CA GLU A 147 0.34 16.83 6.99
C GLU A 147 0.10 17.07 8.49
N GLU A 148 1.13 17.51 9.19
CA GLU A 148 1.05 17.70 10.62
C GLU A 148 1.65 19.02 11.03
N GLN A 149 1.40 19.42 12.26
CA GLN A 149 1.96 20.65 12.82
C GLN A 149 2.51 20.39 14.22
N ALA A 7 -7.85 -2.89 18.63
CA ALA A 7 -7.81 -2.98 17.15
C ALA A 7 -9.20 -3.32 16.64
N GLY A 8 -10.10 -2.37 16.72
CA GLY A 8 -11.46 -2.58 16.27
C GLY A 8 -11.53 -2.51 14.75
N PRO A 9 -12.71 -2.57 14.20
CA PRO A 9 -12.92 -2.51 12.71
C PRO A 9 -12.41 -1.19 12.15
N ARG A 10 -11.84 -1.24 10.95
CA ARG A 10 -11.36 -0.02 10.28
C ARG A 10 -11.90 -0.01 8.87
N TYR A 11 -12.26 1.15 8.36
CA TYR A 11 -12.54 1.26 6.93
C TYR A 11 -11.70 2.43 6.40
N PRO A 12 -10.70 2.15 5.64
CA PRO A 12 -9.77 3.21 5.10
C PRO A 12 -10.44 4.00 4.00
N VAL A 13 -10.22 5.31 3.88
CA VAL A 13 -10.87 6.05 2.84
C VAL A 13 -9.82 6.62 1.94
N SER A 14 -8.65 6.80 2.51
CA SER A 14 -7.56 7.41 1.78
C SER A 14 -6.23 6.92 2.33
N VAL A 15 -5.25 6.83 1.45
CA VAL A 15 -3.89 6.49 1.85
C VAL A 15 -2.97 7.46 1.17
N GLN A 16 -1.94 7.97 1.84
CA GLN A 16 -0.97 8.83 1.18
C GLN A 16 0.44 8.22 1.40
N GLY A 17 1.28 8.19 0.37
CA GLY A 17 2.64 7.66 0.53
C GLY A 17 3.31 8.31 1.74
N ALA A 18 3.60 7.50 2.77
CA ALA A 18 4.13 8.04 4.02
C ALA A 18 5.64 8.13 4.04
N ALA A 19 6.32 7.05 3.65
CA ALA A 19 7.76 6.98 3.88
C ALA A 19 8.44 5.96 2.99
N LEU A 20 9.73 6.03 3.03
CA LEU A 20 10.57 5.08 2.38
C LEU A 20 11.51 4.49 3.41
N VAL A 21 11.59 3.18 3.47
CA VAL A 21 12.61 2.54 4.25
C VAL A 21 13.45 1.78 3.29
N GLN A 22 14.75 1.98 3.27
CA GLN A 22 15.61 1.15 2.48
C GLN A 22 16.56 0.49 3.45
N ILE A 23 16.65 -0.81 3.47
CA ILE A 23 17.69 -1.51 4.18
C ILE A 23 18.34 -2.25 3.02
N LYS A 24 19.17 -3.29 3.25
CA LYS A 24 19.82 -4.14 2.15
C LYS A 24 19.29 -3.79 0.72
N ARG A 25 19.67 -4.52 -0.28
CA ARG A 25 19.46 -3.93 -1.59
C ARG A 25 17.95 -3.86 -1.89
N LEU A 26 17.11 -4.12 -0.86
CA LEU A 26 15.65 -4.00 -0.96
C LEU A 26 15.17 -2.81 -0.08
N GLN A 27 14.08 -2.12 -0.49
CA GLN A 27 13.55 -0.99 0.30
C GLN A 27 12.06 -1.15 0.54
N THR A 28 11.56 -0.77 1.73
CA THR A 28 10.19 -0.97 2.13
C THR A 28 9.46 0.39 2.11
N PHE A 29 8.17 0.37 1.78
CA PHE A 29 7.47 1.61 1.44
C PHE A 29 6.37 1.93 2.43
N ALA A 30 6.43 3.11 3.00
CA ALA A 30 5.48 3.48 4.04
C ALA A 30 4.32 4.27 3.46
N PHE A 31 3.18 4.11 4.12
CA PHE A 31 1.96 4.77 3.71
C PHE A 31 1.30 5.45 4.87
N SER A 32 0.48 6.43 4.57
CA SER A 32 -0.34 7.06 5.58
C SER A 32 -1.76 6.78 5.16
N VAL A 33 -2.51 6.09 5.96
CA VAL A 33 -3.89 5.81 5.62
C VAL A 33 -4.81 6.21 6.76
N ARG A 34 -5.89 6.92 6.48
CA ARG A 34 -6.78 7.38 7.54
C ARG A 34 -8.17 6.89 7.19
N TRP A 35 -8.89 6.32 8.16
CA TRP A 35 -10.08 5.52 7.82
C TRP A 35 -11.39 6.25 8.15
N SER A 36 -12.49 5.71 7.63
CA SER A 36 -13.79 6.35 7.70
C SER A 36 -14.14 6.70 9.14
N ASP A 37 -13.59 5.93 10.06
CA ASP A 37 -13.94 6.14 11.46
C ASP A 37 -13.29 7.45 11.88
N GLY A 38 -12.53 8.02 10.96
CA GLY A 38 -12.01 9.34 11.16
C GLY A 38 -10.68 9.31 11.86
N SER A 39 -10.06 8.14 12.01
CA SER A 39 -8.70 8.10 12.59
C SER A 39 -7.68 8.30 11.48
N ASP A 40 -6.39 8.36 11.83
CA ASP A 40 -5.34 8.42 10.81
C ASP A 40 -4.32 7.34 11.14
N THR A 41 -3.65 6.81 10.14
CA THR A 41 -2.58 5.83 10.42
C THR A 41 -1.40 5.90 9.42
N PHE A 42 -0.19 5.64 9.92
CA PHE A 42 1.03 5.57 9.11
C PHE A 42 1.69 4.20 9.33
N VAL A 43 1.99 3.41 8.29
CA VAL A 43 2.62 2.10 8.49
C VAL A 43 3.66 1.84 7.40
N ARG A 44 4.54 0.87 7.63
CA ARG A 44 5.62 0.52 6.68
C ARG A 44 5.20 -0.72 5.94
N ARG A 45 5.56 -0.88 4.65
CA ARG A 45 5.21 -2.07 3.91
C ARG A 45 6.41 -2.54 3.08
N SER A 46 6.38 -3.80 2.76
CA SER A 46 7.37 -4.34 1.83
C SER A 46 6.76 -4.50 0.46
N TRP A 47 7.56 -4.40 -0.59
CA TRP A 47 7.07 -4.58 -1.95
C TRP A 47 6.52 -6.00 -2.04
N ASP A 48 7.26 -6.91 -1.41
CA ASP A 48 6.87 -8.31 -1.23
C ASP A 48 5.67 -8.38 -0.33
N GLU A 49 5.67 -7.51 0.66
CA GLU A 49 4.59 -7.48 1.61
C GLU A 49 3.36 -7.15 0.87
N PHE A 50 3.45 -6.17 -0.02
CA PHE A 50 2.34 -5.81 -0.83
C PHE A 50 1.94 -6.99 -1.65
N ARG A 51 2.92 -7.68 -2.23
CA ARG A 51 2.56 -8.68 -3.21
C ARG A 51 1.68 -9.71 -2.58
N GLN A 52 1.92 -10.06 -1.32
CA GLN A 52 0.98 -10.94 -0.65
C GLN A 52 -0.30 -10.17 -0.40
N LEU A 53 -0.15 -8.89 -0.07
CA LEU A 53 -1.35 -8.09 0.28
C LEU A 53 -2.32 -8.03 -0.91
N LYS A 54 -1.74 -7.76 -2.05
CA LYS A 54 -2.50 -7.76 -3.30
C LYS A 54 -3.00 -9.16 -3.61
N LYS A 55 -2.12 -10.11 -3.46
CA LYS A 55 -2.48 -11.49 -3.78
C LYS A 55 -3.58 -11.95 -2.85
N THR A 56 -3.38 -11.71 -1.60
CA THR A 56 -4.30 -12.14 -0.59
C THR A 56 -5.67 -11.48 -0.75
N LEU A 57 -5.74 -10.17 -0.98
CA LEU A 57 -7.03 -9.57 -1.24
C LEU A 57 -7.62 -10.15 -2.52
N LYS A 58 -6.78 -10.23 -3.54
CA LYS A 58 -7.20 -10.69 -4.86
C LYS A 58 -7.63 -12.15 -4.86
N GLU A 59 -7.13 -12.94 -3.95
CA GLU A 59 -7.64 -14.29 -3.84
C GLU A 59 -9.10 -14.20 -3.46
N THR A 60 -9.41 -13.22 -2.62
CA THR A 60 -10.81 -12.97 -2.24
C THR A 60 -11.64 -12.56 -3.47
N PHE A 61 -11.14 -11.60 -4.26
CA PHE A 61 -11.82 -11.19 -5.50
C PHE A 61 -10.84 -11.35 -6.67
N PRO A 62 -10.74 -12.54 -7.26
CA PRO A 62 -9.68 -12.84 -8.28
C PRO A 62 -9.74 -11.92 -9.50
N VAL A 63 -8.55 -11.50 -9.92
CA VAL A 63 -8.37 -10.71 -11.13
C VAL A 63 -6.91 -10.85 -11.57
N GLU A 64 -6.04 -10.01 -10.99
CA GLU A 64 -4.59 -10.10 -11.15
C GLU A 64 -4.17 -10.33 -12.60
N ALA A 65 -4.25 -11.56 -13.05
CA ALA A 65 -3.97 -11.88 -14.45
C ALA A 65 -5.24 -11.75 -15.26
N GLY A 66 -6.27 -11.26 -14.60
CA GLY A 66 -7.60 -11.23 -15.19
C GLY A 66 -8.20 -12.63 -15.12
N LEU A 67 -7.92 -13.31 -14.01
CA LEU A 67 -8.18 -14.74 -13.95
C LEU A 67 -9.66 -15.07 -14.12
N LEU A 68 -10.53 -14.34 -13.42
CA LEU A 68 -11.98 -14.50 -13.69
C LEU A 68 -12.44 -13.39 -14.61
N ARG A 69 -11.93 -12.20 -14.33
CA ARG A 69 -12.42 -10.99 -14.99
C ARG A 69 -11.25 -10.16 -15.43
N ARG A 70 -11.48 -9.29 -16.40
CA ARG A 70 -10.50 -8.28 -16.65
C ARG A 70 -10.82 -7.04 -15.81
N SER A 71 -11.06 -7.28 -14.51
CA SER A 71 -11.25 -6.18 -13.57
C SER A 71 -9.95 -5.41 -13.45
N ASP A 72 -8.93 -5.99 -14.09
CA ASP A 72 -7.59 -5.42 -14.08
C ASP A 72 -7.63 -4.00 -14.63
N ARG A 73 -8.74 -3.66 -15.28
CA ARG A 73 -8.96 -2.28 -15.67
C ARG A 73 -9.10 -1.38 -14.44
N VAL A 74 -9.77 -1.87 -13.39
CA VAL A 74 -9.96 -1.07 -12.18
C VAL A 74 -8.90 -1.42 -11.14
N LEU A 75 -8.74 -2.71 -10.85
CA LEU A 75 -7.66 -3.12 -9.94
C LEU A 75 -6.76 -4.12 -10.62
N PRO A 76 -5.83 -3.63 -11.39
CA PRO A 76 -4.83 -4.48 -12.07
C PRO A 76 -3.89 -5.10 -11.07
N LYS A 77 -2.77 -5.62 -11.54
CA LYS A 77 -1.79 -6.18 -10.64
C LYS A 77 -1.26 -5.02 -9.78
N LEU A 78 -0.06 -4.55 -10.09
CA LEU A 78 0.41 -3.24 -9.60
C LEU A 78 0.55 -2.33 -10.77
N LEU A 79 0.12 -1.08 -10.65
CA LEU A 79 0.28 -0.21 -11.78
C LEU A 79 1.65 0.40 -11.70
N ASP A 80 2.41 0.14 -12.73
CA ASP A 80 3.82 0.48 -12.71
C ASP A 80 4.31 1.02 -14.03
N ALA A 81 5.13 2.05 -13.94
CA ALA A 81 5.90 2.53 -15.07
C ALA A 81 7.36 2.58 -14.62
N PRO A 82 8.30 2.70 -15.53
CA PRO A 82 9.75 2.79 -15.14
C PRO A 82 10.00 3.92 -14.15
N LEU A 83 9.35 5.07 -14.40
CA LEU A 83 9.47 6.26 -13.54
C LEU A 83 10.95 6.60 -13.27
N LEU A 84 11.64 5.71 -12.55
CA LEU A 84 13.07 5.85 -12.27
C LEU A 84 13.34 7.17 -11.53
N GLY A 85 13.04 8.27 -12.18
CA GLY A 85 13.22 9.59 -11.57
C GLY A 85 14.65 10.12 -11.78
N ARG A 86 15.37 9.56 -12.77
CA ARG A 86 16.75 10.00 -13.13
C ARG A 86 17.75 9.64 -12.05
N VAL A 87 17.29 9.32 -10.88
CA VAL A 87 18.19 9.01 -9.78
C VAL A 87 18.12 7.52 -9.48
N GLY A 88 18.68 7.08 -8.35
CA GLY A 88 18.73 5.66 -8.07
C GLY A 88 17.50 5.18 -7.33
N ARG A 89 17.71 4.18 -6.46
CA ARG A 89 16.60 3.50 -5.83
C ARG A 89 15.79 4.42 -4.95
N THR A 90 16.41 5.40 -4.34
CA THR A 90 15.67 6.29 -3.46
C THR A 90 14.54 6.95 -4.26
N SER A 91 14.88 7.42 -5.45
CA SER A 91 13.86 7.94 -6.36
C SER A 91 12.87 6.84 -6.71
N ARG A 92 13.36 5.62 -6.80
CA ARG A 92 12.48 4.48 -7.04
C ARG A 92 11.53 4.40 -5.85
N GLY A 93 12.06 4.83 -4.73
CA GLY A 93 11.31 4.79 -3.49
C GLY A 93 10.07 5.63 -3.62
N LEU A 94 10.22 6.87 -4.07
CA LEU A 94 9.06 7.71 -4.25
C LEU A 94 8.18 7.17 -5.37
N ALA A 95 8.84 6.77 -6.42
CA ALA A 95 8.09 6.36 -7.63
C ALA A 95 7.19 5.19 -7.23
N ARG A 96 7.83 4.26 -6.58
CA ARG A 96 7.15 3.06 -6.13
C ARG A 96 6.05 3.43 -5.16
N LEU A 97 6.32 4.41 -4.29
CA LEU A 97 5.30 4.90 -3.37
C LEU A 97 4.14 5.48 -4.12
N GLN A 98 4.44 6.26 -5.16
CA GLN A 98 3.38 6.89 -5.92
C GLN A 98 2.51 5.81 -6.56
N LEU A 99 3.15 4.81 -7.16
CA LEU A 99 2.38 3.74 -7.82
C LEU A 99 1.54 2.98 -6.81
N LEU A 100 2.19 2.61 -5.72
CA LEU A 100 1.52 1.83 -4.69
C LEU A 100 0.38 2.66 -4.10
N GLU A 101 0.64 3.95 -3.86
CA GLU A 101 -0.40 4.83 -3.34
C GLU A 101 -1.55 4.85 -4.31
N THR A 102 -1.26 5.04 -5.59
CA THR A 102 -2.31 5.15 -6.57
C THR A 102 -3.12 3.89 -6.62
N TYR A 103 -2.46 2.76 -6.61
CA TYR A 103 -3.17 1.50 -6.68
C TYR A 103 -4.09 1.40 -5.47
N SER A 104 -3.55 1.72 -4.32
CA SER A 104 -4.32 1.75 -3.07
C SER A 104 -5.49 2.76 -3.17
N ARG A 105 -5.21 3.95 -3.72
CA ARG A 105 -6.23 4.96 -3.93
C ARG A 105 -7.30 4.47 -4.86
N ARG A 106 -6.89 3.74 -5.88
CA ARG A 106 -7.84 3.26 -6.85
C ARG A 106 -8.80 2.35 -6.14
N LEU A 107 -8.29 1.50 -5.29
CA LEU A 107 -9.14 0.55 -4.63
C LEU A 107 -10.17 1.27 -3.80
N LEU A 108 -9.84 2.41 -3.23
CA LEU A 108 -10.82 3.22 -2.54
C LEU A 108 -11.73 3.97 -3.57
N ALA A 109 -11.41 3.88 -4.90
CA ALA A 109 -12.49 4.30 -5.83
C ALA A 109 -12.92 3.13 -6.74
N THR A 110 -11.97 2.33 -7.22
CA THR A 110 -12.30 1.29 -8.17
C THR A 110 -13.11 0.19 -7.63
N ALA A 111 -13.18 -0.02 -6.34
CA ALA A 111 -14.25 -0.89 -5.90
C ALA A 111 -14.58 -0.63 -4.45
N GLU A 112 -15.85 -0.41 -4.22
CA GLU A 112 -16.38 -0.41 -2.86
C GLU A 112 -16.20 -1.77 -2.27
N ARG A 113 -16.51 -2.70 -3.13
CA ARG A 113 -16.60 -4.05 -2.69
C ARG A 113 -15.25 -4.51 -2.24
N VAL A 114 -14.17 -4.17 -2.95
CA VAL A 114 -12.85 -4.52 -2.46
C VAL A 114 -12.50 -3.66 -1.23
N ALA A 115 -12.76 -2.36 -1.33
CA ALA A 115 -12.23 -1.39 -0.35
C ALA A 115 -12.57 -1.67 1.08
N ARG A 116 -13.59 -2.43 1.33
CA ARG A 116 -13.88 -2.73 2.73
C ARG A 116 -13.57 -4.20 3.08
N SER A 117 -13.37 -5.04 2.10
CA SER A 117 -13.33 -6.47 2.42
C SER A 117 -12.46 -6.71 3.66
N PRO A 118 -12.80 -7.69 4.46
CA PRO A 118 -12.10 -7.94 5.75
C PRO A 118 -10.61 -7.99 5.52
N THR A 119 -10.30 -8.32 4.31
CA THR A 119 -8.96 -8.27 3.87
C THR A 119 -8.42 -6.82 3.90
N ILE A 120 -9.29 -5.79 3.65
CA ILE A 120 -8.79 -4.42 3.71
C ILE A 120 -8.37 -4.12 5.13
N THR A 121 -9.19 -4.54 6.05
CA THR A 121 -8.93 -4.25 7.43
C THR A 121 -7.57 -4.80 7.83
N GLY A 122 -7.18 -5.95 7.28
CA GLY A 122 -5.87 -6.47 7.59
C GLY A 122 -4.83 -5.48 7.10
N PHE A 123 -4.95 -5.04 5.85
CA PHE A 123 -3.86 -4.28 5.22
C PHE A 123 -3.43 -3.04 6.00
N PHE A 124 -4.35 -2.24 6.46
CA PHE A 124 -3.94 -0.98 7.11
C PHE A 124 -3.64 -1.19 8.56
N ALA A 125 -3.84 -2.41 8.95
CA ALA A 125 -3.41 -2.83 10.26
C ALA A 125 -1.88 -2.89 10.24
N PRO A 126 -1.23 -2.46 11.31
CA PRO A 126 0.24 -2.67 11.43
C PRO A 126 0.38 -4.15 11.50
N GLN A 127 1.45 -4.81 11.07
CA GLN A 127 1.55 -6.20 11.21
C GLN A 127 2.78 -6.30 12.12
N PRO A 128 3.08 -7.37 12.75
CA PRO A 128 4.10 -7.34 13.82
C PRO A 128 5.38 -6.56 13.40
N LEU A 129 5.78 -6.58 12.13
CA LEU A 129 6.93 -5.75 11.71
C LEU A 129 6.59 -4.24 11.74
N ASP A 130 5.30 -3.88 11.80
CA ASP A 130 4.94 -2.46 12.05
C ASP A 130 5.12 -2.13 13.50
N LEU A 131 5.25 -3.18 14.30
CA LEU A 131 5.41 -2.99 15.73
C LEU A 131 6.80 -2.44 15.96
N GLU A 132 7.72 -2.83 15.09
CA GLU A 132 9.05 -2.24 15.09
C GLU A 132 8.97 -0.83 14.46
N PRO A 133 9.00 0.23 15.25
CA PRO A 133 8.77 1.62 14.73
C PRO A 133 9.75 1.93 13.60
N ALA A 134 10.98 1.53 13.84
CA ALA A 134 12.03 1.62 12.84
C ALA A 134 12.65 0.25 12.68
N LEU A 135 13.11 -0.09 11.49
CA LEU A 135 13.88 -1.31 11.32
C LEU A 135 15.34 -1.02 11.78
N PRO A 136 16.16 -2.02 11.98
CA PRO A 136 17.55 -1.84 12.54
C PRO A 136 18.32 -0.66 11.90
N PRO A 137 19.46 -0.32 12.45
CA PRO A 137 20.26 0.89 12.01
C PRO A 137 20.56 0.90 10.50
N GLY A 138 20.83 -0.27 9.94
CA GLY A 138 21.10 -0.38 8.50
C GLY A 138 19.94 0.21 7.72
N SER A 139 18.80 0.24 8.36
CA SER A 139 17.59 0.73 7.74
C SER A 139 17.66 2.23 7.63
N ARG A 140 17.16 2.77 6.54
CA ARG A 140 17.11 4.18 6.40
C ARG A 140 15.70 4.52 6.05
N VAL A 141 15.14 5.42 6.80
CA VAL A 141 13.76 5.80 6.62
C VAL A 141 13.65 7.25 6.19
N ILE A 142 13.04 7.46 5.04
CA ILE A 142 12.86 8.79 4.51
C ILE A 142 11.35 9.02 4.39
N LEU A 143 10.79 10.03 5.05
CA LEU A 143 9.36 10.24 5.01
C LEU A 143 9.04 11.51 4.23
N PRO A 144 8.57 11.40 3.01
CA PRO A 144 8.29 12.60 2.17
C PRO A 144 7.09 13.41 2.67
N THR A 145 7.20 14.72 2.57
CA THR A 145 6.17 15.58 3.17
C THR A 145 4.83 15.43 2.41
N PRO A 146 3.81 14.92 3.06
CA PRO A 146 2.46 14.66 2.46
C PRO A 146 1.71 15.95 2.15
N GLU A 147 0.84 15.92 1.17
CA GLU A 147 0.03 17.09 0.80
C GLU A 147 -0.88 17.51 1.99
N GLU A 148 -0.35 17.42 3.20
CA GLU A 148 -1.10 17.69 4.42
C GLU A 148 -0.28 18.60 5.32
N GLN A 149 -0.93 19.42 6.12
CA GLN A 149 -0.22 20.28 7.08
C GLN A 149 -1.04 20.47 8.34
N ALA A 7 -13.60 8.26 15.86
CA ALA A 7 -14.93 8.89 15.93
C ALA A 7 -15.66 8.66 14.63
N GLY A 8 -16.35 7.55 14.52
CA GLY A 8 -17.07 7.22 13.31
C GLY A 8 -16.63 5.86 12.81
N PRO A 9 -17.11 5.42 11.68
CA PRO A 9 -16.78 4.07 11.14
C PRO A 9 -15.28 3.92 10.89
N ARG A 10 -14.77 2.74 11.18
CA ARG A 10 -13.36 2.47 10.96
C ARG A 10 -13.14 2.13 9.50
N TYR A 11 -13.67 2.96 8.64
CA TYR A 11 -13.47 2.80 7.21
C TYR A 11 -12.33 3.71 6.78
N PRO A 12 -11.23 3.18 6.33
CA PRO A 12 -10.13 4.03 5.76
C PRO A 12 -10.57 4.51 4.40
N VAL A 13 -10.30 5.76 4.05
CA VAL A 13 -10.89 6.31 2.83
C VAL A 13 -9.81 6.74 1.88
N SER A 14 -8.62 6.93 2.42
CA SER A 14 -7.55 7.49 1.64
C SER A 14 -6.24 6.92 2.12
N VAL A 15 -5.27 6.82 1.25
CA VAL A 15 -3.92 6.45 1.63
C VAL A 15 -3.03 7.51 1.04
N GLN A 16 -2.06 7.98 1.78
CA GLN A 16 -1.14 8.98 1.26
C GLN A 16 0.26 8.38 1.36
N GLY A 17 1.05 8.47 0.29
CA GLY A 17 2.43 7.92 0.31
C GLY A 17 3.20 8.59 1.43
N ALA A 18 3.50 7.82 2.47
CA ALA A 18 4.13 8.40 3.66
C ALA A 18 5.67 8.43 3.57
N ALA A 19 6.28 7.31 3.21
CA ALA A 19 7.75 7.26 3.23
C ALA A 19 8.35 6.04 2.50
N LEU A 20 9.65 6.01 2.57
CA LEU A 20 10.43 4.90 2.06
C LEU A 20 11.46 4.47 3.12
N VAL A 21 11.57 3.17 3.34
CA VAL A 21 12.64 2.64 4.18
C VAL A 21 13.46 1.71 3.32
N GLN A 22 14.78 1.90 3.28
CA GLN A 22 15.63 0.97 2.58
C GLN A 22 16.57 0.38 3.61
N ILE A 23 16.74 -0.92 3.68
CA ILE A 23 17.76 -1.55 4.51
C ILE A 23 18.58 -2.26 3.44
N LYS A 24 19.42 -3.30 3.77
CA LYS A 24 20.09 -4.08 2.66
C LYS A 24 19.22 -3.92 1.41
N ARG A 25 19.80 -3.95 0.23
CA ARG A 25 19.25 -3.08 -0.83
C ARG A 25 17.85 -3.39 -1.26
N LEU A 26 17.13 -4.19 -0.52
CA LEU A 26 15.69 -4.21 -0.73
C LEU A 26 15.13 -2.94 -0.08
N GLN A 27 14.06 -2.37 -0.61
CA GLN A 27 13.51 -1.12 -0.04
C GLN A 27 12.06 -1.30 0.32
N THR A 28 11.63 -0.82 1.47
CA THR A 28 10.32 -1.04 1.95
C THR A 28 9.56 0.29 1.84
N PHE A 29 8.26 0.26 2.07
CA PHE A 29 7.40 1.42 1.83
C PHE A 29 6.85 1.91 3.14
N ALA A 30 6.34 3.14 3.15
CA ALA A 30 5.64 3.66 4.29
C ALA A 30 4.43 4.39 3.75
N PHE A 31 3.29 4.21 4.35
CA PHE A 31 2.08 4.89 3.89
C PHE A 31 1.36 5.52 5.02
N SER A 32 0.58 6.54 4.72
CA SER A 32 -0.31 7.12 5.68
C SER A 32 -1.72 6.94 5.13
N VAL A 33 -2.59 6.28 5.84
CA VAL A 33 -3.93 6.07 5.36
C VAL A 33 -4.92 6.51 6.39
N ARG A 34 -6.00 7.24 6.01
CA ARG A 34 -6.85 7.87 6.99
C ARG A 34 -8.18 7.12 7.11
N TRP A 35 -8.69 7.14 8.34
CA TRP A 35 -9.91 6.40 8.71
C TRP A 35 -11.11 7.31 8.92
N SER A 36 -12.29 6.87 8.39
CA SER A 36 -13.54 7.66 8.47
C SER A 36 -13.86 8.04 9.91
N ASP A 37 -13.37 7.26 10.84
CA ASP A 37 -13.61 7.55 12.24
C ASP A 37 -12.76 8.74 12.65
N GLY A 38 -11.99 9.21 11.70
CA GLY A 38 -11.15 10.37 11.88
C GLY A 38 -9.73 9.95 12.11
N SER A 39 -9.55 8.67 12.35
CA SER A 39 -8.22 8.19 12.70
C SER A 39 -7.32 8.26 11.49
N ASP A 40 -6.04 8.40 11.75
CA ASP A 40 -5.06 8.38 10.69
C ASP A 40 -4.15 7.20 10.95
N THR A 41 -3.49 6.71 9.96
CA THR A 41 -2.51 5.67 10.21
C THR A 41 -1.31 5.83 9.29
N PHE A 42 -0.12 5.55 9.85
CA PHE A 42 1.12 5.48 9.08
C PHE A 42 1.64 4.08 9.24
N VAL A 43 1.92 3.35 8.17
CA VAL A 43 2.44 2.01 8.32
C VAL A 43 3.52 1.75 7.26
N ARG A 44 4.34 0.74 7.50
CA ARG A 44 5.48 0.41 6.64
C ARG A 44 5.07 -0.79 5.80
N ARG A 45 5.52 -0.91 4.52
CA ARG A 45 5.16 -2.08 3.74
C ARG A 45 6.38 -2.59 2.94
N SER A 46 6.32 -3.86 2.66
CA SER A 46 7.34 -4.49 1.78
C SER A 46 6.82 -4.78 0.38
N TRP A 47 7.76 -4.95 -0.58
CA TRP A 47 7.38 -5.42 -1.91
C TRP A 47 6.82 -6.81 -1.80
N ASP A 48 7.47 -7.61 -0.96
CA ASP A 48 7.05 -8.97 -0.66
C ASP A 48 5.72 -8.93 0.06
N GLU A 49 5.62 -7.94 0.92
CA GLU A 49 4.39 -7.74 1.64
C GLU A 49 3.26 -7.31 0.73
N PHE A 50 3.49 -6.35 -0.18
CA PHE A 50 2.46 -5.97 -1.09
C PHE A 50 2.09 -7.17 -1.91
N ARG A 51 3.11 -7.84 -2.39
CA ARG A 51 2.90 -8.91 -3.34
C ARG A 51 1.98 -9.97 -2.75
N GLN A 52 2.19 -10.29 -1.48
CA GLN A 52 1.28 -11.21 -0.81
C GLN A 52 -0.07 -10.51 -0.57
N LEU A 53 0.05 -9.25 -0.19
CA LEU A 53 -1.16 -8.45 0.16
C LEU A 53 -2.10 -8.31 -1.06
N LYS A 54 -1.50 -7.97 -2.17
CA LYS A 54 -2.22 -7.85 -3.43
C LYS A 54 -2.75 -9.23 -3.82
N LYS A 55 -1.87 -10.22 -3.68
CA LYS A 55 -2.24 -11.58 -4.08
C LYS A 55 -3.39 -12.04 -3.18
N THR A 56 -3.25 -11.75 -1.91
CA THR A 56 -4.21 -12.15 -0.90
C THR A 56 -5.57 -11.50 -1.13
N LEU A 57 -5.60 -10.19 -1.43
CA LEU A 57 -6.87 -9.58 -1.75
C LEU A 57 -7.39 -10.27 -2.99
N LYS A 58 -6.49 -10.47 -3.92
CA LYS A 58 -6.80 -11.06 -5.19
C LYS A 58 -7.44 -12.43 -5.01
N GLU A 59 -7.13 -13.12 -3.92
CA GLU A 59 -7.84 -14.37 -3.63
C GLU A 59 -9.28 -14.10 -3.28
N THR A 60 -9.53 -13.04 -2.52
CA THR A 60 -10.92 -12.69 -2.17
C THR A 60 -11.68 -12.17 -3.41
N PHE A 61 -11.02 -11.40 -4.28
CA PHE A 61 -11.66 -10.92 -5.51
C PHE A 61 -10.82 -11.37 -6.70
N PRO A 62 -11.03 -12.58 -7.19
CA PRO A 62 -10.16 -13.17 -8.26
C PRO A 62 -10.14 -12.29 -9.51
N VAL A 63 -8.95 -12.10 -10.07
CA VAL A 63 -8.75 -11.31 -11.30
C VAL A 63 -7.35 -11.61 -11.83
N GLU A 64 -6.35 -11.08 -11.12
CA GLU A 64 -4.92 -11.27 -11.45
C GLU A 64 -4.65 -11.42 -12.94
N ALA A 65 -4.94 -12.62 -13.48
CA ALA A 65 -4.69 -12.88 -14.90
C ALA A 65 -5.93 -12.64 -15.76
N GLY A 66 -7.07 -12.47 -15.10
CA GLY A 66 -8.32 -12.10 -15.76
C GLY A 66 -8.92 -13.27 -16.51
N LEU A 67 -8.35 -14.44 -16.35
CA LEU A 67 -8.89 -15.61 -17.02
C LEU A 67 -10.23 -16.01 -16.40
N LEU A 68 -10.26 -15.99 -15.07
CA LEU A 68 -11.43 -16.45 -14.33
C LEU A 68 -12.63 -15.52 -14.52
N ARG A 69 -12.36 -14.21 -14.58
CA ARG A 69 -13.43 -13.24 -14.78
C ARG A 69 -12.97 -12.11 -15.71
N ARG A 70 -13.94 -11.48 -16.35
CA ARG A 70 -13.69 -10.31 -17.16
C ARG A 70 -13.26 -9.15 -16.27
N SER A 71 -13.61 -9.26 -14.99
CA SER A 71 -13.50 -8.16 -14.02
C SER A 71 -12.09 -7.55 -13.93
N ASP A 72 -11.43 -7.35 -15.06
CA ASP A 72 -10.15 -6.67 -15.05
C ASP A 72 -10.41 -5.20 -14.77
N ARG A 73 -11.67 -4.87 -14.79
CA ARG A 73 -12.15 -3.56 -14.47
C ARG A 73 -11.77 -3.28 -13.04
N VAL A 74 -11.79 -4.34 -12.23
CA VAL A 74 -11.62 -4.22 -10.79
C VAL A 74 -10.40 -5.03 -10.31
N LEU A 75 -9.61 -4.40 -9.44
CA LEU A 75 -8.46 -5.07 -8.81
C LEU A 75 -7.38 -5.46 -9.82
N PRO A 76 -6.94 -4.51 -10.60
CA PRO A 76 -5.75 -4.68 -11.50
C PRO A 76 -4.45 -4.68 -10.71
N LYS A 77 -3.37 -5.09 -11.34
CA LYS A 77 -2.08 -5.06 -10.68
C LYS A 77 -1.77 -3.63 -10.23
N LEU A 78 -0.50 -3.35 -9.95
CA LEU A 78 -0.11 -1.98 -9.68
C LEU A 78 -0.01 -1.27 -10.99
N LEU A 79 -0.57 -0.06 -11.05
CA LEU A 79 -0.55 0.69 -12.28
C LEU A 79 0.73 1.46 -12.38
N ASP A 80 1.45 1.25 -13.48
CA ASP A 80 2.79 1.76 -13.57
C ASP A 80 2.85 2.99 -14.44
N ALA A 81 3.37 4.06 -13.86
CA ALA A 81 3.46 5.32 -14.56
C ALA A 81 4.49 5.15 -15.65
N PRO A 82 4.52 6.05 -16.57
CA PRO A 82 5.28 5.84 -17.82
C PRO A 82 6.74 5.52 -17.54
N LEU A 83 7.24 4.55 -18.26
CA LEU A 83 8.65 4.20 -18.26
C LEU A 83 9.27 4.22 -16.86
N LEU A 84 9.09 3.12 -16.17
CA LEU A 84 9.78 2.85 -14.92
C LEU A 84 10.21 1.39 -15.01
N GLY A 85 11.05 0.91 -14.10
CA GLY A 85 11.48 -0.46 -14.19
C GLY A 85 12.59 -0.67 -13.19
N ARG A 86 13.19 -1.82 -13.21
CA ARG A 86 14.14 -2.16 -12.16
C ARG A 86 15.25 -1.13 -12.08
N VAL A 87 15.59 -0.52 -13.20
CA VAL A 87 16.70 0.47 -13.25
C VAL A 87 16.83 1.24 -11.93
N GLY A 88 17.72 0.75 -11.09
CA GLY A 88 17.92 1.33 -9.78
C GLY A 88 16.66 1.14 -8.93
N ARG A 89 16.71 0.18 -8.03
CA ARG A 89 15.57 -0.20 -7.24
C ARG A 89 15.09 0.94 -6.36
N THR A 90 16.00 1.68 -5.79
CA THR A 90 15.63 2.77 -4.91
C THR A 90 14.85 3.88 -5.69
N SER A 91 15.24 4.10 -6.94
CA SER A 91 14.50 4.98 -7.81
C SER A 91 13.05 4.45 -7.97
N ARG A 92 12.90 3.13 -8.09
CA ARG A 92 11.56 2.55 -8.08
C ARG A 92 10.94 2.84 -6.76
N GLY A 93 11.76 2.87 -5.70
CA GLY A 93 11.20 2.89 -4.38
C GLY A 93 10.24 4.03 -4.29
N LEU A 94 10.64 5.22 -4.67
CA LEU A 94 9.73 6.34 -4.68
C LEU A 94 8.64 6.22 -5.73
N ALA A 95 8.93 5.61 -6.89
CA ALA A 95 7.89 5.49 -7.91
C ALA A 95 6.79 4.64 -7.34
N ARG A 96 7.19 3.57 -6.72
CA ARG A 96 6.28 2.65 -6.15
C ARG A 96 5.43 3.28 -5.05
N LEU A 97 5.96 4.18 -4.23
CA LEU A 97 5.10 4.82 -3.24
C LEU A 97 4.00 5.52 -3.96
N GLN A 98 4.37 6.18 -5.02
CA GLN A 98 3.41 6.91 -5.80
C GLN A 98 2.39 5.93 -6.43
N LEU A 99 2.89 4.84 -7.02
CA LEU A 99 1.99 3.84 -7.60
C LEU A 99 1.13 3.19 -6.53
N LEU A 100 1.75 2.82 -5.43
CA LEU A 100 1.05 2.11 -4.38
C LEU A 100 -0.03 3.02 -3.81
N GLU A 101 0.31 4.31 -3.61
CA GLU A 101 -0.69 5.23 -3.09
C GLU A 101 -1.82 5.25 -4.08
N THR A 102 -1.48 5.37 -5.33
CA THR A 102 -2.46 5.44 -6.38
C THR A 102 -3.29 4.17 -6.37
N TYR A 103 -2.62 3.06 -6.21
CA TYR A 103 -3.27 1.76 -6.20
C TYR A 103 -4.28 1.68 -5.06
N SER A 104 -3.85 2.08 -3.89
CA SER A 104 -4.74 2.11 -2.76
C SER A 104 -5.90 3.05 -3.03
N ARG A 105 -5.56 4.17 -3.65
CA ARG A 105 -6.52 5.17 -4.06
C ARG A 105 -7.50 4.58 -5.06
N ARG A 106 -7.02 3.73 -5.96
CA ARG A 106 -7.93 3.02 -6.85
C ARG A 106 -8.85 2.09 -6.06
N LEU A 107 -8.29 1.39 -5.09
CA LEU A 107 -9.03 0.42 -4.30
C LEU A 107 -10.15 1.15 -3.59
N LEU A 108 -9.85 2.35 -3.10
CA LEU A 108 -10.80 3.18 -2.39
C LEU A 108 -11.81 3.80 -3.38
N ALA A 109 -11.56 3.61 -4.70
CA ALA A 109 -12.69 3.91 -5.61
C ALA A 109 -13.13 2.68 -6.40
N THR A 110 -12.20 1.85 -6.85
CA THR A 110 -12.54 0.78 -7.78
C THR A 110 -13.41 -0.29 -7.23
N ALA A 111 -13.48 -0.45 -5.95
CA ALA A 111 -14.58 -1.26 -5.46
C ALA A 111 -14.76 -1.03 -3.98
N GLU A 112 -16.00 -0.77 -3.55
CA GLU A 112 -16.29 -0.75 -2.12
C GLU A 112 -16.04 -2.14 -1.57
N ARG A 113 -16.26 -3.08 -2.48
CA ARG A 113 -16.16 -4.45 -2.07
C ARG A 113 -14.74 -4.64 -1.59
N VAL A 114 -13.81 -4.14 -2.37
CA VAL A 114 -12.40 -4.02 -2.06
C VAL A 114 -12.04 -2.81 -1.17
N ALA A 115 -12.95 -1.85 -1.06
CA ALA A 115 -12.58 -0.65 -0.30
C ALA A 115 -12.48 -0.95 1.19
N ARG A 116 -13.37 -1.81 1.66
CA ARG A 116 -13.34 -2.21 3.07
C ARG A 116 -13.03 -3.68 3.29
N SER A 117 -13.07 -4.51 2.26
CA SER A 117 -13.13 -5.95 2.52
C SER A 117 -12.14 -6.37 3.58
N PRO A 118 -12.43 -7.40 4.33
CA PRO A 118 -11.68 -7.73 5.57
C PRO A 118 -10.20 -7.71 5.27
N THR A 119 -9.87 -7.96 4.03
CA THR A 119 -8.52 -7.83 3.62
C THR A 119 -8.04 -6.38 3.76
N ILE A 120 -8.90 -5.35 3.57
CA ILE A 120 -8.42 -4.00 3.71
C ILE A 120 -8.01 -3.78 5.13
N THR A 121 -8.84 -4.26 6.02
CA THR A 121 -8.72 -3.91 7.40
C THR A 121 -7.33 -4.27 7.86
N GLY A 122 -6.85 -5.44 7.45
CA GLY A 122 -5.49 -5.77 7.79
C GLY A 122 -4.55 -4.76 7.16
N PHE A 123 -4.68 -4.50 5.85
CA PHE A 123 -3.66 -3.71 5.14
C PHE A 123 -3.46 -2.28 5.69
N PHE A 124 -4.50 -1.51 5.92
CA PHE A 124 -4.26 -0.09 6.36
C PHE A 124 -3.88 -0.07 7.83
N ALA A 125 -4.10 -1.19 8.42
CA ALA A 125 -3.68 -1.42 9.78
C ALA A 125 -2.19 -1.76 9.81
N PRO A 126 -1.51 -1.45 10.89
CA PRO A 126 -0.17 -2.02 11.14
C PRO A 126 -0.37 -3.51 11.23
N GLN A 127 0.56 -4.35 10.84
CA GLN A 127 0.36 -5.77 10.98
C GLN A 127 1.47 -6.15 11.95
N PRO A 128 1.46 -7.28 12.57
CA PRO A 128 2.39 -7.52 13.72
C PRO A 128 3.82 -7.05 13.38
N LEU A 129 4.23 -7.22 12.15
CA LEU A 129 5.53 -6.74 11.70
C LEU A 129 5.64 -5.21 11.82
N ASP A 130 4.51 -4.53 11.76
CA ASP A 130 4.52 -3.11 12.02
C ASP A 130 4.49 -2.89 13.52
N LEU A 131 4.21 -3.96 14.25
CA LEU A 131 4.11 -3.92 15.71
C LEU A 131 5.39 -4.48 16.34
N GLU A 132 6.42 -4.73 15.52
CA GLU A 132 7.72 -5.07 16.13
C GLU A 132 8.56 -3.82 16.23
N PRO A 133 8.86 -3.39 17.42
CA PRO A 133 9.56 -2.10 17.65
C PRO A 133 10.97 -2.06 17.03
N ALA A 134 11.59 -3.23 16.82
CA ALA A 134 12.94 -3.23 16.27
C ALA A 134 12.93 -3.27 14.74
N LEU A 135 13.54 -2.25 14.15
CA LEU A 135 13.60 -2.14 12.69
C LEU A 135 14.85 -2.81 12.17
N PRO A 136 14.77 -3.40 10.99
CA PRO A 136 15.93 -4.09 10.36
C PRO A 136 17.21 -3.23 10.47
N PRO A 137 18.30 -3.82 10.92
CA PRO A 137 19.59 -3.07 11.12
C PRO A 137 20.08 -2.45 9.81
N GLY A 138 20.65 -1.26 9.91
CA GLY A 138 21.14 -0.56 8.73
C GLY A 138 20.00 0.08 7.99
N SER A 139 18.85 0.18 8.66
CA SER A 139 17.66 0.70 8.00
C SER A 139 17.79 2.20 7.77
N ARG A 140 17.34 2.60 6.59
CA ARG A 140 17.47 3.95 6.13
C ARG A 140 16.14 4.40 5.59
N VAL A 141 15.67 5.54 6.05
CA VAL A 141 14.34 5.99 5.74
C VAL A 141 14.36 7.29 4.96
N ILE A 142 13.63 7.33 3.86
CA ILE A 142 13.53 8.54 3.07
C ILE A 142 12.26 9.23 3.50
N LEU A 143 12.40 10.46 3.93
CA LEU A 143 11.30 11.17 4.56
C LEU A 143 10.72 12.33 3.70
N PRO A 144 9.61 12.06 3.04
CA PRO A 144 8.72 13.13 2.48
C PRO A 144 8.18 13.95 3.65
N THR A 145 7.85 15.21 3.45
CA THR A 145 7.25 15.96 4.52
C THR A 145 5.82 15.45 4.78
N PRO A 146 5.58 14.78 5.88
CA PRO A 146 4.27 14.12 6.14
C PRO A 146 3.13 15.12 6.14
N GLU A 147 1.98 14.71 5.62
CA GLU A 147 0.83 15.57 5.59
C GLU A 147 0.06 15.42 6.88
N GLU A 148 0.73 15.68 8.00
CA GLU A 148 0.09 15.55 9.27
C GLU A 148 -0.88 16.70 9.49
N GLN A 149 -2.13 16.42 9.20
CA GLN A 149 -3.21 17.39 9.28
C GLN A 149 -4.54 16.64 9.20
N ALA A 7 -19.54 5.27 14.62
CA ALA A 7 -18.99 6.62 14.87
C ALA A 7 -17.64 6.76 14.17
N GLY A 8 -17.64 6.89 12.86
CA GLY A 8 -16.41 7.01 12.10
C GLY A 8 -15.95 5.61 11.67
N PRO A 9 -16.53 5.07 10.63
CA PRO A 9 -16.21 3.67 10.19
C PRO A 9 -14.79 3.51 9.68
N ARG A 10 -14.23 2.35 9.93
CA ARG A 10 -12.86 2.03 9.54
C ARG A 10 -12.75 1.73 8.05
N TYR A 11 -13.37 2.55 7.20
CA TYR A 11 -13.16 2.45 5.76
C TYR A 11 -12.31 3.65 5.36
N PRO A 12 -11.14 3.43 4.78
CA PRO A 12 -10.14 4.52 4.70
C PRO A 12 -10.59 5.75 3.90
N VAL A 13 -10.26 6.88 4.50
CA VAL A 13 -10.72 8.14 3.96
C VAL A 13 -9.79 8.53 2.87
N SER A 14 -8.51 8.38 3.18
CA SER A 14 -7.44 8.63 2.25
C SER A 14 -6.20 7.84 2.69
N VAL A 15 -5.41 7.40 1.72
CA VAL A 15 -4.16 6.71 2.01
C VAL A 15 -3.11 7.26 1.10
N GLN A 16 -1.89 7.53 1.57
CA GLN A 16 -0.83 7.99 0.70
C GLN A 16 0.48 7.37 1.20
N GLY A 17 1.50 7.37 0.40
CA GLY A 17 2.80 6.85 0.85
C GLY A 17 3.33 7.72 1.98
N ALA A 18 3.77 7.07 3.06
CA ALA A 18 4.28 7.80 4.23
C ALA A 18 5.76 8.08 4.12
N ALA A 19 6.51 7.09 3.62
CA ALA A 19 7.97 7.19 3.64
C ALA A 19 8.63 6.02 2.92
N LEU A 20 9.93 6.04 2.95
CA LEU A 20 10.73 4.92 2.50
C LEU A 20 11.64 4.48 3.66
N VAL A 21 11.58 3.18 4.04
CA VAL A 21 12.58 2.60 4.97
C VAL A 21 13.32 1.54 4.22
N GLN A 22 14.62 1.65 4.10
CA GLN A 22 15.41 0.62 3.48
C GLN A 22 16.50 0.14 4.44
N ILE A 23 16.76 -1.16 4.61
CA ILE A 23 18.10 -1.52 5.05
C ILE A 23 18.69 -1.86 3.71
N LYS A 24 19.55 -0.99 3.22
CA LYS A 24 19.51 -0.84 1.77
C LYS A 24 20.39 -1.77 0.94
N ARG A 25 19.79 -2.92 0.67
CA ARG A 25 19.87 -3.53 -0.67
C ARG A 25 18.42 -3.49 -1.22
N LEU A 26 17.54 -3.48 -0.24
CA LEU A 26 16.10 -3.53 -0.40
C LEU A 26 15.55 -2.27 0.21
N GLN A 27 14.44 -1.72 -0.28
CA GLN A 27 13.87 -0.51 0.31
C GLN A 27 12.37 -0.75 0.59
N THR A 28 11.86 -0.48 1.80
CA THR A 28 10.45 -0.72 2.09
C THR A 28 9.70 0.60 2.18
N PHE A 29 8.38 0.53 1.96
CA PHE A 29 7.64 1.75 1.65
C PHE A 29 6.53 2.02 2.64
N ALA A 30 6.56 3.22 3.14
CA ALA A 30 5.65 3.57 4.20
C ALA A 30 4.41 4.22 3.61
N PHE A 31 3.30 4.05 4.32
CA PHE A 31 2.01 4.61 3.91
C PHE A 31 1.39 5.39 5.01
N SER A 32 0.54 6.34 4.66
CA SER A 32 -0.24 7.04 5.64
C SER A 32 -1.69 6.81 5.24
N VAL A 33 -2.45 6.21 6.12
CA VAL A 33 -3.85 5.96 5.87
C VAL A 33 -4.67 6.51 7.02
N ARG A 34 -5.72 7.26 6.75
CA ARG A 34 -6.51 7.85 7.83
C ARG A 34 -7.98 7.50 7.64
N TRP A 35 -8.67 7.23 8.73
CA TRP A 35 -10.04 6.71 8.65
C TRP A 35 -11.05 7.80 9.05
N SER A 36 -12.30 7.62 8.61
CA SER A 36 -13.34 8.66 8.73
C SER A 36 -13.48 9.13 10.17
N ASP A 37 -13.10 8.29 11.09
CA ASP A 37 -13.25 8.63 12.51
C ASP A 37 -12.21 9.69 12.83
N GLY A 38 -11.43 10.04 11.82
CA GLY A 38 -10.49 11.12 11.91
C GLY A 38 -9.11 10.60 12.16
N SER A 39 -9.01 9.33 12.49
CA SER A 39 -7.72 8.79 12.84
C SER A 39 -6.84 8.76 11.62
N ASP A 40 -5.56 8.91 11.82
CA ASP A 40 -4.61 8.79 10.75
C ASP A 40 -3.71 7.64 11.11
N THR A 41 -3.19 6.97 10.14
CA THR A 41 -2.24 5.94 10.41
C THR A 41 -1.11 6.01 9.40
N PHE A 42 0.13 5.83 9.87
CA PHE A 42 1.26 5.75 8.97
C PHE A 42 2.01 4.49 9.28
N VAL A 43 2.32 3.65 8.28
CA VAL A 43 2.98 2.37 8.56
C VAL A 43 4.03 2.07 7.49
N ARG A 44 4.88 1.06 7.76
CA ARG A 44 5.97 0.69 6.84
C ARG A 44 5.46 -0.50 6.07
N ARG A 45 5.83 -0.67 4.78
CA ARG A 45 5.30 -1.79 4.03
C ARG A 45 6.43 -2.45 3.22
N SER A 46 6.20 -3.69 2.91
CA SER A 46 7.11 -4.40 2.03
C SER A 46 6.51 -4.59 0.65
N TRP A 47 7.37 -4.64 -0.37
CA TRP A 47 6.93 -4.97 -1.71
C TRP A 47 6.41 -6.39 -1.68
N ASP A 48 7.13 -7.22 -0.92
CA ASP A 48 6.77 -8.59 -0.66
C ASP A 48 5.48 -8.65 0.11
N GLU A 49 5.33 -7.69 0.99
CA GLU A 49 4.08 -7.58 1.73
C GLU A 49 2.91 -7.27 0.80
N PHE A 50 3.05 -6.35 -0.16
CA PHE A 50 1.98 -6.16 -1.13
C PHE A 50 1.81 -7.38 -2.00
N ARG A 51 2.89 -7.91 -2.56
CA ARG A 51 2.72 -8.95 -3.57
C ARG A 51 2.04 -10.14 -2.97
N GLN A 52 2.38 -10.44 -1.73
CA GLN A 52 1.62 -11.46 -1.07
C GLN A 52 0.21 -10.95 -0.91
N LEU A 53 0.04 -9.69 -0.46
CA LEU A 53 -1.32 -9.17 -0.24
C LEU A 53 -2.15 -9.14 -1.51
N LYS A 54 -1.56 -8.64 -2.58
CA LYS A 54 -2.30 -8.44 -3.80
C LYS A 54 -2.77 -9.78 -4.28
N LYS A 55 -1.87 -10.74 -4.23
CA LYS A 55 -2.23 -12.06 -4.62
C LYS A 55 -3.36 -12.51 -3.77
N THR A 56 -3.22 -12.27 -2.49
CA THR A 56 -4.22 -12.67 -1.54
C THR A 56 -5.56 -11.99 -1.85
N LEU A 57 -5.58 -10.68 -2.16
CA LEU A 57 -6.84 -10.07 -2.52
C LEU A 57 -7.35 -10.70 -3.81
N LYS A 58 -6.48 -10.83 -4.77
CA LYS A 58 -6.85 -11.31 -6.08
C LYS A 58 -7.39 -12.73 -6.03
N GLU A 59 -6.97 -13.49 -5.03
CA GLU A 59 -7.58 -14.82 -4.84
C GLU A 59 -9.06 -14.60 -4.55
N THR A 60 -9.35 -13.58 -3.76
CA THR A 60 -10.73 -13.19 -3.46
C THR A 60 -11.41 -12.46 -4.63
N PHE A 61 -10.65 -11.81 -5.53
CA PHE A 61 -11.26 -11.13 -6.67
C PHE A 61 -10.79 -11.78 -7.97
N PRO A 62 -11.53 -12.74 -8.49
CA PRO A 62 -11.16 -13.47 -9.75
C PRO A 62 -11.17 -12.53 -10.99
N VAL A 63 -11.12 -11.26 -10.72
CA VAL A 63 -11.10 -10.23 -11.77
C VAL A 63 -9.87 -10.40 -12.65
N GLU A 64 -8.75 -10.64 -11.99
CA GLU A 64 -7.45 -10.54 -12.63
C GLU A 64 -7.44 -10.97 -14.08
N ALA A 65 -7.99 -12.13 -14.42
CA ALA A 65 -7.98 -12.55 -15.82
C ALA A 65 -9.24 -12.09 -16.56
N GLY A 66 -10.23 -11.60 -15.81
CA GLY A 66 -11.46 -11.05 -16.37
C GLY A 66 -12.30 -12.11 -17.05
N LEU A 67 -11.91 -13.38 -16.94
CA LEU A 67 -12.76 -14.44 -17.47
C LEU A 67 -13.92 -14.72 -16.52
N LEU A 68 -13.60 -14.86 -15.23
CA LEU A 68 -14.62 -15.21 -14.23
C LEU A 68 -15.62 -14.09 -14.00
N ARG A 69 -15.10 -12.86 -13.98
CA ARG A 69 -15.94 -11.70 -13.75
C ARG A 69 -15.52 -10.54 -14.63
N ARG A 70 -16.47 -9.69 -14.96
CA ARG A 70 -16.18 -8.46 -15.68
C ARG A 70 -15.92 -7.30 -14.73
N SER A 71 -15.75 -7.61 -13.46
CA SER A 71 -15.51 -6.57 -12.46
C SER A 71 -14.12 -5.96 -12.67
N ASP A 72 -13.62 -6.02 -13.89
CA ASP A 72 -12.33 -5.41 -14.20
C ASP A 72 -12.44 -3.91 -14.10
N ARG A 73 -13.66 -3.42 -14.29
CA ARG A 73 -13.89 -1.98 -14.15
C ARG A 73 -13.61 -1.56 -12.73
N VAL A 74 -14.10 -2.35 -11.78
CA VAL A 74 -13.94 -1.99 -10.38
C VAL A 74 -12.55 -2.37 -9.84
N LEU A 75 -12.00 -3.50 -10.32
CA LEU A 75 -10.70 -3.94 -9.83
C LEU A 75 -9.62 -3.61 -10.86
N PRO A 76 -8.90 -2.54 -10.62
CA PRO A 76 -7.82 -2.06 -11.53
C PRO A 76 -6.57 -2.96 -11.51
N LYS A 77 -5.79 -2.94 -12.60
CA LYS A 77 -4.53 -3.67 -12.64
C LYS A 77 -3.37 -2.76 -12.29
N LEU A 78 -2.38 -3.29 -11.62
CA LEU A 78 -1.22 -2.52 -11.20
C LEU A 78 -0.25 -2.34 -12.35
N LEU A 79 0.30 -1.16 -12.45
CA LEU A 79 1.27 -0.86 -13.49
C LEU A 79 2.60 -1.36 -13.06
N ASP A 80 3.43 -1.69 -14.02
CA ASP A 80 4.77 -2.09 -13.71
C ASP A 80 5.72 -1.02 -14.19
N ALA A 81 6.58 -0.60 -13.30
CA ALA A 81 7.64 0.28 -13.69
C ALA A 81 8.69 -0.57 -14.36
N PRO A 82 8.98 -0.34 -15.61
CA PRO A 82 9.91 -1.24 -16.34
C PRO A 82 11.23 -1.36 -15.60
N LEU A 83 11.73 -2.59 -15.57
CA LEU A 83 13.02 -2.91 -14.90
C LEU A 83 13.43 -1.86 -13.83
N LEU A 84 13.35 -2.27 -12.56
CA LEU A 84 13.68 -1.39 -11.43
C LEU A 84 15.15 -1.46 -11.06
N GLY A 85 15.89 -2.25 -11.81
CA GLY A 85 17.36 -2.27 -11.65
C GLY A 85 17.95 -0.95 -12.11
N ARG A 86 17.07 0.02 -12.33
CA ARG A 86 17.41 1.27 -12.96
C ARG A 86 18.04 2.32 -12.00
N VAL A 87 19.32 2.21 -11.66
CA VAL A 87 20.01 3.30 -10.95
C VAL A 87 19.25 3.89 -9.76
N GLY A 88 18.34 4.83 -10.01
CA GLY A 88 17.70 5.57 -8.93
C GLY A 88 17.03 4.65 -7.96
N ARG A 89 17.71 4.39 -6.82
CA ARG A 89 17.18 3.46 -5.85
C ARG A 89 15.87 4.01 -5.32
N THR A 90 15.86 5.31 -5.05
CA THR A 90 14.69 6.00 -4.59
C THR A 90 13.63 6.06 -5.69
N SER A 91 14.07 6.16 -6.94
CA SER A 91 13.14 6.17 -8.06
C SER A 91 12.30 4.90 -8.02
N ARG A 92 12.92 3.80 -7.61
CA ARG A 92 12.20 2.53 -7.45
C ARG A 92 11.17 2.72 -6.35
N GLY A 93 11.57 3.49 -5.37
CA GLY A 93 10.69 3.77 -4.24
C GLY A 93 9.44 4.47 -4.75
N LEU A 94 9.65 5.48 -5.54
CA LEU A 94 8.51 6.21 -6.12
C LEU A 94 7.69 5.30 -7.04
N ALA A 95 8.37 4.54 -7.86
CA ALA A 95 7.65 3.72 -8.82
C ALA A 95 6.76 2.74 -8.05
N ARG A 96 7.39 2.09 -7.11
CA ARG A 96 6.71 1.11 -6.27
C ARG A 96 5.62 1.77 -5.39
N LEU A 97 5.94 2.92 -4.79
CA LEU A 97 4.97 3.68 -3.99
C LEU A 97 3.80 4.16 -4.81
N GLN A 98 4.10 4.67 -6.00
CA GLN A 98 3.06 5.28 -6.79
C GLN A 98 2.04 4.25 -7.16
N LEU A 99 2.51 3.11 -7.60
CA LEU A 99 1.62 2.06 -8.05
C LEU A 99 0.76 1.62 -6.87
N LEU A 100 1.43 1.43 -5.73
CA LEU A 100 0.74 0.98 -4.54
C LEU A 100 -0.28 2.02 -4.10
N GLU A 101 0.09 3.31 -4.11
CA GLU A 101 -0.89 4.31 -3.71
C GLU A 101 -2.02 4.24 -4.65
N THR A 102 -1.71 4.14 -5.92
CA THR A 102 -2.73 4.19 -6.90
C THR A 102 -3.73 3.10 -6.61
N TYR A 103 -3.25 1.92 -6.24
CA TYR A 103 -4.17 0.88 -5.80
C TYR A 103 -4.96 1.34 -4.58
N SER A 104 -4.27 1.83 -3.56
CA SER A 104 -4.96 2.17 -2.33
C SER A 104 -5.98 3.32 -2.51
N ARG A 105 -5.53 4.40 -3.14
CA ARG A 105 -6.42 5.52 -3.42
C ARG A 105 -7.51 5.15 -4.38
N ARG A 106 -7.19 4.38 -5.40
CA ARG A 106 -8.22 4.02 -6.36
C ARG A 106 -9.25 3.11 -5.71
N LEU A 107 -8.81 2.10 -4.98
CA LEU A 107 -9.72 1.10 -4.48
C LEU A 107 -10.76 1.74 -3.59
N LEU A 108 -10.44 2.84 -2.94
CA LEU A 108 -11.46 3.50 -2.15
C LEU A 108 -12.60 3.89 -3.12
N ALA A 109 -12.20 4.32 -4.34
CA ALA A 109 -13.16 4.74 -5.39
C ALA A 109 -13.10 3.83 -6.64
N THR A 110 -12.55 2.63 -6.52
CA THR A 110 -12.61 1.68 -7.67
C THR A 110 -13.56 0.53 -7.40
N ALA A 111 -13.62 0.07 -6.14
CA ALA A 111 -14.66 -0.88 -5.79
C ALA A 111 -14.88 -0.86 -4.28
N GLU A 112 -16.14 -0.78 -3.89
CA GLU A 112 -16.51 -0.76 -2.46
C GLU A 112 -16.09 -2.07 -1.79
N ARG A 113 -16.34 -3.14 -2.53
CA ARG A 113 -16.03 -4.44 -1.96
C ARG A 113 -14.53 -4.57 -1.76
N VAL A 114 -13.72 -4.15 -2.72
CA VAL A 114 -12.26 -4.11 -2.59
C VAL A 114 -11.79 -2.90 -1.82
N ALA A 115 -12.65 -1.95 -1.65
CA ALA A 115 -12.22 -0.74 -0.96
C ALA A 115 -12.07 -1.00 0.53
N ARG A 116 -13.02 -1.80 1.05
CA ARG A 116 -13.07 -2.04 2.49
C ARG A 116 -12.78 -3.48 2.93
N SER A 117 -12.77 -4.45 2.04
CA SER A 117 -12.87 -5.82 2.57
C SER A 117 -11.93 -6.03 3.74
N PRO A 118 -12.34 -6.87 4.69
CA PRO A 118 -11.65 -6.95 6.02
C PRO A 118 -10.19 -7.13 5.77
N THR A 119 -9.92 -7.71 4.63
CA THR A 119 -8.59 -7.80 4.15
C THR A 119 -8.02 -6.39 3.95
N ILE A 120 -8.78 -5.40 3.37
CA ILE A 120 -8.19 -4.11 3.17
C ILE A 120 -7.91 -3.52 4.52
N THR A 121 -8.90 -3.64 5.36
CA THR A 121 -8.87 -3.00 6.63
C THR A 121 -7.69 -3.48 7.46
N GLY A 122 -7.44 -4.79 7.48
CA GLY A 122 -6.35 -5.29 8.32
C GLY A 122 -5.04 -4.71 7.85
N PHE A 123 -4.80 -4.80 6.56
CA PHE A 123 -3.53 -4.36 6.01
C PHE A 123 -3.20 -2.88 6.22
N PHE A 124 -4.15 -2.00 5.99
CA PHE A 124 -3.86 -0.56 6.19
C PHE A 124 -3.84 -0.24 7.67
N ALA A 125 -4.54 -1.10 8.38
CA ALA A 125 -4.45 -1.10 9.81
C ALA A 125 -3.06 -1.63 10.23
N PRO A 126 -2.33 -0.91 11.04
CA PRO A 126 -0.99 -1.37 11.56
C PRO A 126 -1.22 -2.63 12.34
N GLN A 127 -0.26 -3.54 12.45
CA GLN A 127 -0.43 -4.66 13.31
C GLN A 127 0.65 -4.47 14.38
N PRO A 128 0.55 -5.09 15.49
CA PRO A 128 1.42 -4.72 16.64
C PRO A 128 2.93 -4.68 16.29
N LEU A 129 3.43 -5.59 15.45
CA LEU A 129 4.82 -5.50 15.07
C LEU A 129 5.00 -4.32 14.14
N ASP A 130 3.91 -3.93 13.51
CA ASP A 130 4.01 -2.87 12.52
C ASP A 130 4.46 -1.62 13.20
N LEU A 131 3.88 -1.31 14.35
CA LEU A 131 4.10 -0.03 14.96
C LEU A 131 5.37 -0.01 15.77
N GLU A 132 6.13 -1.10 15.82
CA GLU A 132 7.44 -1.03 16.47
C GLU A 132 8.32 0.00 15.74
N PRO A 133 9.29 0.54 16.43
CA PRO A 133 10.17 1.62 15.90
C PRO A 133 11.05 1.13 14.74
N ALA A 134 11.58 2.09 13.98
CA ALA A 134 12.34 1.80 12.78
C ALA A 134 13.71 1.28 13.17
N LEU A 135 14.25 0.40 12.34
CA LEU A 135 15.48 -0.34 12.65
C LEU A 135 16.70 0.59 12.74
N PRO A 136 17.80 0.09 13.29
CA PRO A 136 19.08 0.87 13.48
C PRO A 136 19.41 1.88 12.35
N PRO A 137 20.46 2.65 12.56
CA PRO A 137 20.94 3.71 11.58
C PRO A 137 21.20 3.20 10.17
N GLY A 138 21.64 1.93 10.02
CA GLY A 138 21.90 1.37 8.69
C GLY A 138 20.65 1.47 7.85
N SER A 139 19.52 1.33 8.51
CA SER A 139 18.23 1.42 7.84
C SER A 139 18.05 2.90 7.48
N ARG A 140 17.41 3.22 6.35
CA ARG A 140 17.33 4.61 5.95
C ARG A 140 15.89 4.95 5.70
N VAL A 141 15.46 6.01 6.35
CA VAL A 141 14.08 6.43 6.22
C VAL A 141 13.99 7.78 5.50
N ILE A 142 13.26 7.79 4.37
CA ILE A 142 13.14 9.00 3.55
C ILE A 142 11.67 9.33 3.32
N LEU A 143 11.23 10.57 3.61
CA LEU A 143 9.84 10.96 3.40
C LEU A 143 9.55 11.14 1.92
N PRO A 144 8.35 10.84 1.51
CA PRO A 144 7.95 10.82 0.06
C PRO A 144 8.10 12.18 -0.67
N THR A 145 8.46 12.06 -1.92
CA THR A 145 8.53 13.20 -2.80
C THR A 145 7.11 13.59 -3.27
N PRO A 146 6.93 14.80 -3.76
CA PRO A 146 5.57 15.37 -4.14
C PRO A 146 4.87 14.53 -5.20
N GLU A 147 3.56 14.44 -5.09
CA GLU A 147 2.78 13.74 -6.08
C GLU A 147 2.82 14.49 -7.41
N GLU A 148 2.22 13.90 -8.42
CA GLU A 148 2.10 14.56 -9.68
C GLU A 148 1.15 15.75 -9.57
N GLN A 149 0.11 15.60 -8.75
CA GLN A 149 -0.89 16.67 -8.57
C GLN A 149 -0.64 17.41 -7.27
N ALA A 7 -13.25 9.80 16.67
CA ALA A 7 -14.21 8.67 16.57
C ALA A 7 -15.08 8.88 15.34
N GLY A 8 -15.63 7.79 14.83
CA GLY A 8 -16.46 7.87 13.63
C GLY A 8 -16.24 6.63 12.76
N PRO A 9 -16.63 6.67 11.52
CA PRO A 9 -16.56 5.47 10.61
C PRO A 9 -15.12 4.94 10.40
N ARG A 10 -14.99 3.63 10.41
CA ARG A 10 -13.69 2.99 10.22
C ARG A 10 -13.33 2.91 8.75
N TYR A 11 -14.05 3.66 7.89
CA TYR A 11 -13.74 3.65 6.46
C TYR A 11 -12.83 4.86 6.16
N PRO A 12 -11.75 4.63 5.44
CA PRO A 12 -10.64 5.63 5.34
C PRO A 12 -10.98 6.92 4.57
N VAL A 13 -10.49 8.00 5.13
CA VAL A 13 -10.67 9.32 4.52
C VAL A 13 -9.66 9.45 3.38
N SER A 14 -8.43 9.04 3.66
CA SER A 14 -7.38 9.12 2.65
C SER A 14 -6.19 8.24 3.04
N VAL A 15 -5.48 7.71 2.03
CA VAL A 15 -4.23 6.98 2.24
C VAL A 15 -3.20 7.56 1.29
N GLN A 16 -1.95 7.82 1.71
CA GLN A 16 -0.98 8.37 0.77
C GLN A 16 0.39 7.73 1.16
N GLY A 17 1.36 7.71 0.27
CA GLY A 17 2.66 7.11 0.58
C GLY A 17 3.35 7.88 1.70
N ALA A 18 3.28 7.33 2.91
CA ALA A 18 3.80 8.03 4.10
C ALA A 18 5.32 8.12 4.10
N ALA A 19 6.00 7.01 3.85
CA ALA A 19 7.44 6.99 4.01
C ALA A 19 8.09 5.93 3.16
N LEU A 20 9.40 6.02 3.12
CA LEU A 20 10.20 5.04 2.44
C LEU A 20 11.34 4.57 3.37
N VAL A 21 11.49 3.26 3.52
CA VAL A 21 12.62 2.71 4.23
C VAL A 21 13.36 1.84 3.26
N GLN A 22 14.64 2.07 3.08
CA GLN A 22 15.45 1.19 2.29
C GLN A 22 16.49 0.68 3.22
N ILE A 23 16.60 -0.60 3.45
CA ILE A 23 17.66 -1.17 4.20
C ILE A 23 18.24 -2.12 3.17
N LYS A 24 19.04 -3.11 3.56
CA LYS A 24 19.41 -4.26 2.66
C LYS A 24 18.34 -4.48 1.53
N ARG A 25 18.53 -5.40 0.63
CA ARG A 25 17.68 -5.42 -0.61
C ARG A 25 16.19 -5.67 -0.27
N LEU A 26 15.87 -5.49 1.01
CA LEU A 26 14.48 -5.37 1.39
C LEU A 26 14.22 -3.88 1.65
N GLN A 27 13.27 -3.26 0.96
CA GLN A 27 13.02 -1.82 1.11
C GLN A 27 11.53 -1.63 1.31
N THR A 28 11.12 -0.93 2.37
CA THR A 28 9.71 -0.96 2.76
C THR A 28 9.07 0.37 2.43
N PHE A 29 7.81 0.31 2.02
CA PHE A 29 7.13 1.51 1.52
C PHE A 29 5.96 1.86 2.41
N ALA A 30 5.98 3.07 2.91
CA ALA A 30 5.05 3.44 3.96
C ALA A 30 3.80 4.12 3.40
N PHE A 31 2.77 3.92 4.15
CA PHE A 31 1.50 4.57 3.88
C PHE A 31 1.11 5.48 4.98
N SER A 32 0.35 6.48 4.62
CA SER A 32 -0.24 7.37 5.56
C SER A 32 -1.72 7.27 5.31
N VAL A 33 -2.47 6.74 6.26
CA VAL A 33 -3.89 6.56 6.06
C VAL A 33 -4.59 7.22 7.21
N ARG A 34 -5.61 7.99 6.96
CA ARG A 34 -6.32 8.63 8.04
C ARG A 34 -7.78 8.27 7.91
N TRP A 35 -8.44 7.98 9.03
CA TRP A 35 -9.75 7.37 8.99
C TRP A 35 -10.86 8.35 9.34
N SER A 36 -12.04 8.07 8.80
CA SER A 36 -13.20 8.92 8.99
C SER A 36 -13.45 9.15 10.46
N ASP A 37 -13.06 8.20 11.29
CA ASP A 37 -13.31 8.35 12.72
C ASP A 37 -12.35 9.39 13.28
N GLY A 38 -11.63 10.02 12.36
CA GLY A 38 -10.75 11.14 12.67
C GLY A 38 -9.32 10.70 12.77
N SER A 39 -9.10 9.41 12.83
CA SER A 39 -7.75 8.92 13.11
C SER A 39 -6.83 9.21 11.95
N ASP A 40 -5.54 9.31 12.23
CA ASP A 40 -4.55 9.47 11.19
C ASP A 40 -3.52 8.37 11.44
N THR A 41 -3.06 7.69 10.41
CA THR A 41 -2.05 6.67 10.62
C THR A 41 -0.97 6.71 9.54
N PHE A 42 0.28 6.49 9.94
CA PHE A 42 1.34 6.28 8.98
C PHE A 42 1.96 4.92 9.29
N VAL A 43 2.04 3.99 8.34
CA VAL A 43 2.62 2.68 8.63
C VAL A 43 3.54 2.28 7.48
N ARG A 44 4.43 1.32 7.73
CA ARG A 44 5.39 0.87 6.74
C ARG A 44 4.89 -0.43 6.15
N ARG A 45 5.15 -0.63 4.86
CA ARG A 45 4.71 -1.83 4.18
C ARG A 45 5.80 -2.34 3.25
N SER A 46 5.68 -3.58 2.86
CA SER A 46 6.60 -4.10 1.86
C SER A 46 5.92 -4.23 0.51
N TRP A 47 6.71 -4.08 -0.54
CA TRP A 47 6.24 -4.30 -1.90
C TRP A 47 5.81 -5.74 -2.00
N ASP A 48 6.60 -6.57 -1.34
CA ASP A 48 6.36 -7.99 -1.18
C ASP A 48 5.10 -8.17 -0.35
N GLU A 49 4.93 -7.25 0.60
CA GLU A 49 3.70 -7.26 1.38
C GLU A 49 2.50 -6.94 0.50
N PHE A 50 2.59 -5.97 -0.44
CA PHE A 50 1.47 -5.75 -1.35
C PHE A 50 1.33 -6.97 -2.23
N ARG A 51 2.46 -7.43 -2.75
CA ARG A 51 2.44 -8.49 -3.75
C ARG A 51 1.79 -9.72 -3.16
N GLN A 52 2.15 -10.03 -1.92
CA GLN A 52 1.52 -11.16 -1.28
C GLN A 52 0.07 -10.83 -1.06
N LEU A 53 -0.21 -9.62 -0.55
CA LEU A 53 -1.59 -9.24 -0.26
C LEU A 53 -2.44 -9.24 -1.52
N LYS A 54 -1.90 -8.72 -2.58
CA LYS A 54 -2.62 -8.64 -3.84
C LYS A 54 -2.98 -10.04 -4.30
N LYS A 55 -2.01 -10.92 -4.20
CA LYS A 55 -2.24 -12.29 -4.56
C LYS A 55 -3.35 -12.84 -3.68
N THR A 56 -3.24 -12.55 -2.42
CA THR A 56 -4.18 -13.03 -1.47
C THR A 56 -5.60 -12.49 -1.78
N LEU A 57 -5.74 -11.20 -2.09
CA LEU A 57 -7.05 -10.69 -2.44
C LEU A 57 -7.55 -11.32 -3.72
N LYS A 58 -6.71 -11.34 -4.76
CA LYS A 58 -7.18 -11.72 -6.09
C LYS A 58 -7.63 -13.17 -6.11
N GLU A 59 -7.07 -13.96 -5.22
CA GLU A 59 -7.58 -15.31 -5.05
C GLU A 59 -9.03 -15.22 -4.56
N THR A 60 -9.29 -14.26 -3.67
CA THR A 60 -10.66 -13.99 -3.22
C THR A 60 -11.42 -13.07 -4.19
N PHE A 61 -10.69 -12.36 -5.07
CA PHE A 61 -11.28 -11.40 -6.01
C PHE A 61 -10.80 -11.74 -7.41
N PRO A 62 -11.43 -12.69 -8.04
CA PRO A 62 -10.97 -13.16 -9.38
C PRO A 62 -11.02 -12.05 -10.43
N VAL A 63 -9.84 -11.69 -10.94
CA VAL A 63 -9.72 -10.70 -12.03
C VAL A 63 -8.37 -10.90 -12.73
N GLU A 64 -7.30 -10.28 -12.16
CA GLU A 64 -5.90 -10.36 -12.68
C GLU A 64 -5.81 -10.54 -14.21
N ALA A 65 -6.10 -11.74 -14.67
CA ALA A 65 -5.98 -12.06 -16.11
C ALA A 65 -7.21 -11.53 -16.86
N GLY A 66 -8.20 -11.12 -16.11
CA GLY A 66 -9.39 -10.49 -16.66
C GLY A 66 -10.21 -11.47 -17.47
N LEU A 67 -9.80 -12.75 -17.44
CA LEU A 67 -10.59 -13.79 -18.07
C LEU A 67 -11.89 -13.92 -17.34
N LEU A 68 -11.79 -13.87 -16.02
CA LEU A 68 -12.91 -14.05 -15.13
C LEU A 68 -13.90 -12.91 -15.27
N ARG A 69 -13.40 -11.69 -15.44
CA ARG A 69 -14.27 -10.50 -15.60
C ARG A 69 -13.68 -9.52 -16.62
N ARG A 70 -14.56 -8.91 -17.41
CA ARG A 70 -14.12 -7.94 -18.41
C ARG A 70 -13.45 -6.75 -17.71
N SER A 71 -14.08 -6.26 -16.65
CA SER A 71 -13.56 -5.10 -15.92
C SER A 71 -12.12 -5.35 -15.53
N ASP A 72 -11.21 -4.94 -16.38
CA ASP A 72 -9.83 -5.28 -16.14
C ASP A 72 -9.26 -4.46 -15.01
N ARG A 73 -9.59 -3.16 -14.97
CA ARG A 73 -8.90 -2.27 -14.06
C ARG A 73 -9.08 -2.61 -12.59
N VAL A 74 -10.25 -3.07 -12.20
CA VAL A 74 -10.50 -3.26 -10.78
C VAL A 74 -9.93 -4.61 -10.33
N LEU A 75 -9.01 -4.55 -9.38
CA LEU A 75 -8.24 -5.72 -8.97
C LEU A 75 -7.39 -6.21 -10.15
N PRO A 76 -6.66 -5.30 -10.76
CA PRO A 76 -5.81 -5.57 -11.95
C PRO A 76 -4.45 -6.03 -11.51
N LYS A 77 -3.49 -5.97 -12.40
CA LYS A 77 -2.09 -6.14 -12.03
C LYS A 77 -1.69 -4.98 -11.08
N LEU A 78 -0.63 -5.20 -10.31
CA LEU A 78 -0.12 -4.16 -9.41
C LEU A 78 0.70 -3.19 -10.27
N LEU A 79 0.57 -1.89 -10.02
CA LEU A 79 1.23 -0.93 -10.89
C LEU A 79 2.67 -0.88 -10.45
N ASP A 80 3.58 -0.96 -11.43
CA ASP A 80 4.99 -0.88 -11.14
C ASP A 80 5.71 -0.11 -12.24
N ALA A 81 6.77 0.58 -11.88
CA ALA A 81 7.57 1.31 -12.87
C ALA A 81 8.53 0.35 -13.59
N PRO A 82 9.20 0.83 -14.62
CA PRO A 82 10.18 0.02 -15.40
C PRO A 82 11.34 -0.47 -14.52
N LEU A 83 11.86 -1.65 -14.83
CA LEU A 83 13.00 -2.18 -14.09
C LEU A 83 14.27 -1.45 -14.53
N LEU A 84 14.26 -0.14 -14.38
CA LEU A 84 15.40 0.68 -14.76
C LEU A 84 16.61 0.34 -13.92
N GLY A 85 16.36 -0.01 -12.68
CA GLY A 85 17.43 -0.37 -11.75
C GLY A 85 17.12 0.14 -10.37
N ARG A 86 17.95 -0.21 -9.39
CA ARG A 86 17.78 0.37 -8.08
C ARG A 86 18.14 1.86 -8.15
N VAL A 87 19.23 2.18 -8.87
CA VAL A 87 19.74 3.55 -9.02
C VAL A 87 19.41 4.43 -7.80
N GLY A 88 18.67 5.50 -8.02
CA GLY A 88 18.39 6.45 -6.96
C GLY A 88 17.34 5.89 -6.05
N ARG A 89 17.67 5.71 -4.77
CA ARG A 89 16.73 5.10 -3.87
C ARG A 89 15.54 6.01 -3.76
N THR A 90 15.82 7.30 -3.68
CA THR A 90 14.78 8.28 -3.45
C THR A 90 13.82 8.39 -4.65
N SER A 91 14.35 8.55 -5.85
CA SER A 91 13.50 8.67 -7.03
C SER A 91 12.67 7.40 -7.20
N ARG A 92 13.34 6.28 -7.03
CA ARG A 92 12.72 4.97 -7.01
C ARG A 92 11.78 4.87 -5.81
N GLY A 93 12.22 5.47 -4.75
CA GLY A 93 11.42 5.48 -3.52
C GLY A 93 10.08 6.17 -3.80
N LEU A 94 10.14 7.34 -4.39
CA LEU A 94 8.93 8.07 -4.76
C LEU A 94 8.11 7.30 -5.78
N ALA A 95 8.79 6.77 -6.76
CA ALA A 95 8.09 6.09 -7.88
C ALA A 95 7.34 4.91 -7.28
N ARG A 96 8.08 4.18 -6.49
CA ARG A 96 7.60 2.95 -5.89
C ARG A 96 6.45 3.31 -4.93
N LEU A 97 6.62 4.41 -4.18
CA LEU A 97 5.58 4.89 -3.28
C LEU A 97 4.32 5.30 -4.04
N GLN A 98 4.50 6.03 -5.13
CA GLN A 98 3.36 6.57 -5.86
C GLN A 98 2.52 5.48 -6.46
N LEU A 99 3.19 4.50 -7.07
CA LEU A 99 2.45 3.46 -7.73
C LEU A 99 1.65 2.73 -6.67
N LEU A 100 2.31 2.48 -5.54
CA LEU A 100 1.64 1.79 -4.47
C LEU A 100 0.46 2.63 -4.01
N GLU A 101 0.65 3.96 -3.92
CA GLU A 101 -0.46 4.79 -3.48
C GLU A 101 -1.58 4.60 -4.45
N THR A 102 -1.27 4.66 -5.72
CA THR A 102 -2.29 4.67 -6.71
C THR A 102 -3.07 3.39 -6.65
N TYR A 103 -2.37 2.29 -6.56
CA TYR A 103 -3.02 1.01 -6.49
C TYR A 103 -3.87 0.96 -5.22
N SER A 104 -3.30 1.37 -4.10
CA SER A 104 -4.02 1.34 -2.82
C SER A 104 -5.28 2.22 -2.85
N ARG A 105 -5.14 3.44 -3.38
CA ARG A 105 -6.31 4.31 -3.56
C ARG A 105 -7.27 3.71 -4.56
N ARG A 106 -6.73 3.09 -5.60
CA ARG A 106 -7.60 2.48 -6.59
C ARG A 106 -8.43 1.41 -5.93
N LEU A 107 -7.82 0.61 -5.10
CA LEU A 107 -8.54 -0.48 -4.47
C LEU A 107 -9.67 0.09 -3.68
N LEU A 108 -9.41 1.22 -3.05
CA LEU A 108 -10.50 1.87 -2.35
C LEU A 108 -11.60 2.30 -3.40
N ALA A 109 -11.18 2.76 -4.63
CA ALA A 109 -12.17 3.25 -5.64
C ALA A 109 -12.18 2.39 -6.97
N THR A 110 -11.69 1.17 -6.88
CA THR A 110 -11.73 0.26 -8.05
C THR A 110 -12.78 -0.78 -7.89
N ALA A 111 -13.03 -1.16 -6.68
CA ALA A 111 -14.28 -1.87 -6.43
C ALA A 111 -14.68 -1.63 -5.00
N GLU A 112 -15.92 -1.28 -4.78
CA GLU A 112 -16.40 -1.12 -3.41
C GLU A 112 -16.28 -2.44 -2.72
N ARG A 113 -16.63 -3.45 -3.47
CA ARG A 113 -16.64 -4.76 -2.91
C ARG A 113 -15.25 -5.14 -2.48
N VAL A 114 -14.23 -4.80 -3.29
CA VAL A 114 -12.88 -5.01 -2.82
C VAL A 114 -12.60 -4.03 -1.71
N ALA A 115 -13.00 -2.78 -1.93
CA ALA A 115 -12.56 -1.65 -1.10
C ALA A 115 -12.86 -1.78 0.36
N ARG A 116 -13.93 -2.43 0.74
CA ARG A 116 -14.13 -2.55 2.17
C ARG A 116 -13.95 -3.95 2.69
N SER A 117 -13.94 -4.95 1.83
CA SER A 117 -13.92 -6.30 2.35
C SER A 117 -12.86 -6.42 3.46
N PRO A 118 -13.14 -7.22 4.46
CA PRO A 118 -12.40 -7.18 5.77
C PRO A 118 -10.93 -7.17 5.54
N THR A 119 -10.57 -7.72 4.44
CA THR A 119 -9.24 -7.67 4.00
C THR A 119 -8.78 -6.20 3.80
N ILE A 120 -9.62 -5.28 3.22
CA ILE A 120 -9.08 -3.94 3.01
C ILE A 120 -8.84 -3.32 4.35
N THR A 121 -9.82 -3.48 5.20
CA THR A 121 -9.82 -2.83 6.46
C THR A 121 -8.63 -3.26 7.28
N GLY A 122 -8.23 -4.54 7.17
CA GLY A 122 -7.07 -4.95 7.93
C GLY A 122 -5.84 -4.22 7.41
N PHE A 123 -5.64 -4.23 6.11
CA PHE A 123 -4.41 -3.71 5.51
C PHE A 123 -4.15 -2.22 5.75
N PHE A 124 -5.16 -1.39 5.60
CA PHE A 124 -4.94 0.07 5.81
C PHE A 124 -4.85 0.31 7.30
N ALA A 125 -5.46 -0.60 8.00
CA ALA A 125 -5.33 -0.66 9.42
C ALA A 125 -3.91 -1.11 9.76
N PRO A 126 -3.30 -0.55 10.77
CA PRO A 126 -1.95 -1.01 11.22
C PRO A 126 -2.09 -2.40 11.76
N GLN A 127 -1.08 -3.24 11.66
CA GLN A 127 -1.11 -4.53 12.28
C GLN A 127 0.02 -4.48 13.28
N PRO A 128 0.07 -5.29 14.24
CA PRO A 128 1.02 -5.10 15.37
C PRO A 128 2.47 -4.88 14.88
N LEU A 129 2.94 -5.58 13.85
CA LEU A 129 4.28 -5.34 13.36
C LEU A 129 4.34 -4.01 12.63
N ASP A 130 3.18 -3.47 12.22
CA ASP A 130 3.20 -2.23 11.47
C ASP A 130 3.75 -1.19 12.35
N LEU A 131 3.37 -1.23 13.62
CA LEU A 131 3.66 -0.13 14.45
C LEU A 131 5.04 -0.20 15.04
N GLU A 132 5.78 -1.31 14.93
CA GLU A 132 7.16 -1.31 15.44
C GLU A 132 8.01 -0.32 14.64
N PRO A 133 9.07 0.17 15.23
CA PRO A 133 9.99 1.18 14.61
C PRO A 133 10.83 0.62 13.44
N ALA A 134 11.51 1.53 12.73
CA ALA A 134 12.32 1.18 11.57
C ALA A 134 13.62 0.51 12.03
N LEU A 135 14.12 -0.42 11.22
CA LEU A 135 15.21 -1.32 11.62
C LEU A 135 16.49 -0.57 12.02
N PRO A 136 17.42 -1.26 12.68
CA PRO A 136 18.71 -0.67 13.21
C PRO A 136 19.53 0.06 12.13
N PRO A 137 20.79 0.37 12.42
CA PRO A 137 21.70 1.07 11.47
C PRO A 137 21.88 0.30 10.16
N GLY A 138 22.05 1.06 9.09
CA GLY A 138 22.09 0.50 7.75
C GLY A 138 20.77 0.77 7.08
N SER A 139 19.72 0.76 7.88
CA SER A 139 18.39 1.00 7.37
C SER A 139 18.28 2.47 7.04
N ARG A 140 17.64 2.82 5.92
CA ARG A 140 17.53 4.20 5.59
C ARG A 140 16.08 4.53 5.40
N VAL A 141 15.62 5.52 6.12
CA VAL A 141 14.23 5.86 6.10
C VAL A 141 14.07 7.28 5.56
N ILE A 142 13.17 7.46 4.60
CA ILE A 142 12.91 8.79 4.09
C ILE A 142 11.67 9.33 4.80
N LEU A 143 11.85 10.51 5.41
CA LEU A 143 10.87 11.04 6.34
C LEU A 143 9.63 11.55 5.62
N PRO A 144 8.46 11.30 6.16
CA PRO A 144 7.17 11.73 5.54
C PRO A 144 7.07 13.24 5.35
N THR A 145 6.42 13.64 4.27
CA THR A 145 6.18 15.05 4.00
C THR A 145 5.16 15.59 5.01
N PRO A 146 5.54 16.55 5.83
CA PRO A 146 4.63 17.11 6.88
C PRO A 146 3.36 17.74 6.27
N GLU A 147 2.27 17.60 7.00
CA GLU A 147 0.95 18.04 6.53
C GLU A 147 0.36 19.02 7.52
N GLU A 148 -0.96 19.01 7.64
CA GLU A 148 -1.63 19.76 8.69
C GLU A 148 -1.17 19.21 10.02
N GLN A 149 -0.97 17.90 10.04
CA GLN A 149 -0.54 17.20 11.24
C GLN A 149 0.91 16.78 11.08
N ALA A 7 -15.36 7.13 5.31
CA ALA A 7 -16.84 7.12 5.42
C ALA A 7 -17.25 6.12 6.49
N GLY A 8 -17.43 6.60 7.72
CA GLY A 8 -17.82 5.72 8.83
C GLY A 8 -16.60 5.19 9.57
N PRO A 9 -16.78 4.38 10.57
CA PRO A 9 -15.64 3.80 11.34
C PRO A 9 -14.74 2.96 10.43
N ARG A 10 -13.44 3.04 10.68
CA ARG A 10 -12.43 2.35 9.86
C ARG A 10 -12.86 2.28 8.40
N TYR A 11 -13.03 3.46 7.80
CA TYR A 11 -13.26 3.58 6.37
C TYR A 11 -12.33 4.68 5.88
N PRO A 12 -11.30 4.36 5.12
CA PRO A 12 -10.19 5.33 4.91
C PRO A 12 -10.60 6.65 4.22
N VAL A 13 -10.10 7.70 4.82
CA VAL A 13 -10.33 9.05 4.31
C VAL A 13 -9.36 9.26 3.17
N SER A 14 -8.13 8.85 3.42
CA SER A 14 -7.08 8.93 2.43
C SER A 14 -5.92 8.04 2.82
N VAL A 15 -5.18 7.57 1.83
CA VAL A 15 -3.94 6.85 2.05
C VAL A 15 -2.91 7.45 1.11
N GLN A 16 -1.67 7.70 1.54
CA GLN A 16 -0.61 8.10 0.62
C GLN A 16 0.71 7.67 1.29
N GLY A 17 1.76 7.52 0.53
CA GLY A 17 3.02 7.01 1.10
C GLY A 17 3.50 7.90 2.26
N ALA A 18 3.72 7.28 3.41
CA ALA A 18 4.15 7.99 4.62
C ALA A 18 5.67 8.14 4.71
N ALA A 19 6.42 7.10 4.27
CA ALA A 19 7.89 7.11 4.49
C ALA A 19 8.63 6.08 3.65
N LEU A 20 9.94 6.19 3.68
CA LEU A 20 10.82 5.20 3.06
C LEU A 20 11.83 4.71 4.09
N VAL A 21 11.90 3.39 4.28
CA VAL A 21 12.94 2.80 5.11
C VAL A 21 13.69 1.82 4.24
N GLN A 22 15.00 1.92 4.20
CA GLN A 22 15.79 0.88 3.59
C GLN A 22 16.66 0.36 4.68
N ILE A 23 16.72 -0.92 4.94
CA ILE A 23 17.66 -1.53 5.83
C ILE A 23 18.36 -2.46 4.84
N LYS A 24 19.11 -3.51 5.24
CA LYS A 24 19.68 -4.46 4.21
C LYS A 24 18.83 -4.40 2.93
N ARG A 25 19.32 -4.88 1.82
CA ARG A 25 18.84 -4.30 0.53
C ARG A 25 17.37 -4.49 0.26
N LEU A 26 16.64 -4.92 1.25
CA LEU A 26 15.17 -4.83 1.21
C LEU A 26 14.80 -3.38 1.55
N GLN A 27 13.85 -2.77 0.83
CA GLN A 27 13.47 -1.39 1.11
C GLN A 27 11.98 -1.33 1.39
N THR A 28 11.55 -0.76 2.50
CA THR A 28 10.14 -0.77 2.80
C THR A 28 9.57 0.61 2.63
N PHE A 29 8.35 0.65 2.15
CA PHE A 29 7.72 1.89 1.80
C PHE A 29 6.48 2.13 2.64
N ALA A 30 6.46 3.31 3.18
CA ALA A 30 5.49 3.61 4.20
C ALA A 30 4.25 4.25 3.62
N PHE A 31 3.16 4.03 4.30
CA PHE A 31 1.91 4.64 3.92
C PHE A 31 1.38 5.41 5.07
N SER A 32 0.62 6.42 4.76
CA SER A 32 -0.13 7.10 5.75
C SER A 32 -1.57 6.92 5.34
N VAL A 33 -2.37 6.31 6.18
CA VAL A 33 -3.76 6.05 5.88
C VAL A 33 -4.60 6.59 7.02
N ARG A 34 -5.62 7.38 6.76
CA ARG A 34 -6.35 8.04 7.82
C ARG A 34 -7.84 7.72 7.65
N TRP A 35 -8.55 7.33 8.73
CA TRP A 35 -9.87 6.75 8.57
C TRP A 35 -10.95 7.74 9.01
N SER A 36 -12.14 7.62 8.41
CA SER A 36 -13.20 8.61 8.60
C SER A 36 -13.57 8.80 10.05
N ASP A 37 -13.28 7.81 10.89
CA ASP A 37 -13.58 7.94 12.33
C ASP A 37 -12.59 8.91 12.95
N GLY A 38 -11.80 9.50 12.08
CA GLY A 38 -10.89 10.54 12.44
C GLY A 38 -9.47 10.01 12.55
N SER A 39 -9.33 8.70 12.58
CA SER A 39 -8.01 8.14 12.86
C SER A 39 -7.04 8.43 11.76
N ASP A 40 -5.77 8.48 12.11
CA ASP A 40 -4.71 8.63 11.15
C ASP A 40 -3.77 7.47 11.37
N THR A 41 -3.24 6.88 10.33
CA THR A 41 -2.26 5.84 10.51
C THR A 41 -1.12 6.00 9.53
N PHE A 42 0.07 5.78 9.99
CA PHE A 42 1.26 5.78 9.17
C PHE A 42 2.01 4.48 9.40
N VAL A 43 2.30 3.69 8.37
CA VAL A 43 2.98 2.42 8.59
C VAL A 43 3.99 2.18 7.47
N ARG A 44 4.93 1.25 7.69
CA ARG A 44 5.97 0.92 6.70
C ARG A 44 5.55 -0.35 6.02
N ARG A 45 5.87 -0.50 4.74
CA ARG A 45 5.47 -1.68 4.03
C ARG A 45 6.63 -2.16 3.16
N SER A 46 6.53 -3.38 2.77
CA SER A 46 7.45 -3.89 1.74
C SER A 46 6.76 -4.04 0.41
N TRP A 47 7.52 -3.90 -0.65
CA TRP A 47 6.98 -4.11 -2.00
C TRP A 47 6.48 -5.55 -2.08
N ASP A 48 7.30 -6.40 -1.51
CA ASP A 48 6.97 -7.82 -1.33
C ASP A 48 5.79 -7.99 -0.39
N GLU A 49 5.75 -7.13 0.59
CA GLU A 49 4.61 -7.15 1.48
C GLU A 49 3.34 -6.72 0.74
N PHE A 50 3.37 -5.66 -0.08
CA PHE A 50 2.21 -5.25 -0.79
C PHE A 50 1.87 -6.39 -1.74
N ARG A 51 2.91 -6.86 -2.42
CA ARG A 51 2.81 -7.87 -3.45
C ARG A 51 2.19 -9.10 -2.91
N GLN A 52 2.59 -9.46 -1.71
CA GLN A 52 1.94 -10.56 -1.10
C GLN A 52 0.50 -10.19 -0.90
N LEU A 53 0.23 -8.95 -0.44
CA LEU A 53 -1.15 -8.57 -0.22
C LEU A 53 -1.97 -8.58 -1.49
N LYS A 54 -1.44 -8.04 -2.58
CA LYS A 54 -2.24 -8.01 -3.81
C LYS A 54 -2.47 -9.38 -4.34
N LYS A 55 -1.45 -10.21 -4.37
CA LYS A 55 -1.68 -11.54 -4.89
C LYS A 55 -2.71 -12.21 -4.04
N THR A 56 -2.55 -12.10 -2.74
CA THR A 56 -3.46 -12.68 -1.80
C THR A 56 -4.88 -12.11 -1.91
N LEU A 57 -5.02 -10.78 -2.06
CA LEU A 57 -6.35 -10.24 -2.28
C LEU A 57 -6.90 -10.78 -3.56
N LYS A 58 -6.11 -10.75 -4.62
CA LYS A 58 -6.55 -11.19 -5.93
C LYS A 58 -6.86 -12.66 -5.98
N GLU A 59 -6.24 -13.44 -5.12
CA GLU A 59 -6.67 -14.81 -4.99
C GLU A 59 -8.12 -14.76 -4.52
N THR A 60 -8.40 -13.79 -3.66
CA THR A 60 -9.74 -13.53 -3.16
C THR A 60 -10.54 -12.65 -4.16
N PHE A 61 -9.83 -11.95 -5.04
CA PHE A 61 -10.45 -11.04 -6.01
C PHE A 61 -9.98 -11.42 -7.43
N PRO A 62 -10.20 -12.63 -7.85
CA PRO A 62 -9.68 -13.12 -9.16
C PRO A 62 -10.33 -12.41 -10.36
N VAL A 63 -10.36 -11.09 -10.29
CA VAL A 63 -10.84 -10.29 -11.38
C VAL A 63 -9.68 -10.00 -12.32
N GLU A 64 -8.85 -9.04 -11.91
CA GLU A 64 -7.54 -8.75 -12.55
C GLU A 64 -7.52 -8.92 -14.08
N ALA A 65 -7.64 -10.15 -14.49
CA ALA A 65 -7.64 -10.48 -15.91
C ALA A 65 -9.05 -10.70 -16.40
N GLY A 66 -10.06 -10.50 -15.55
CA GLY A 66 -11.42 -10.81 -15.92
C GLY A 66 -11.69 -12.27 -15.64
N LEU A 67 -10.79 -12.90 -14.89
CA LEU A 67 -10.83 -14.36 -14.77
C LEU A 67 -12.09 -14.86 -14.05
N LEU A 68 -12.43 -14.21 -12.93
CA LEU A 68 -13.61 -14.60 -12.15
C LEU A 68 -14.78 -13.70 -12.47
N ARG A 69 -14.47 -12.43 -12.65
CA ARG A 69 -15.49 -11.42 -12.93
C ARG A 69 -14.93 -10.43 -13.92
N ARG A 70 -15.79 -9.80 -14.66
CA ARG A 70 -15.38 -8.71 -15.52
C ARG A 70 -15.48 -7.39 -14.75
N SER A 71 -15.13 -7.45 -13.49
CA SER A 71 -15.21 -6.29 -12.61
C SER A 71 -14.13 -5.25 -12.94
N ASP A 72 -13.86 -5.05 -14.23
CA ASP A 72 -12.90 -4.04 -14.65
C ASP A 72 -13.44 -2.68 -14.21
N ARG A 73 -14.76 -2.54 -14.20
CA ARG A 73 -15.38 -1.30 -13.84
C ARG A 73 -15.03 -0.96 -12.39
N VAL A 74 -15.10 -1.99 -11.53
CA VAL A 74 -14.83 -1.79 -10.11
C VAL A 74 -13.33 -1.77 -9.87
N LEU A 75 -12.64 -2.62 -10.60
CA LEU A 75 -11.21 -2.72 -10.45
C LEU A 75 -10.55 -2.41 -11.80
N PRO A 76 -10.31 -1.16 -12.09
CA PRO A 76 -9.72 -0.72 -13.40
C PRO A 76 -8.29 -1.21 -13.55
N LYS A 77 -8.08 -2.44 -13.15
CA LYS A 77 -6.76 -3.01 -13.13
C LYS A 77 -5.83 -2.03 -12.44
N LEU A 78 -4.54 -2.16 -12.63
CA LEU A 78 -3.60 -1.30 -11.91
C LEU A 78 -2.94 -0.31 -12.86
N LEU A 79 -2.80 0.94 -12.42
CA LEU A 79 -2.18 1.97 -13.24
C LEU A 79 -0.72 1.83 -12.99
N ASP A 80 0.11 1.74 -14.03
CA ASP A 80 1.51 1.70 -13.86
C ASP A 80 2.09 2.89 -14.59
N ALA A 81 2.66 3.83 -13.87
CA ALA A 81 3.31 4.94 -14.51
C ALA A 81 4.76 4.97 -14.10
N PRO A 82 5.65 5.25 -15.01
CA PRO A 82 7.12 5.32 -14.70
C PRO A 82 7.42 6.31 -13.56
N LEU A 83 6.75 7.47 -13.60
CA LEU A 83 6.94 8.54 -12.60
C LEU A 83 8.43 8.92 -12.51
N LEU A 84 8.72 10.23 -12.52
CA LEU A 84 10.11 10.73 -12.52
C LEU A 84 10.88 10.17 -13.73
N GLY A 85 10.15 9.39 -14.55
CA GLY A 85 10.72 8.73 -15.73
C GLY A 85 12.15 8.33 -15.39
N ARG A 86 12.28 7.26 -14.66
CA ARG A 86 13.59 6.85 -14.13
C ARG A 86 13.92 5.46 -14.66
N VAL A 87 15.02 4.89 -14.21
CA VAL A 87 15.35 3.51 -14.50
C VAL A 87 16.02 3.02 -13.20
N GLY A 88 16.09 1.74 -12.90
CA GLY A 88 16.72 1.32 -11.64
C GLY A 88 15.67 0.87 -10.65
N ARG A 89 15.96 -0.18 -9.87
CA ARG A 89 14.96 -0.76 -9.00
C ARG A 89 14.52 0.27 -7.96
N THR A 90 15.45 1.03 -7.44
CA THR A 90 15.10 2.04 -6.45
C THR A 90 14.20 3.12 -7.07
N SER A 91 14.53 3.52 -8.28
CA SER A 91 13.75 4.52 -8.99
C SER A 91 12.32 3.99 -9.18
N ARG A 92 12.28 2.72 -9.53
CA ARG A 92 11.04 2.00 -9.64
C ARG A 92 10.36 1.95 -8.29
N GLY A 93 11.19 1.85 -7.27
CA GLY A 93 10.68 1.52 -5.95
C GLY A 93 9.67 2.55 -5.53
N LEU A 94 10.01 3.85 -5.58
CA LEU A 94 9.03 4.91 -5.30
C LEU A 94 8.02 5.11 -6.40
N ALA A 95 8.36 4.80 -7.65
CA ALA A 95 7.37 5.01 -8.71
C ALA A 95 6.23 4.05 -8.46
N ARG A 96 6.60 2.82 -8.22
CA ARG A 96 5.65 1.77 -7.91
C ARG A 96 4.91 2.10 -6.64
N LEU A 97 5.60 2.67 -5.67
CA LEU A 97 4.95 3.03 -4.45
C LEU A 97 3.84 4.04 -4.76
N GLN A 98 4.19 5.04 -5.57
CA GLN A 98 3.21 6.08 -5.93
C GLN A 98 2.05 5.44 -6.69
N LEU A 99 2.36 4.48 -7.57
CA LEU A 99 1.31 3.73 -8.27
C LEU A 99 0.47 3.01 -7.25
N LEU A 100 1.14 2.42 -6.29
CA LEU A 100 0.46 1.64 -5.31
C LEU A 100 -0.49 2.52 -4.55
N GLU A 101 -0.09 3.75 -4.20
CA GLU A 101 -1.01 4.61 -3.49
C GLU A 101 -2.23 4.82 -4.34
N THR A 102 -2.00 5.14 -5.62
CA THR A 102 -3.09 5.52 -6.48
C THR A 102 -4.03 4.36 -6.63
N TYR A 103 -3.49 3.22 -6.84
CA TYR A 103 -4.26 2.02 -7.03
C TYR A 103 -5.06 1.75 -5.79
N SER A 104 -4.42 1.84 -4.63
CA SER A 104 -5.11 1.64 -3.35
C SER A 104 -6.26 2.67 -3.18
N ARG A 105 -5.96 3.91 -3.50
CA ARG A 105 -6.96 4.98 -3.45
C ARG A 105 -8.06 4.68 -4.47
N ARG A 106 -7.67 4.13 -5.60
CA ARG A 106 -8.67 3.72 -6.60
C ARG A 106 -9.54 2.66 -5.97
N LEU A 107 -8.95 1.76 -5.23
CA LEU A 107 -9.70 0.73 -4.58
C LEU A 107 -10.67 1.42 -3.59
N LEU A 108 -10.24 2.52 -2.94
CA LEU A 108 -11.08 3.26 -2.03
C LEU A 108 -12.12 4.12 -2.82
N ALA A 109 -11.98 4.09 -4.16
CA ALA A 109 -13.17 4.58 -4.91
C ALA A 109 -13.77 3.52 -5.81
N THR A 110 -12.95 2.73 -6.47
CA THR A 110 -13.49 1.85 -7.49
C THR A 110 -13.99 0.51 -6.99
N ALA A 111 -13.64 0.12 -5.76
CA ALA A 111 -14.41 -0.99 -5.22
C ALA A 111 -14.66 -0.80 -3.74
N GLU A 112 -15.92 -0.94 -3.39
CA GLU A 112 -16.35 -1.11 -2.02
C GLU A 112 -15.77 -2.42 -1.49
N ARG A 113 -15.88 -3.38 -2.39
CA ARG A 113 -15.61 -4.73 -2.00
C ARG A 113 -14.16 -4.93 -1.66
N VAL A 114 -13.20 -4.38 -2.42
CA VAL A 114 -11.83 -4.59 -2.04
C VAL A 114 -11.47 -3.69 -0.91
N ALA A 115 -11.83 -2.42 -1.05
CA ALA A 115 -11.32 -1.37 -0.17
C ALA A 115 -11.50 -1.63 1.28
N ARG A 116 -12.49 -2.39 1.66
CA ARG A 116 -12.57 -2.66 3.08
C ARG A 116 -12.30 -4.09 3.44
N SER A 117 -12.27 -5.00 2.47
CA SER A 117 -12.18 -6.40 2.84
C SER A 117 -11.13 -6.57 3.91
N PRO A 118 -11.43 -7.37 4.93
CA PRO A 118 -10.70 -7.33 6.24
C PRO A 118 -9.22 -7.35 5.99
N THR A 119 -8.90 -7.87 4.85
CA THR A 119 -7.58 -7.83 4.38
C THR A 119 -7.10 -6.37 4.22
N ILE A 120 -7.94 -5.44 3.67
CA ILE A 120 -7.44 -4.08 3.56
C ILE A 120 -7.32 -3.47 4.93
N THR A 121 -8.34 -3.66 5.72
CA THR A 121 -8.41 -3.02 6.99
C THR A 121 -7.20 -3.41 7.85
N GLY A 122 -6.84 -4.69 7.85
CA GLY A 122 -5.68 -5.07 8.66
C GLY A 122 -4.43 -4.37 8.13
N PHE A 123 -4.21 -4.45 6.82
CA PHE A 123 -2.95 -4.00 6.21
C PHE A 123 -2.59 -2.51 6.38
N PHE A 124 -3.55 -1.62 6.18
CA PHE A 124 -3.26 -0.16 6.31
C PHE A 124 -3.22 0.20 7.78
N ALA A 125 -3.88 -0.66 8.50
CA ALA A 125 -3.69 -0.73 9.95
C ALA A 125 -2.28 -1.31 10.22
N PRO A 126 -1.61 -0.91 11.27
CA PRO A 126 -0.26 -1.49 11.65
C PRO A 126 -0.42 -2.98 11.90
N GLN A 127 0.59 -3.84 11.61
CA GLN A 127 0.53 -5.24 12.01
C GLN A 127 1.59 -5.39 13.09
N PRO A 128 1.61 -6.43 13.86
CA PRO A 128 2.55 -6.50 15.03
C PRO A 128 3.96 -6.08 14.63
N LEU A 129 4.37 -6.39 13.42
CA LEU A 129 5.67 -5.95 12.92
C LEU A 129 5.76 -4.42 12.87
N ASP A 130 4.61 -3.79 12.66
CA ASP A 130 4.58 -2.33 12.75
C ASP A 130 4.64 -1.93 14.20
N LEU A 131 4.34 -2.90 15.03
CA LEU A 131 4.40 -2.76 16.47
C LEU A 131 5.75 -3.25 16.96
N GLU A 132 6.66 -3.50 16.02
CA GLU A 132 8.05 -3.78 16.37
C GLU A 132 8.91 -2.56 16.00
N PRO A 133 9.95 -2.30 16.75
CA PRO A 133 10.85 -1.11 16.52
C PRO A 133 11.79 -1.27 15.30
N ALA A 134 12.13 -0.14 14.68
CA ALA A 134 12.98 -0.14 13.49
C ALA A 134 14.46 -0.34 13.85
N LEU A 135 15.20 -0.97 12.94
CA LEU A 135 16.59 -1.36 13.19
C LEU A 135 17.53 -0.14 13.41
N PRO A 136 18.74 -0.42 13.90
CA PRO A 136 19.78 0.64 14.25
C PRO A 136 20.29 1.44 13.01
N PRO A 137 21.41 2.14 13.17
CA PRO A 137 22.08 2.93 12.07
C PRO A 137 22.53 2.06 10.89
N GLY A 138 22.50 2.63 9.70
CA GLY A 138 22.83 1.91 8.46
C GLY A 138 21.62 1.95 7.59
N SER A 139 20.51 1.62 8.20
CA SER A 139 19.23 1.73 7.56
C SER A 139 18.88 3.20 7.46
N ARG A 140 18.07 3.61 6.48
CA ARG A 140 17.69 5.00 6.41
C ARG A 140 16.21 5.10 6.30
N VAL A 141 15.67 6.00 7.07
CA VAL A 141 14.26 6.26 7.05
C VAL A 141 13.98 7.69 6.60
N ILE A 142 13.15 7.83 5.57
CA ILE A 142 12.75 9.13 5.11
C ILE A 142 11.23 9.18 5.21
N LEU A 143 10.66 10.10 6.00
CA LEU A 143 9.21 10.21 6.07
C LEU A 143 8.78 11.53 5.45
N PRO A 144 8.29 11.55 4.23
CA PRO A 144 7.87 12.84 3.59
C PRO A 144 6.79 13.52 4.40
N THR A 145 6.92 14.82 4.51
CA THR A 145 6.16 15.52 5.55
C THR A 145 4.66 15.44 5.29
N PRO A 146 3.89 15.50 6.34
CA PRO A 146 2.43 15.17 6.32
C PRO A 146 1.63 16.05 5.36
N GLU A 147 0.60 15.47 4.75
CA GLU A 147 -0.25 16.22 3.85
C GLU A 147 -0.88 17.36 4.61
N GLU A 148 -1.35 17.04 5.80
CA GLU A 148 -1.91 18.04 6.68
C GLU A 148 -0.82 18.56 7.61
N GLN A 149 -0.41 19.79 7.37
CA GLN A 149 0.64 20.44 8.16
C GLN A 149 0.96 21.79 7.55
N ALA A 7 -14.29 -5.80 16.19
CA ALA A 7 -15.38 -5.21 15.39
C ALA A 7 -15.09 -3.74 15.20
N GLY A 8 -16.06 -3.02 14.68
CA GLY A 8 -15.92 -1.60 14.47
C GLY A 8 -15.27 -1.33 13.11
N PRO A 9 -15.54 -0.19 12.54
CA PRO A 9 -14.97 0.20 11.21
C PRO A 9 -13.48 0.48 11.29
N ARG A 10 -12.74 0.15 10.24
CA ARG A 10 -11.31 0.42 10.20
C ARG A 10 -10.85 0.51 8.75
N TYR A 11 -11.71 1.00 7.87
CA TYR A 11 -11.37 1.08 6.47
C TYR A 11 -10.88 2.49 6.14
N PRO A 12 -9.82 2.58 5.39
CA PRO A 12 -9.17 3.88 5.03
C PRO A 12 -10.03 4.63 4.06
N VAL A 13 -9.97 5.96 4.01
CA VAL A 13 -10.74 6.71 3.07
C VAL A 13 -9.80 7.29 2.07
N SER A 14 -8.58 7.51 2.56
CA SER A 14 -7.53 8.05 1.74
C SER A 14 -6.19 7.50 2.22
N VAL A 15 -5.26 7.31 1.29
CA VAL A 15 -3.90 6.85 1.62
C VAL A 15 -2.94 7.72 0.86
N GLN A 16 -1.83 8.17 1.45
CA GLN A 16 -0.81 8.85 0.66
C GLN A 16 0.52 8.19 1.03
N GLY A 17 1.51 8.18 0.14
CA GLY A 17 2.81 7.57 0.49
C GLY A 17 3.43 8.31 1.68
N ALA A 18 3.69 7.59 2.76
CA ALA A 18 4.16 8.24 4.01
C ALA A 18 5.68 8.39 4.08
N ALA A 19 6.38 7.30 3.83
CA ALA A 19 7.82 7.28 4.04
C ALA A 19 8.46 6.18 3.23
N LEU A 20 9.77 6.16 3.23
CA LEU A 20 10.49 5.11 2.51
C LEU A 20 11.61 4.53 3.39
N VAL A 21 11.72 3.20 3.42
CA VAL A 21 12.86 2.55 4.07
C VAL A 21 13.57 1.72 3.02
N GLN A 22 14.88 1.89 2.85
CA GLN A 22 15.61 0.98 1.98
C GLN A 22 16.62 0.29 2.83
N ILE A 23 16.67 -1.02 2.89
CA ILE A 23 17.74 -1.72 3.52
C ILE A 23 18.27 -2.58 2.37
N LYS A 24 19.06 -3.60 2.67
CA LYS A 24 19.37 -4.68 1.69
C LYS A 24 18.23 -4.84 0.64
N ARG A 25 18.37 -5.67 -0.34
CA ARG A 25 17.47 -5.60 -1.52
C ARG A 25 16.00 -5.91 -1.14
N LEU A 26 15.74 -5.84 0.17
CA LEU A 26 14.36 -5.76 0.64
C LEU A 26 14.16 -4.34 1.22
N GLN A 27 13.20 -3.56 0.65
CA GLN A 27 12.97 -2.16 1.10
C GLN A 27 11.47 -1.92 1.29
N THR A 28 11.06 -1.17 2.34
CA THR A 28 9.63 -1.07 2.64
C THR A 28 9.04 0.30 2.29
N PHE A 29 7.71 0.31 2.16
CA PHE A 29 6.99 1.50 1.69
C PHE A 29 5.98 1.99 2.71
N ALA A 30 6.10 3.24 3.10
CA ALA A 30 5.23 3.74 4.15
C ALA A 30 4.02 4.47 3.58
N PHE A 31 2.94 4.42 4.34
CA PHE A 31 1.68 5.06 3.93
C PHE A 31 1.19 5.97 5.03
N SER A 32 0.41 6.97 4.65
CA SER A 32 -0.35 7.70 5.63
C SER A 32 -1.77 7.42 5.21
N VAL A 33 -2.50 6.68 6.00
CA VAL A 33 -3.83 6.24 5.63
C VAL A 33 -4.79 6.60 6.76
N ARG A 34 -5.96 7.19 6.46
CA ARG A 34 -6.89 7.57 7.52
C ARG A 34 -8.26 6.98 7.19
N TRP A 35 -8.96 6.45 8.21
CA TRP A 35 -10.12 5.59 7.93
C TRP A 35 -11.44 6.33 8.13
N SER A 36 -12.52 5.72 7.59
CA SER A 36 -13.84 6.35 7.60
C SER A 36 -14.24 6.73 9.00
N ASP A 37 -13.78 5.95 9.97
CA ASP A 37 -14.20 6.21 11.33
C ASP A 37 -13.53 7.49 11.79
N GLY A 38 -12.74 8.05 10.90
CA GLY A 38 -12.19 9.37 11.10
C GLY A 38 -10.83 9.35 11.74
N SER A 39 -10.22 8.18 11.89
CA SER A 39 -8.88 8.10 12.47
C SER A 39 -7.83 8.44 11.42
N ASP A 40 -6.56 8.46 11.83
CA ASP A 40 -5.45 8.64 10.90
C ASP A 40 -4.38 7.61 11.25
N THR A 41 -3.63 7.14 10.27
CA THR A 41 -2.58 6.18 10.54
C THR A 41 -1.38 6.45 9.66
N PHE A 42 -0.20 6.28 10.23
CA PHE A 42 1.05 6.36 9.48
C PHE A 42 1.78 5.04 9.73
N VAL A 43 2.06 4.23 8.71
CA VAL A 43 2.69 2.94 8.97
C VAL A 43 3.71 2.62 7.87
N ARG A 44 4.55 1.63 8.13
CA ARG A 44 5.55 1.17 7.17
C ARG A 44 5.01 -0.10 6.57
N ARG A 45 5.29 -0.39 5.31
CA ARG A 45 4.81 -1.61 4.72
C ARG A 45 5.92 -2.23 3.88
N SER A 46 5.78 -3.51 3.67
CA SER A 46 6.67 -4.11 2.69
C SER A 46 6.02 -4.04 1.31
N TRP A 47 6.85 -3.89 0.29
CA TRP A 47 6.39 -4.03 -1.07
C TRP A 47 6.00 -5.47 -1.34
N ASP A 48 6.88 -6.35 -0.87
CA ASP A 48 6.77 -7.76 -1.11
C ASP A 48 5.56 -8.29 -0.44
N GLU A 49 5.34 -7.83 0.80
CA GLU A 49 4.14 -8.18 1.48
C GLU A 49 2.95 -7.53 0.86
N PHE A 50 3.06 -6.31 0.27
CA PHE A 50 1.90 -5.72 -0.35
C PHE A 50 1.46 -6.68 -1.42
N ARG A 51 2.43 -7.12 -2.22
CA ARG A 51 2.17 -8.04 -3.33
C ARG A 51 1.57 -9.32 -2.85
N GLN A 52 2.12 -9.85 -1.77
CA GLN A 52 1.58 -11.07 -1.29
C GLN A 52 0.18 -10.83 -0.84
N LEU A 53 -0.05 -9.72 -0.11
CA LEU A 53 -1.39 -9.43 0.37
C LEU A 53 -2.37 -9.22 -0.74
N LYS A 54 -1.99 -8.45 -1.73
CA LYS A 54 -2.96 -8.08 -2.74
C LYS A 54 -3.38 -9.29 -3.47
N LYS A 55 -2.42 -10.14 -3.80
CA LYS A 55 -2.75 -11.37 -4.49
C LYS A 55 -3.70 -12.15 -3.62
N THR A 56 -3.42 -12.17 -2.33
CA THR A 56 -4.29 -12.80 -1.36
C THR A 56 -5.67 -12.14 -1.38
N LEU A 57 -5.72 -10.83 -1.51
CA LEU A 57 -7.01 -10.18 -1.68
C LEU A 57 -7.65 -10.70 -2.95
N LYS A 58 -6.88 -10.83 -4.02
CA LYS A 58 -7.43 -11.23 -5.32
C LYS A 58 -8.13 -12.55 -5.15
N GLU A 59 -7.68 -13.35 -4.19
CA GLU A 59 -8.36 -14.60 -3.94
C GLU A 59 -9.76 -14.31 -3.38
N THR A 60 -9.85 -13.32 -2.50
CA THR A 60 -11.15 -12.90 -1.99
C THR A 60 -12.00 -12.23 -3.09
N PHE A 61 -11.37 -11.48 -4.01
CA PHE A 61 -12.11 -10.85 -5.12
C PHE A 61 -11.32 -11.06 -6.41
N PRO A 62 -11.54 -12.14 -7.11
CA PRO A 62 -10.73 -12.46 -8.33
C PRO A 62 -10.86 -11.36 -9.37
N VAL A 63 -9.72 -10.96 -9.91
CA VAL A 63 -9.68 -9.99 -10.97
C VAL A 63 -8.38 -10.16 -11.75
N GLU A 64 -7.25 -9.89 -11.07
CA GLU A 64 -5.88 -9.97 -11.68
C GLU A 64 -5.87 -10.07 -13.22
N ALA A 65 -6.36 -11.20 -13.69
CA ALA A 65 -6.36 -11.50 -15.12
C ALA A 65 -7.59 -10.95 -15.84
N GLY A 66 -8.42 -10.17 -15.15
CA GLY A 66 -9.71 -9.79 -15.71
C GLY A 66 -10.66 -10.96 -15.55
N LEU A 67 -10.41 -11.74 -14.49
CA LEU A 67 -11.00 -13.07 -14.39
C LEU A 67 -12.52 -13.05 -14.33
N LEU A 68 -13.12 -12.19 -13.50
CA LEU A 68 -14.58 -12.08 -13.53
C LEU A 68 -15.01 -11.17 -14.67
N ARG A 69 -14.29 -10.07 -14.81
CA ARG A 69 -14.75 -9.02 -15.71
C ARG A 69 -13.58 -8.44 -16.50
N ARG A 70 -13.90 -7.86 -17.65
CA ARG A 70 -12.86 -7.25 -18.48
C ARG A 70 -12.24 -6.07 -17.75
N SER A 71 -13.06 -5.31 -17.00
CA SER A 71 -12.59 -4.11 -16.30
C SER A 71 -11.21 -4.34 -15.69
N ASP A 72 -10.19 -3.91 -16.42
CA ASP A 72 -8.83 -4.19 -16.00
C ASP A 72 -8.47 -3.40 -14.77
N ARG A 73 -8.88 -2.12 -14.72
CA ARG A 73 -8.34 -1.19 -13.71
C ARG A 73 -8.58 -1.56 -12.27
N VAL A 74 -9.77 -2.01 -11.94
CA VAL A 74 -10.09 -2.19 -10.54
C VAL A 74 -9.66 -3.58 -10.04
N LEU A 75 -8.75 -3.57 -9.08
CA LEU A 75 -8.37 -4.80 -8.36
C LEU A 75 -7.48 -5.76 -9.19
N PRO A 76 -6.82 -5.34 -10.26
CA PRO A 76 -5.93 -6.28 -11.03
C PRO A 76 -4.70 -6.74 -10.21
N LYS A 77 -3.88 -5.77 -9.85
CA LYS A 77 -2.70 -5.97 -9.01
C LYS A 77 -2.23 -4.60 -8.54
N LEU A 78 -0.92 -4.39 -8.44
CA LEU A 78 -0.41 -3.05 -8.23
C LEU A 78 -0.45 -2.31 -9.53
N LEU A 79 -0.88 -1.06 -9.48
CA LEU A 79 -1.00 -0.29 -10.69
C LEU A 79 0.29 0.39 -11.00
N ASP A 80 0.77 0.16 -12.21
CA ASP A 80 2.06 0.68 -12.58
C ASP A 80 1.86 1.89 -13.46
N ALA A 81 2.16 3.05 -12.91
CA ALA A 81 2.02 4.30 -13.65
C ALA A 81 3.13 4.38 -14.66
N PRO A 82 3.13 5.35 -15.53
CA PRO A 82 4.09 5.35 -16.66
C PRO A 82 5.51 5.24 -16.14
N LEU A 83 6.24 4.31 -16.72
CA LEU A 83 7.64 4.06 -16.35
C LEU A 83 8.31 5.33 -15.84
N LEU A 84 8.66 5.34 -14.56
CA LEU A 84 9.32 6.50 -13.93
C LEU A 84 10.79 6.51 -14.27
N GLY A 85 11.40 7.70 -14.22
CA GLY A 85 12.83 7.86 -14.52
C GLY A 85 13.64 6.80 -13.80
N ARG A 86 13.78 5.66 -14.45
CA ARG A 86 14.41 4.48 -13.86
C ARG A 86 15.90 4.72 -13.60
N VAL A 87 16.26 5.86 -13.06
CA VAL A 87 17.67 6.12 -12.83
C VAL A 87 18.25 5.05 -11.87
N GLY A 88 18.20 5.33 -10.58
CA GLY A 88 18.78 4.43 -9.59
C GLY A 88 17.80 3.34 -9.19
N ARG A 89 18.31 2.36 -8.48
CA ARG A 89 17.47 1.32 -7.92
C ARG A 89 16.49 1.99 -6.99
N THR A 90 17.04 2.93 -6.25
CA THR A 90 16.26 3.73 -5.33
C THR A 90 15.25 4.60 -6.10
N SER A 91 15.64 5.05 -7.29
CA SER A 91 14.73 5.86 -8.11
C SER A 91 13.48 5.05 -8.43
N ARG A 92 13.67 3.79 -8.76
CA ARG A 92 12.54 2.90 -8.97
C ARG A 92 11.83 2.76 -7.66
N GLY A 93 12.65 2.69 -6.64
CA GLY A 93 12.16 2.44 -5.32
C GLY A 93 11.11 3.47 -5.01
N LEU A 94 11.42 4.73 -5.23
CA LEU A 94 10.49 5.82 -5.02
C LEU A 94 9.36 5.83 -6.02
N ALA A 95 9.57 5.31 -7.23
CA ALA A 95 8.44 5.28 -8.15
C ALA A 95 7.40 4.34 -7.59
N ARG A 96 7.90 3.22 -7.06
CA ARG A 96 7.04 2.19 -6.52
C ARG A 96 6.21 2.78 -5.40
N LEU A 97 6.78 3.71 -4.62
CA LEU A 97 5.98 4.38 -3.59
C LEU A 97 4.81 5.07 -4.26
N GLN A 98 5.06 5.71 -5.38
CA GLN A 98 3.99 6.48 -6.02
C GLN A 98 2.87 5.51 -6.39
N LEU A 99 3.26 4.38 -6.97
CA LEU A 99 2.29 3.39 -7.40
C LEU A 99 1.55 2.83 -6.21
N LEU A 100 2.26 2.52 -5.14
CA LEU A 100 1.61 1.85 -4.04
C LEU A 100 0.56 2.77 -3.46
N GLU A 101 0.89 4.05 -3.28
CA GLU A 101 -0.10 4.92 -2.71
C GLU A 101 -1.28 4.97 -3.63
N THR A 102 -1.02 5.12 -4.92
CA THR A 102 -2.09 5.20 -5.88
C THR A 102 -2.97 3.97 -5.86
N TYR A 103 -2.38 2.79 -5.82
CA TYR A 103 -3.20 1.59 -5.89
C TYR A 103 -4.14 1.55 -4.70
N SER A 104 -3.62 1.81 -3.51
CA SER A 104 -4.45 1.88 -2.31
C SER A 104 -5.51 2.97 -2.49
N ARG A 105 -5.11 4.07 -3.07
CA ARG A 105 -6.04 5.14 -3.40
C ARG A 105 -7.10 4.63 -4.39
N ARG A 106 -6.69 3.83 -5.34
CA ARG A 106 -7.63 3.28 -6.31
C ARG A 106 -8.59 2.35 -5.57
N LEU A 107 -8.07 1.53 -4.69
CA LEU A 107 -8.88 0.55 -4.03
C LEU A 107 -9.97 1.26 -3.27
N LEU A 108 -9.65 2.41 -2.73
CA LEU A 108 -10.69 3.18 -2.10
C LEU A 108 -11.76 3.57 -3.16
N ALA A 109 -11.34 3.93 -4.40
CA ALA A 109 -12.32 4.35 -5.47
C ALA A 109 -12.33 3.43 -6.72
N THR A 110 -11.84 2.21 -6.60
CA THR A 110 -11.92 1.28 -7.75
C THR A 110 -12.95 0.22 -7.49
N ALA A 111 -13.08 -0.16 -6.23
CA ALA A 111 -14.27 -0.87 -5.82
C ALA A 111 -14.49 -0.61 -4.35
N GLU A 112 -15.71 -0.23 -4.00
CA GLU A 112 -16.08 -0.08 -2.61
C GLU A 112 -15.97 -1.42 -1.95
N ARG A 113 -16.40 -2.38 -2.74
CA ARG A 113 -16.62 -3.68 -2.18
C ARG A 113 -15.28 -4.22 -1.69
N VAL A 114 -14.19 -4.02 -2.45
CA VAL A 114 -12.87 -4.38 -1.93
C VAL A 114 -12.47 -3.44 -0.81
N ALA A 115 -12.69 -2.14 -1.01
CA ALA A 115 -12.07 -1.13 -0.14
C ALA A 115 -12.35 -1.30 1.32
N ARG A 116 -13.42 -1.94 1.68
CA ARG A 116 -13.64 -2.12 3.10
C ARG A 116 -13.41 -3.55 3.55
N SER A 117 -13.28 -4.46 2.62
CA SER A 117 -13.27 -5.85 3.01
C SER A 117 -12.36 -6.08 4.21
N PRO A 118 -12.68 -7.08 5.00
CA PRO A 118 -11.99 -7.31 6.30
C PRO A 118 -10.53 -7.35 6.05
N THR A 119 -10.25 -7.71 4.85
CA THR A 119 -8.93 -7.67 4.35
C THR A 119 -8.38 -6.23 4.36
N ILE A 120 -9.18 -5.18 3.99
CA ILE A 120 -8.62 -3.85 4.06
C ILE A 120 -8.33 -3.46 5.50
N THR A 121 -9.29 -3.75 6.36
CA THR A 121 -9.23 -3.25 7.71
C THR A 121 -7.97 -3.74 8.45
N GLY A 122 -7.60 -5.01 8.29
CA GLY A 122 -6.40 -5.48 8.99
C GLY A 122 -5.16 -4.75 8.50
N PHE A 123 -5.00 -4.66 7.19
CA PHE A 123 -3.71 -4.21 6.61
C PHE A 123 -3.29 -2.79 7.01
N PHE A 124 -4.21 -1.83 7.00
CA PHE A 124 -3.83 -0.46 7.40
C PHE A 124 -3.72 -0.36 8.90
N ALA A 125 -4.39 -1.26 9.54
CA ALA A 125 -4.25 -1.40 10.96
C ALA A 125 -2.84 -1.90 11.21
N PRO A 126 -2.12 -1.39 12.18
CA PRO A 126 -0.74 -1.90 12.43
C PRO A 126 -0.87 -3.35 12.70
N GLN A 127 0.05 -4.20 12.30
CA GLN A 127 -0.05 -5.60 12.55
C GLN A 127 1.17 -5.89 13.39
N PRO A 128 1.28 -6.99 14.05
CA PRO A 128 2.34 -7.17 15.08
C PRO A 128 3.71 -6.68 14.56
N LEU A 129 3.97 -6.82 13.26
CA LEU A 129 5.19 -6.33 12.64
C LEU A 129 5.34 -4.81 12.73
N ASP A 130 4.21 -4.09 12.73
CA ASP A 130 4.28 -2.63 12.98
C ASP A 130 4.57 -2.39 14.43
N LEU A 131 4.32 -3.40 15.23
CA LEU A 131 4.44 -3.29 16.67
C LEU A 131 5.78 -3.85 17.13
N GLU A 132 6.64 -4.19 16.17
CA GLU A 132 8.01 -4.60 16.51
C GLU A 132 8.97 -3.45 16.21
N PRO A 133 10.11 -3.42 16.85
CA PRO A 133 11.14 -2.33 16.65
C PRO A 133 11.55 -2.16 15.18
N ALA A 134 12.60 -1.40 14.95
CA ALA A 134 13.20 -1.27 13.64
C ALA A 134 14.67 -1.65 13.78
N LEU A 135 15.28 -2.25 12.77
CA LEU A 135 16.65 -2.77 12.91
C LEU A 135 17.67 -1.64 13.09
N PRO A 136 18.87 -1.98 13.50
CA PRO A 136 19.98 -1.00 13.70
C PRO A 136 20.35 -0.28 12.39
N PRO A 137 21.48 0.38 12.35
CA PRO A 137 21.95 1.09 11.10
C PRO A 137 22.09 0.14 9.91
N GLY A 138 21.80 0.66 8.73
CA GLY A 138 21.75 -0.14 7.51
C GLY A 138 20.52 0.26 6.73
N SER A 139 19.41 0.35 7.45
CA SER A 139 18.17 0.78 6.83
C SER A 139 18.28 2.27 6.55
N ARG A 140 17.74 2.75 5.42
CA ARG A 140 17.76 4.16 5.15
C ARG A 140 16.32 4.59 5.03
N VAL A 141 15.93 5.56 5.82
CA VAL A 141 14.55 5.95 5.87
C VAL A 141 14.38 7.38 5.38
N ILE A 142 13.42 7.59 4.48
CA ILE A 142 13.15 8.92 4.01
C ILE A 142 11.97 9.48 4.78
N LEU A 143 12.23 10.62 5.38
CA LEU A 143 11.30 11.22 6.32
C LEU A 143 10.16 11.93 5.57
N PRO A 144 8.96 11.88 6.12
CA PRO A 144 7.73 12.45 5.48
C PRO A 144 7.77 13.96 5.33
N THR A 145 7.15 14.46 4.28
CA THR A 145 7.11 15.87 4.02
C THR A 145 6.13 16.54 4.99
N PRO A 146 6.38 17.77 5.37
CA PRO A 146 5.44 18.53 6.25
C PRO A 146 4.08 18.68 5.57
N GLU A 147 3.04 18.61 6.36
CA GLU A 147 1.70 18.79 5.85
C GLU A 147 1.09 20.04 6.45
N GLU A 148 -0.01 19.88 7.15
CA GLU A 148 -0.65 20.96 7.87
C GLU A 148 0.05 21.10 9.22
N GLN A 149 -0.30 22.16 9.95
CA GLN A 149 0.18 22.34 11.32
C GLN A 149 1.66 22.74 11.35
N ALA A 7 -20.11 7.75 7.12
CA ALA A 7 -19.05 7.76 6.07
C ALA A 7 -18.50 6.36 5.89
N GLY A 8 -17.69 5.92 6.85
CA GLY A 8 -17.05 4.64 6.76
C GLY A 8 -16.32 4.30 8.05
N PRO A 9 -17.04 3.94 9.06
CA PRO A 9 -16.43 3.54 10.36
C PRO A 9 -15.63 2.25 10.19
N ARG A 10 -14.59 2.08 10.99
CA ARG A 10 -13.73 0.91 10.87
C ARG A 10 -13.04 0.87 9.48
N TYR A 11 -13.27 1.89 8.66
CA TYR A 11 -12.67 1.94 7.33
C TYR A 11 -11.94 3.27 7.13
N PRO A 12 -10.83 3.27 6.45
CA PRO A 12 -10.07 4.52 6.11
C PRO A 12 -10.75 5.23 4.98
N VAL A 13 -10.69 6.56 4.89
CA VAL A 13 -11.32 7.22 3.78
C VAL A 13 -10.30 7.50 2.70
N SER A 14 -9.07 7.77 3.13
CA SER A 14 -8.02 8.17 2.20
C SER A 14 -6.71 7.56 2.64
N VAL A 15 -5.85 7.25 1.68
CA VAL A 15 -4.51 6.77 1.99
C VAL A 15 -3.52 7.61 1.21
N GLN A 16 -2.38 8.04 1.79
CA GLN A 16 -1.39 8.76 1.01
C GLN A 16 -0.05 8.07 1.28
N GLY A 17 0.86 8.08 0.31
CA GLY A 17 2.15 7.43 0.49
C GLY A 17 2.96 8.16 1.53
N ALA A 18 3.30 7.47 2.62
CA ALA A 18 4.02 8.12 3.71
C ALA A 18 5.55 8.05 3.54
N ALA A 19 6.10 6.86 3.25
CA ALA A 19 7.57 6.73 3.27
C ALA A 19 8.13 5.67 2.29
N LEU A 20 9.44 5.77 2.19
CA LEU A 20 10.23 4.73 1.52
C LEU A 20 11.25 4.18 2.52
N VAL A 21 11.26 2.86 2.67
CA VAL A 21 12.30 2.22 3.43
C VAL A 21 13.00 1.23 2.51
N GLN A 22 14.30 1.25 2.48
CA GLN A 22 15.04 0.21 1.77
C GLN A 22 15.85 -0.49 2.81
N ILE A 23 15.71 -1.78 3.01
CA ILE A 23 16.58 -2.56 3.85
C ILE A 23 17.07 -3.59 2.82
N LYS A 24 17.65 -4.76 3.23
CA LYS A 24 17.97 -5.81 2.21
C LYS A 24 17.00 -5.64 1.02
N ARG A 25 17.32 -6.12 -0.12
CA ARG A 25 16.76 -5.47 -1.32
C ARG A 25 15.28 -5.58 -1.46
N LEU A 26 14.60 -6.01 -0.45
CA LEU A 26 13.12 -5.92 -0.47
C LEU A 26 12.74 -4.48 -0.20
N GLN A 27 11.73 -3.89 -0.87
CA GLN A 27 11.50 -2.46 -0.66
C GLN A 27 10.31 -2.21 0.28
N THR A 28 10.58 -1.35 1.20
CA THR A 28 9.60 -1.06 2.22
C THR A 28 9.00 0.32 1.99
N PHE A 29 7.67 0.41 2.15
CA PHE A 29 6.95 1.63 1.81
C PHE A 29 5.94 1.99 2.86
N ALA A 30 5.99 3.21 3.36
CA ALA A 30 5.04 3.59 4.40
C ALA A 30 3.83 4.28 3.79
N PHE A 31 2.73 4.13 4.50
CA PHE A 31 1.45 4.73 4.11
C PHE A 31 0.93 5.63 5.18
N SER A 32 0.09 6.56 4.79
CA SER A 32 -0.64 7.36 5.73
C SER A 32 -2.11 7.25 5.35
N VAL A 33 -2.96 6.75 6.24
CA VAL A 33 -4.40 6.55 5.93
C VAL A 33 -5.23 7.25 6.94
N ARG A 34 -6.26 8.00 6.56
CA ARG A 34 -7.10 8.59 7.55
C ARG A 34 -8.35 7.76 7.69
N TRP A 35 -8.77 7.63 8.93
CA TRP A 35 -9.89 6.81 9.29
C TRP A 35 -11.13 7.66 9.47
N SER A 36 -12.26 7.17 8.96
CA SER A 36 -13.51 7.94 8.99
C SER A 36 -13.82 8.34 10.40
N ASP A 37 -13.40 7.53 11.33
CA ASP A 37 -13.65 7.80 12.73
C ASP A 37 -12.75 8.98 13.15
N GLY A 38 -12.03 9.51 12.17
CA GLY A 38 -11.23 10.72 12.32
C GLY A 38 -9.78 10.38 12.52
N SER A 39 -9.51 9.13 12.78
CA SER A 39 -8.13 8.75 13.12
C SER A 39 -7.27 8.92 11.90
N ASP A 40 -5.99 9.19 12.11
CA ASP A 40 -5.04 9.18 11.03
C ASP A 40 -4.07 8.06 11.33
N THR A 41 -3.47 7.48 10.33
CA THR A 41 -2.44 6.48 10.60
C THR A 41 -1.31 6.57 9.61
N PHE A 42 -0.10 6.33 10.11
CA PHE A 42 1.06 6.20 9.24
C PHE A 42 1.72 4.87 9.57
N VAL A 43 1.92 3.98 8.61
CA VAL A 43 2.50 2.67 8.90
C VAL A 43 3.51 2.29 7.81
N ARG A 44 4.36 1.30 8.09
CA ARG A 44 5.43 0.87 7.15
C ARG A 44 4.95 -0.39 6.44
N ARG A 45 5.31 -0.58 5.17
CA ARG A 45 4.94 -1.78 4.46
C ARG A 45 6.10 -2.29 3.64
N SER A 46 6.00 -3.53 3.28
CA SER A 46 7.02 -4.14 2.43
C SER A 46 6.54 -4.33 1.00
N TRP A 47 7.47 -4.31 0.07
CA TRP A 47 7.17 -4.64 -1.32
C TRP A 47 6.61 -6.05 -1.34
N ASP A 48 7.17 -6.89 -0.47
CA ASP A 48 6.70 -8.25 -0.21
C ASP A 48 5.33 -8.21 0.37
N GLU A 49 5.10 -7.20 1.17
CA GLU A 49 3.80 -7.04 1.78
C GLU A 49 2.77 -6.90 0.70
N PHE A 50 3.03 -6.12 -0.37
CA PHE A 50 2.15 -6.04 -1.52
C PHE A 50 2.21 -7.35 -2.31
N ARG A 51 3.36 -8.00 -2.22
CA ARG A 51 3.51 -9.25 -2.94
C ARG A 51 2.49 -10.23 -2.40
N GLN A 52 2.32 -10.24 -1.07
CA GLN A 52 1.26 -11.00 -0.50
C GLN A 52 -0.07 -10.34 -0.83
N LEU A 53 -0.04 -9.01 -0.95
CA LEU A 53 -1.34 -8.28 -1.18
C LEU A 53 -1.97 -8.72 -2.49
N LYS A 54 -1.17 -8.77 -3.53
CA LYS A 54 -1.69 -9.19 -4.81
C LYS A 54 -2.14 -10.63 -4.76
N LYS A 55 -1.40 -11.46 -4.03
CA LYS A 55 -1.88 -12.81 -3.79
C LYS A 55 -3.17 -12.73 -3.00
N THR A 56 -3.20 -11.82 -2.03
CA THR A 56 -4.34 -11.72 -1.17
C THR A 56 -5.56 -11.42 -2.00
N LEU A 57 -5.49 -10.48 -2.96
CA LEU A 57 -6.65 -10.23 -3.81
C LEU A 57 -6.94 -11.49 -4.60
N LYS A 58 -5.87 -12.10 -5.08
CA LYS A 58 -6.00 -13.24 -5.98
C LYS A 58 -6.83 -14.33 -5.30
N GLU A 59 -6.70 -14.48 -3.98
CA GLU A 59 -7.54 -15.45 -3.26
C GLU A 59 -9.02 -15.02 -3.20
N THR A 60 -9.27 -13.77 -2.80
CA THR A 60 -10.62 -13.32 -2.46
C THR A 60 -11.40 -12.78 -3.66
N PHE A 61 -10.72 -12.16 -4.60
CA PHE A 61 -11.37 -11.62 -5.78
C PHE A 61 -10.45 -11.77 -6.97
N PRO A 62 -10.28 -12.96 -7.46
CA PRO A 62 -9.36 -13.20 -8.61
C PRO A 62 -9.74 -12.31 -9.78
N VAL A 63 -8.75 -11.69 -10.36
CA VAL A 63 -8.91 -10.87 -11.55
C VAL A 63 -7.59 -10.89 -12.29
N GLU A 64 -6.69 -10.02 -11.85
CA GLU A 64 -5.30 -10.05 -12.28
C GLU A 64 -5.14 -10.33 -13.76
N ALA A 65 -5.34 -11.56 -14.18
CA ALA A 65 -5.25 -11.88 -15.59
C ALA A 65 -6.55 -11.57 -16.29
N GLY A 66 -7.62 -11.31 -15.52
CA GLY A 66 -8.91 -10.93 -16.09
C GLY A 66 -9.60 -12.10 -16.76
N LEU A 67 -9.02 -13.28 -16.65
CA LEU A 67 -9.61 -14.46 -17.25
C LEU A 67 -10.85 -14.92 -16.48
N LEU A 68 -10.70 -14.98 -15.17
CA LEU A 68 -11.72 -15.60 -14.33
C LEU A 68 -13.04 -14.82 -14.34
N ARG A 69 -12.97 -13.50 -14.32
CA ARG A 69 -14.21 -12.71 -14.27
C ARG A 69 -14.15 -11.44 -15.09
N ARG A 70 -15.32 -10.86 -15.21
CA ARG A 70 -15.49 -9.51 -15.74
C ARG A 70 -14.83 -8.50 -14.80
N SER A 71 -14.60 -8.93 -13.57
CA SER A 71 -14.17 -8.04 -12.49
C SER A 71 -12.91 -7.21 -12.82
N ASP A 72 -12.43 -7.20 -14.08
CA ASP A 72 -11.28 -6.35 -14.38
C ASP A 72 -11.69 -4.92 -14.16
N ARG A 73 -12.97 -4.66 -14.36
CA ARG A 73 -13.48 -3.32 -14.22
C ARG A 73 -13.27 -2.83 -12.79
N VAL A 74 -13.45 -3.74 -11.81
CA VAL A 74 -13.34 -3.36 -10.41
C VAL A 74 -11.90 -3.54 -9.91
N LEU A 75 -11.25 -4.64 -10.31
CA LEU A 75 -9.89 -4.92 -9.83
C LEU A 75 -8.89 -4.79 -10.98
N PRO A 76 -8.43 -3.59 -11.23
CA PRO A 76 -7.45 -3.27 -12.32
C PRO A 76 -6.03 -3.74 -11.99
N LYS A 77 -5.21 -3.90 -13.03
CA LYS A 77 -3.79 -4.21 -12.82
C LYS A 77 -3.10 -2.99 -12.22
N LEU A 78 -1.95 -3.21 -11.59
CA LEU A 78 -1.26 -2.14 -10.92
C LEU A 78 -0.56 -1.28 -11.95
N LEU A 79 -0.64 0.02 -11.76
CA LEU A 79 -0.07 0.98 -12.70
C LEU A 79 1.37 1.10 -12.31
N ASP A 80 2.29 1.04 -13.28
CA ASP A 80 3.66 1.27 -12.97
C ASP A 80 3.98 2.66 -13.53
N ALA A 81 4.28 3.61 -12.68
CA ALA A 81 4.46 4.99 -13.14
C ALA A 81 5.92 5.25 -13.53
N PRO A 82 6.14 5.79 -14.71
CA PRO A 82 7.51 6.10 -15.23
C PRO A 82 8.05 7.39 -14.62
N LEU A 83 7.96 7.52 -13.31
CA LEU A 83 8.34 8.77 -12.64
C LEU A 83 9.84 8.97 -12.77
N LEU A 84 10.22 10.24 -12.83
CA LEU A 84 11.63 10.65 -12.82
C LEU A 84 12.34 10.35 -14.14
N GLY A 85 13.62 10.72 -14.14
CA GLY A 85 14.56 10.34 -15.20
C GLY A 85 15.74 9.66 -14.52
N ARG A 86 16.07 10.20 -13.38
CA ARG A 86 17.04 9.60 -12.47
C ARG A 86 16.48 8.28 -12.01
N VAL A 87 17.31 7.30 -11.81
CA VAL A 87 16.83 6.01 -11.40
C VAL A 87 17.63 5.56 -10.19
N GLY A 88 17.79 4.28 -10.01
CA GLY A 88 18.47 3.79 -8.84
C GLY A 88 17.45 3.29 -7.86
N ARG A 89 17.89 2.55 -6.87
CA ARG A 89 16.98 1.99 -5.88
C ARG A 89 16.25 3.08 -5.10
N THR A 90 16.94 4.13 -4.69
CA THR A 90 16.25 5.21 -4.00
C THR A 90 15.23 5.90 -4.94
N SER A 91 15.66 6.27 -6.16
CA SER A 91 14.78 6.98 -7.11
C SER A 91 13.55 6.13 -7.45
N ARG A 92 13.79 4.85 -7.68
CA ARG A 92 12.67 3.94 -7.87
C ARG A 92 11.91 3.91 -6.59
N GLY A 93 12.66 3.98 -5.52
CA GLY A 93 12.08 3.88 -4.22
C GLY A 93 10.96 4.89 -4.09
N LEU A 94 11.20 6.15 -4.43
CA LEU A 94 10.15 7.17 -4.37
C LEU A 94 9.09 7.04 -5.45
N ALA A 95 9.40 6.49 -6.63
CA ALA A 95 8.32 6.37 -7.62
C ALA A 95 7.35 5.32 -7.14
N ARG A 96 7.94 4.27 -6.58
CA ARG A 96 7.19 3.12 -6.13
C ARG A 96 6.18 3.56 -5.07
N LEU A 97 6.54 4.53 -4.24
CA LEU A 97 5.56 5.10 -3.33
C LEU A 97 4.42 5.68 -4.14
N GLN A 98 4.74 6.36 -5.22
CA GLN A 98 3.70 6.95 -6.03
C GLN A 98 2.80 5.82 -6.55
N LEU A 99 3.43 4.73 -7.03
CA LEU A 99 2.63 3.60 -7.57
C LEU A 99 1.76 3.02 -6.50
N LEU A 100 2.34 2.83 -5.34
CA LEU A 100 1.62 2.18 -4.27
C LEU A 100 0.43 3.03 -3.91
N GLU A 101 0.63 4.33 -3.83
CA GLU A 101 -0.48 5.19 -3.47
C GLU A 101 -1.57 5.03 -4.50
N THR A 102 -1.19 5.07 -5.75
CA THR A 102 -2.17 5.00 -6.79
C THR A 102 -2.92 3.66 -6.71
N TYR A 103 -2.19 2.57 -6.54
CA TYR A 103 -2.80 1.24 -6.56
C TYR A 103 -3.74 1.07 -5.40
N SER A 104 -3.26 1.43 -4.21
CA SER A 104 -4.09 1.33 -3.02
C SER A 104 -5.32 2.23 -3.16
N ARG A 105 -5.10 3.42 -3.66
CA ARG A 105 -6.20 4.34 -3.92
C ARG A 105 -7.13 3.78 -4.99
N ARG A 106 -6.57 3.13 -5.99
CA ARG A 106 -7.37 2.58 -7.07
C ARG A 106 -8.34 1.56 -6.43
N LEU A 107 -7.79 0.73 -5.54
CA LEU A 107 -8.54 -0.30 -4.88
C LEU A 107 -9.65 0.34 -4.05
N LEU A 108 -9.37 1.47 -3.41
CA LEU A 108 -10.37 2.22 -2.63
C LEU A 108 -11.33 2.98 -3.54
N ALA A 109 -11.06 2.95 -4.85
CA ALA A 109 -12.18 3.43 -5.72
C ALA A 109 -12.67 2.34 -6.64
N THR A 110 -11.77 1.57 -7.19
CA THR A 110 -12.18 0.64 -8.22
C THR A 110 -12.93 -0.57 -7.74
N ALA A 111 -12.91 -0.90 -6.44
CA ALA A 111 -13.97 -1.85 -6.03
C ALA A 111 -14.27 -1.69 -4.55
N GLU A 112 -15.56 -1.54 -4.25
CA GLU A 112 -16.04 -1.71 -2.88
C GLU A 112 -15.81 -3.13 -2.44
N ARG A 113 -16.01 -4.07 -3.38
CA ARG A 113 -15.88 -5.44 -2.99
C ARG A 113 -14.49 -5.71 -2.56
N VAL A 114 -13.48 -5.22 -3.27
CA VAL A 114 -12.16 -5.39 -2.75
C VAL A 114 -11.95 -4.45 -1.59
N ALA A 115 -12.35 -3.19 -1.78
CA ALA A 115 -11.96 -2.12 -0.84
C ALA A 115 -12.33 -2.36 0.59
N ARG A 116 -13.38 -3.08 0.82
CA ARG A 116 -13.74 -3.27 2.22
C ARG A 116 -13.43 -4.67 2.69
N SER A 117 -13.24 -5.58 1.76
CA SER A 117 -13.09 -6.95 2.19
C SER A 117 -12.09 -7.03 3.35
N PRO A 118 -12.39 -7.87 4.33
CA PRO A 118 -11.73 -7.79 5.67
C PRO A 118 -10.25 -7.76 5.52
N THR A 119 -9.80 -8.33 4.45
CA THR A 119 -8.44 -8.24 4.11
C THR A 119 -8.02 -6.78 3.84
N ILE A 120 -8.90 -5.89 3.25
CA ILE A 120 -8.41 -4.53 3.06
C ILE A 120 -8.22 -3.91 4.40
N THR A 121 -9.20 -4.11 5.25
CA THR A 121 -9.20 -3.43 6.51
C THR A 121 -7.94 -3.78 7.29
N GLY A 122 -7.48 -5.02 7.18
CA GLY A 122 -6.29 -5.38 7.91
C GLY A 122 -5.10 -4.54 7.44
N PHE A 123 -4.88 -4.43 6.12
CA PHE A 123 -3.66 -3.77 5.59
C PHE A 123 -3.48 -2.32 6.00
N PHE A 124 -4.55 -1.54 5.92
CA PHE A 124 -4.46 -0.12 6.27
C PHE A 124 -4.42 0.02 7.81
N ALA A 125 -4.97 -0.99 8.41
CA ALA A 125 -4.88 -1.17 9.84
C ALA A 125 -3.44 -1.54 10.19
N PRO A 126 -2.90 -1.03 11.28
CA PRO A 126 -1.52 -1.43 11.71
C PRO A 126 -1.55 -2.92 11.90
N GLN A 127 -0.50 -3.66 11.57
CA GLN A 127 -0.47 -5.07 11.78
C GLN A 127 0.71 -5.25 12.72
N PRO A 128 0.88 -6.33 13.37
CA PRO A 128 1.91 -6.39 14.46
C PRO A 128 3.26 -5.75 14.03
N LEU A 129 3.64 -5.87 12.76
CA LEU A 129 4.84 -5.19 12.24
C LEU A 129 4.72 -3.66 12.34
N ASP A 130 3.50 -3.17 12.23
CA ASP A 130 3.26 -1.74 12.40
C ASP A 130 3.31 -1.43 13.88
N LEU A 131 3.15 -2.48 14.65
CA LEU A 131 3.15 -2.39 16.08
C LEU A 131 4.53 -2.74 16.61
N GLU A 132 5.50 -2.89 15.71
CA GLU A 132 6.89 -3.10 16.12
C GLU A 132 7.66 -1.79 15.97
N PRO A 133 7.86 -1.09 17.06
CA PRO A 133 8.47 0.29 17.06
C PRO A 133 9.94 0.33 16.64
N ALA A 134 10.61 -0.80 16.70
CA ALA A 134 12.05 -0.83 16.46
C ALA A 134 12.38 -0.98 14.98
N LEU A 135 13.23 -0.09 14.50
CA LEU A 135 13.67 -0.13 13.09
C LEU A 135 15.02 -0.84 13.01
N PRO A 136 15.07 -2.03 12.42
CA PRO A 136 16.33 -2.85 12.35
C PRO A 136 17.47 -2.14 11.59
N PRO A 137 18.69 -2.58 11.82
CA PRO A 137 19.91 -2.01 11.15
C PRO A 137 19.96 -2.31 9.66
N GLY A 138 20.54 -1.40 8.91
CA GLY A 138 20.66 -1.55 7.45
C GLY A 138 19.50 -0.86 6.76
N SER A 139 18.47 -0.61 7.54
CA SER A 139 17.26 -0.02 7.01
C SER A 139 17.51 1.44 6.71
N ARG A 140 17.10 1.92 5.54
CA ARG A 140 17.25 3.32 5.21
C ARG A 140 15.87 3.84 4.84
N VAL A 141 15.43 4.86 5.53
CA VAL A 141 14.08 5.34 5.39
C VAL A 141 14.09 6.74 4.85
N ILE A 142 13.30 6.99 3.83
CA ILE A 142 13.14 8.32 3.33
C ILE A 142 11.88 8.86 3.96
N LEU A 143 12.04 9.97 4.63
CA LEU A 143 11.00 10.44 5.52
C LEU A 143 10.32 11.68 5.00
N PRO A 144 9.03 11.77 5.15
CA PRO A 144 8.27 13.00 4.81
C PRO A 144 8.55 14.09 5.84
N THR A 145 8.50 15.33 5.43
CA THR A 145 8.60 16.40 6.40
C THR A 145 7.30 16.42 7.19
N PRO A 146 7.27 17.03 8.34
CA PRO A 146 6.04 17.03 9.19
C PRO A 146 4.87 17.66 8.44
N GLU A 147 3.66 17.11 8.62
CA GLU A 147 2.46 17.67 7.98
C GLU A 147 1.35 17.79 9.02
N GLU A 148 1.48 17.00 10.08
CA GLU A 148 0.48 16.94 11.15
C GLU A 148 -0.81 16.32 10.63
N GLN A 149 -1.59 15.74 11.52
CA GLN A 149 -2.82 15.05 11.13
C GLN A 149 -4.04 15.92 11.44
N ALA A 7 -11.99 -0.58 18.52
CA ALA A 7 -12.17 -2.02 18.71
C ALA A 7 -12.98 -2.59 17.54
N GLY A 8 -14.08 -1.94 17.21
CA GLY A 8 -14.94 -2.41 16.13
C GLY A 8 -14.24 -2.21 14.79
N PRO A 9 -14.82 -2.66 13.72
CA PRO A 9 -14.23 -2.48 12.35
C PRO A 9 -14.07 -1.00 12.03
N ARG A 10 -12.99 -0.66 11.32
CA ARG A 10 -12.74 0.74 10.94
C ARG A 10 -12.29 0.82 9.50
N TYR A 11 -12.92 1.68 8.72
CA TYR A 11 -12.59 1.78 7.33
C TYR A 11 -11.74 3.02 7.08
N PRO A 12 -10.59 2.84 6.48
CA PRO A 12 -9.72 3.98 6.01
C PRO A 12 -10.45 4.77 4.96
N VAL A 13 -10.31 6.09 4.87
CA VAL A 13 -11.02 6.80 3.84
C VAL A 13 -10.04 7.26 2.78
N SER A 14 -8.80 7.45 3.22
CA SER A 14 -7.75 7.90 2.34
C SER A 14 -6.40 7.40 2.85
N VAL A 15 -5.51 7.17 1.91
CA VAL A 15 -4.14 6.77 2.21
C VAL A 15 -3.23 7.68 1.41
N GLN A 16 -2.13 8.19 1.98
CA GLN A 16 -1.20 8.97 1.20
C GLN A 16 0.19 8.45 1.60
N GLY A 17 1.21 8.66 0.77
CA GLY A 17 2.56 8.06 1.02
C GLY A 17 3.25 8.71 2.22
N ALA A 18 3.56 7.89 3.23
CA ALA A 18 4.23 8.40 4.44
C ALA A 18 5.77 8.36 4.36
N ALA A 19 6.35 7.24 3.88
CA ALA A 19 7.81 7.04 4.03
C ALA A 19 8.37 5.98 3.08
N LEU A 20 9.71 5.96 3.00
CA LEU A 20 10.44 4.95 2.24
C LEU A 20 11.59 4.40 3.11
N VAL A 21 11.66 3.07 3.24
CA VAL A 21 12.85 2.45 3.80
C VAL A 21 13.42 1.48 2.79
N GLN A 22 14.70 1.54 2.57
CA GLN A 22 15.35 0.48 1.82
C GLN A 22 16.35 -0.15 2.75
N ILE A 23 16.27 -1.44 3.02
CA ILE A 23 17.25 -2.16 3.81
C ILE A 23 17.70 -3.18 2.80
N LYS A 24 18.37 -4.28 3.19
CA LYS A 24 18.68 -5.37 2.23
C LYS A 24 17.60 -5.37 1.12
N ARG A 25 17.81 -6.03 0.06
CA ARG A 25 17.19 -5.60 -1.20
C ARG A 25 15.67 -5.63 -1.20
N LEU A 26 15.07 -5.80 -0.06
CA LEU A 26 13.60 -5.71 0.01
C LEU A 26 13.20 -4.36 0.55
N GLN A 27 12.07 -3.78 0.09
CA GLN A 27 11.79 -2.39 0.40
C GLN A 27 10.61 -2.15 1.38
N THR A 28 10.74 -1.02 1.97
CA THR A 28 9.66 -0.46 2.79
C THR A 28 8.98 0.73 2.15
N PHE A 29 7.65 0.73 2.28
CA PHE A 29 6.78 1.81 1.80
C PHE A 29 5.86 2.24 2.91
N ALA A 30 5.77 3.53 3.18
CA ALA A 30 4.90 3.98 4.26
C ALA A 30 3.76 4.82 3.74
N PHE A 31 2.68 4.76 4.46
CA PHE A 31 1.46 5.45 4.10
C PHE A 31 0.97 6.28 5.24
N SER A 32 0.17 7.27 4.93
CA SER A 32 -0.56 7.96 5.92
C SER A 32 -2.02 7.68 5.58
N VAL A 33 -2.73 7.00 6.45
CA VAL A 33 -4.10 6.60 6.15
C VAL A 33 -4.98 7.03 7.29
N ARG A 34 -6.13 7.65 7.03
CA ARG A 34 -6.98 8.08 8.10
C ARG A 34 -8.38 7.49 7.88
N TRP A 35 -9.01 7.03 8.96
CA TRP A 35 -10.18 6.18 8.84
C TRP A 35 -11.48 6.95 9.03
N SER A 36 -12.54 6.41 8.44
CA SER A 36 -13.86 7.05 8.45
C SER A 36 -14.30 7.37 9.88
N ASP A 37 -13.67 6.73 10.86
CA ASP A 37 -13.98 7.01 12.26
C ASP A 37 -13.36 8.36 12.63
N GLY A 38 -12.64 8.95 11.70
CA GLY A 38 -12.06 10.25 11.89
C GLY A 38 -10.67 10.19 12.47
N SER A 39 -10.08 9.01 12.57
CA SER A 39 -8.71 8.91 13.08
C SER A 39 -7.73 9.19 11.95
N ASP A 40 -6.43 9.19 12.26
CA ASP A 40 -5.38 9.31 11.25
C ASP A 40 -4.35 8.22 11.51
N THR A 41 -3.61 7.78 10.50
CA THR A 41 -2.61 6.75 10.72
C THR A 41 -1.40 6.95 9.79
N PHE A 42 -0.22 6.69 10.30
CA PHE A 42 1.00 6.61 9.48
C PHE A 42 1.65 5.25 9.69
N VAL A 43 1.85 4.44 8.65
CA VAL A 43 2.48 3.15 8.84
C VAL A 43 3.43 2.85 7.68
N ARG A 44 4.35 1.92 7.89
CA ARG A 44 5.24 1.46 6.80
C ARG A 44 4.88 0.03 6.49
N ARG A 45 4.90 -0.39 5.22
CA ARG A 45 4.89 -1.80 4.93
C ARG A 45 5.92 -2.08 3.84
N SER A 46 6.24 -3.32 3.74
CA SER A 46 7.17 -3.74 2.72
C SER A 46 6.50 -3.71 1.32
N TRP A 47 7.30 -3.46 0.27
CA TRP A 47 6.81 -3.63 -1.12
C TRP A 47 6.41 -5.07 -1.27
N ASP A 48 7.16 -5.87 -0.60
CA ASP A 48 6.93 -7.26 -0.57
C ASP A 48 5.55 -7.50 -0.01
N GLU A 49 5.09 -6.70 0.98
CA GLU A 49 3.73 -6.90 1.44
C GLU A 49 2.81 -6.70 0.23
N PHE A 50 2.97 -5.58 -0.53
CA PHE A 50 2.09 -5.37 -1.75
C PHE A 50 2.20 -6.52 -2.72
N ARG A 51 3.36 -7.10 -2.77
CA ARG A 51 3.50 -8.30 -3.57
C ARG A 51 2.61 -9.37 -2.98
N GLN A 52 2.64 -9.46 -1.67
CA GLN A 52 1.77 -10.34 -0.93
C GLN A 52 0.33 -9.84 -0.92
N LEU A 53 0.11 -8.54 -0.97
CA LEU A 53 -1.27 -8.06 -0.87
C LEU A 53 -2.01 -8.41 -2.13
N LYS A 54 -1.39 -8.06 -3.24
CA LYS A 54 -1.98 -8.36 -4.53
C LYS A 54 -2.06 -9.83 -4.69
N LYS A 55 -1.03 -10.50 -4.28
CA LYS A 55 -1.04 -11.91 -4.45
C LYS A 55 -2.17 -12.46 -3.61
N THR A 56 -2.26 -11.99 -2.38
CA THR A 56 -3.23 -12.55 -1.49
C THR A 56 -4.61 -12.31 -2.08
N LEU A 57 -4.96 -11.07 -2.45
CA LEU A 57 -6.28 -10.85 -3.02
C LEU A 57 -6.44 -11.51 -4.37
N LYS A 58 -5.44 -11.34 -5.18
CA LYS A 58 -5.56 -11.74 -6.60
C LYS A 58 -5.88 -13.22 -6.70
N GLU A 59 -5.27 -14.02 -5.86
CA GLU A 59 -5.65 -15.43 -5.81
C GLU A 59 -7.10 -15.59 -5.35
N THR A 60 -7.50 -14.79 -4.36
CA THR A 60 -8.86 -14.87 -3.78
C THR A 60 -9.93 -14.13 -4.61
N PHE A 61 -9.52 -13.25 -5.54
CA PHE A 61 -10.48 -12.42 -6.28
C PHE A 61 -10.42 -12.79 -7.76
N PRO A 62 -11.36 -13.59 -8.24
CA PRO A 62 -11.39 -14.01 -9.67
C PRO A 62 -11.68 -12.81 -10.55
N VAL A 63 -10.62 -12.10 -10.87
CA VAL A 63 -10.70 -10.85 -11.58
C VAL A 63 -9.38 -10.60 -12.28
N GLU A 64 -8.34 -10.69 -11.45
CA GLU A 64 -6.98 -10.32 -11.81
C GLU A 64 -6.93 -9.22 -12.84
N ALA A 65 -6.87 -9.58 -14.09
CA ALA A 65 -6.55 -8.66 -15.15
C ALA A 65 -7.76 -7.96 -15.72
N GLY A 66 -8.93 -8.08 -15.10
CA GLY A 66 -10.08 -7.31 -15.60
C GLY A 66 -10.80 -8.00 -16.73
N LEU A 67 -10.45 -9.22 -17.01
CA LEU A 67 -11.09 -9.95 -18.08
C LEU A 67 -12.56 -10.23 -17.72
N LEU A 68 -12.75 -10.61 -16.45
CA LEU A 68 -14.02 -11.17 -16.00
C LEU A 68 -14.95 -10.16 -15.28
N ARG A 69 -14.52 -8.91 -15.10
CA ARG A 69 -15.30 -8.00 -14.21
C ARG A 69 -15.62 -6.63 -14.88
N ARG A 70 -16.78 -6.02 -14.50
CA ARG A 70 -17.20 -4.70 -15.06
C ARG A 70 -17.79 -3.70 -13.97
N SER A 71 -17.41 -3.87 -12.70
CA SER A 71 -17.92 -3.00 -11.57
C SER A 71 -16.99 -3.21 -10.40
N ASP A 72 -17.38 -2.92 -9.13
CA ASP A 72 -16.49 -3.19 -7.97
C ASP A 72 -16.14 -4.68 -7.88
N ARG A 73 -16.60 -5.40 -8.84
CA ARG A 73 -16.16 -6.75 -9.00
C ARG A 73 -14.77 -6.72 -9.68
N VAL A 74 -14.39 -5.54 -10.21
CA VAL A 74 -13.09 -5.34 -10.90
C VAL A 74 -11.91 -5.18 -9.93
N LEU A 75 -10.80 -5.82 -10.32
CA LEU A 75 -9.50 -5.68 -9.64
C LEU A 75 -8.39 -5.88 -10.66
N PRO A 76 -8.38 -5.07 -11.68
CA PRO A 76 -7.45 -5.24 -12.87
C PRO A 76 -5.97 -5.08 -12.51
N LYS A 77 -5.18 -4.79 -13.54
CA LYS A 77 -3.76 -4.58 -13.38
C LYS A 77 -3.48 -3.36 -12.54
N LEU A 78 -2.36 -3.40 -11.87
CA LEU A 78 -1.92 -2.30 -11.05
C LEU A 78 -1.37 -1.23 -11.96
N LEU A 79 -1.69 0.02 -11.68
CA LEU A 79 -1.28 1.12 -12.53
C LEU A 79 0.14 1.41 -12.13
N ASP A 80 1.03 1.56 -13.10
CA ASP A 80 2.40 1.90 -12.80
C ASP A 80 2.88 2.88 -13.85
N ALA A 81 3.77 3.77 -13.48
CA ALA A 81 4.28 4.80 -14.39
C ALA A 81 5.22 4.15 -15.38
N PRO A 82 5.74 4.86 -16.36
CA PRO A 82 6.58 4.24 -17.42
C PRO A 82 7.73 3.45 -16.80
N LEU A 83 8.05 2.34 -17.44
CA LEU A 83 8.88 1.33 -16.80
C LEU A 83 10.35 1.70 -16.78
N LEU A 84 11.00 1.31 -15.69
CA LEU A 84 12.43 1.42 -15.57
C LEU A 84 13.07 0.50 -16.62
N GLY A 85 14.34 0.24 -16.49
CA GLY A 85 14.98 -0.78 -17.30
C GLY A 85 15.74 -1.69 -16.37
N ARG A 86 16.44 -1.06 -15.46
CA ARG A 86 17.18 -1.76 -14.43
C ARG A 86 16.22 -2.26 -13.34
N VAL A 87 16.62 -3.32 -12.67
CA VAL A 87 15.87 -3.81 -11.54
C VAL A 87 15.86 -2.73 -10.44
N GLY A 88 17.02 -2.58 -9.81
CA GLY A 88 17.19 -1.62 -8.69
C GLY A 88 15.86 -1.35 -7.98
N ARG A 89 15.59 -2.15 -6.99
CA ARG A 89 14.34 -2.08 -6.29
C ARG A 89 14.13 -0.70 -5.68
N THR A 90 15.20 -0.06 -5.25
CA THR A 90 15.07 1.28 -4.68
C THR A 90 14.46 2.24 -5.72
N SER A 91 14.90 2.17 -6.97
CA SER A 91 14.31 3.03 -8.01
C SER A 91 12.81 2.75 -8.17
N ARG A 92 12.44 1.48 -8.02
CA ARG A 92 11.03 1.07 -7.88
C ARG A 92 10.45 1.65 -6.57
N GLY A 93 11.29 1.76 -5.62
CA GLY A 93 10.92 2.55 -4.40
C GLY A 93 10.45 3.97 -4.83
N LEU A 94 11.24 4.53 -5.65
CA LEU A 94 10.92 5.90 -6.13
C LEU A 94 9.59 5.91 -6.97
N ALA A 95 9.54 4.99 -7.92
CA ALA A 95 8.33 4.86 -8.79
C ALA A 95 7.15 4.27 -8.03
N ARG A 96 7.45 3.19 -7.38
CA ARG A 96 6.49 2.38 -6.67
C ARG A 96 5.86 3.20 -5.57
N LEU A 97 6.63 4.05 -4.88
CA LEU A 97 6.04 4.80 -3.79
C LEU A 97 4.94 5.67 -4.32
N GLN A 98 5.20 6.30 -5.45
CA GLN A 98 4.20 7.16 -6.04
C GLN A 98 2.99 6.31 -6.45
N LEU A 99 3.29 5.22 -7.12
CA LEU A 99 2.27 4.37 -7.68
C LEU A 99 1.43 3.73 -6.60
N LEU A 100 2.10 3.33 -5.57
CA LEU A 100 1.45 2.60 -4.53
C LEU A 100 0.41 3.44 -3.88
N GLU A 101 0.63 4.74 -3.67
CA GLU A 101 -0.42 5.55 -3.15
C GLU A 101 -1.57 5.65 -4.13
N THR A 102 -1.27 5.61 -5.45
CA THR A 102 -2.39 5.67 -6.36
C THR A 102 -3.22 4.38 -6.22
N TYR A 103 -2.49 3.28 -6.23
CA TYR A 103 -3.08 1.95 -6.28
C TYR A 103 -3.92 1.66 -5.05
N SER A 104 -3.37 1.95 -3.90
CA SER A 104 -4.08 1.70 -2.66
C SER A 104 -5.38 2.49 -2.66
N ARG A 105 -5.29 3.71 -3.12
CA ARG A 105 -6.46 4.56 -3.22
C ARG A 105 -7.44 3.89 -4.18
N ARG A 106 -6.90 3.35 -5.27
CA ARG A 106 -7.71 2.65 -6.25
C ARG A 106 -8.37 1.40 -5.70
N LEU A 107 -7.77 0.70 -4.79
CA LEU A 107 -8.45 -0.43 -4.25
C LEU A 107 -9.63 0.03 -3.44
N LEU A 108 -9.50 1.23 -2.87
CA LEU A 108 -10.63 1.90 -2.29
C LEU A 108 -11.52 2.54 -3.40
N ALA A 109 -10.92 2.70 -4.59
CA ALA A 109 -11.57 3.43 -5.73
C ALA A 109 -11.77 2.57 -6.99
N THR A 110 -11.45 1.32 -6.91
CA THR A 110 -11.58 0.40 -8.04
C THR A 110 -12.73 -0.50 -7.80
N ALA A 111 -12.92 -0.84 -6.53
CA ALA A 111 -14.09 -1.54 -6.16
C ALA A 111 -14.46 -1.20 -4.75
N GLU A 112 -15.72 -0.90 -4.55
CA GLU A 112 -16.26 -0.75 -3.21
C GLU A 112 -16.11 -2.06 -2.48
N ARG A 113 -16.54 -3.07 -3.22
CA ARG A 113 -16.73 -4.32 -2.59
C ARG A 113 -15.40 -4.85 -2.14
N VAL A 114 -14.35 -4.70 -2.98
CA VAL A 114 -13.02 -5.09 -2.53
C VAL A 114 -12.58 -4.16 -1.42
N ALA A 115 -12.83 -2.86 -1.60
CA ALA A 115 -12.23 -1.83 -0.74
C ALA A 115 -12.45 -2.04 0.73
N ARG A 116 -13.45 -2.78 1.13
CA ARG A 116 -13.60 -3.01 2.57
C ARG A 116 -13.27 -4.46 3.01
N SER A 117 -13.15 -5.40 2.07
CA SER A 117 -12.99 -6.82 2.49
C SER A 117 -11.98 -6.97 3.63
N PRO A 118 -12.13 -7.98 4.46
CA PRO A 118 -11.44 -8.06 5.80
C PRO A 118 -9.94 -7.81 5.68
N THR A 119 -9.41 -8.21 4.57
CA THR A 119 -8.04 -7.90 4.26
C THR A 119 -7.86 -6.37 4.12
N ILE A 120 -8.95 -5.63 3.79
CA ILE A 120 -8.81 -4.19 3.79
C ILE A 120 -8.56 -3.71 5.21
N THR A 121 -9.33 -4.26 6.13
CA THR A 121 -9.18 -3.89 7.51
C THR A 121 -7.80 -4.32 7.97
N GLY A 122 -7.35 -5.47 7.49
CA GLY A 122 -5.96 -5.83 7.72
C GLY A 122 -5.06 -4.81 7.06
N PHE A 123 -5.37 -4.48 5.82
CA PHE A 123 -4.45 -3.71 4.98
C PHE A 123 -4.02 -2.37 5.56
N PHE A 124 -4.91 -1.59 6.09
CA PHE A 124 -4.51 -0.26 6.54
C PHE A 124 -4.18 -0.28 8.01
N ALA A 125 -4.50 -1.39 8.60
CA ALA A 125 -4.24 -1.60 10.00
C ALA A 125 -2.73 -1.74 10.19
N PRO A 126 -2.13 -0.99 11.09
CA PRO A 126 -0.65 -1.07 11.31
C PRO A 126 -0.28 -2.48 11.70
N GLN A 127 0.86 -2.99 11.27
CA GLN A 127 1.23 -4.35 11.56
C GLN A 127 2.49 -4.33 12.40
N PRO A 128 2.83 -5.40 13.06
CA PRO A 128 3.99 -5.41 14.00
C PRO A 128 5.24 -4.81 13.35
N LEU A 129 5.41 -4.95 12.06
CA LEU A 129 6.56 -4.41 11.38
C LEU A 129 6.61 -2.88 11.45
N ASP A 130 5.47 -2.22 11.68
CA ASP A 130 5.51 -0.76 11.85
C ASP A 130 6.03 -0.43 13.25
N LEU A 131 5.93 -1.44 14.09
CA LEU A 131 6.27 -1.25 15.48
C LEU A 131 7.77 -1.09 15.59
N GLU A 132 8.50 -1.75 14.69
CA GLU A 132 9.94 -1.56 14.63
C GLU A 132 10.23 -0.18 14.02
N PRO A 133 10.84 0.72 14.75
CA PRO A 133 11.04 2.11 14.24
C PRO A 133 11.96 2.16 13.02
N ALA A 134 13.18 1.65 13.18
CA ALA A 134 14.08 1.49 12.04
C ALA A 134 14.53 0.05 12.04
N LEU A 135 14.78 -0.53 10.88
CA LEU A 135 15.30 -1.90 10.82
C LEU A 135 16.83 -1.87 10.89
N PRO A 136 17.41 -2.44 11.91
CA PRO A 136 18.90 -2.42 12.14
C PRO A 136 19.75 -2.76 10.89
N PRO A 137 19.37 -3.75 10.09
CA PRO A 137 20.19 -4.21 8.91
C PRO A 137 20.47 -3.10 7.87
N GLY A 138 20.99 -1.96 8.32
CA GLY A 138 21.48 -0.94 7.39
C GLY A 138 20.35 -0.15 6.75
N SER A 139 19.25 0.03 7.47
CA SER A 139 18.09 0.65 6.86
C SER A 139 18.33 2.14 6.65
N ARG A 140 17.69 2.68 5.61
CA ARG A 140 17.67 4.09 5.41
C ARG A 140 16.23 4.45 5.26
N VAL A 141 15.80 5.43 5.98
CA VAL A 141 14.42 5.80 5.93
C VAL A 141 14.30 7.19 5.36
N ILE A 142 13.59 7.30 4.27
CA ILE A 142 13.33 8.57 3.66
C ILE A 142 11.84 8.82 3.78
N LEU A 143 11.40 9.85 4.51
CA LEU A 143 9.97 10.08 4.64
C LEU A 143 9.56 11.36 3.91
N PRO A 144 8.69 11.28 2.95
CA PRO A 144 8.03 12.49 2.40
C PRO A 144 7.23 13.13 3.52
N THR A 145 7.21 14.45 3.60
CA THR A 145 6.71 15.09 4.82
C THR A 145 5.20 14.85 5.04
N PRO A 146 4.81 14.65 6.30
CA PRO A 146 3.36 14.42 6.72
C PRO A 146 2.45 15.58 6.35
N GLU A 147 1.16 15.28 6.07
CA GLU A 147 0.23 16.32 5.62
C GLU A 147 0.11 17.37 6.72
N GLU A 148 0.01 16.89 7.95
CA GLU A 148 -0.10 17.78 9.09
C GLU A 148 1.26 18.37 9.39
N GLN A 149 1.28 19.66 9.64
CA GLN A 149 2.50 20.36 9.92
C GLN A 149 2.52 20.85 11.37
N ALA A 7 -10.13 -2.95 19.18
CA ALA A 7 -10.28 -2.13 17.94
C ALA A 7 -10.86 -3.00 16.84
N GLY A 8 -12.17 -3.05 16.75
CA GLY A 8 -12.83 -3.77 15.66
C GLY A 8 -12.48 -3.11 14.35
N PRO A 9 -12.82 -3.69 13.23
CA PRO A 9 -12.50 -3.08 11.90
C PRO A 9 -13.17 -1.71 11.74
N ARG A 10 -12.44 -0.78 11.14
CA ARG A 10 -12.91 0.57 10.86
C ARG A 10 -12.46 0.87 9.43
N TYR A 11 -13.17 1.71 8.64
CA TYR A 11 -12.81 1.84 7.23
C TYR A 11 -11.94 3.07 6.95
N PRO A 12 -10.78 2.87 6.34
CA PRO A 12 -9.91 3.97 5.85
C PRO A 12 -10.47 4.59 4.58
N VAL A 13 -10.27 5.88 4.36
CA VAL A 13 -10.94 6.52 3.24
C VAL A 13 -9.95 6.95 2.17
N SER A 14 -8.72 7.14 2.57
CA SER A 14 -7.72 7.71 1.67
C SER A 14 -6.36 7.19 2.08
N VAL A 15 -5.40 7.15 1.17
CA VAL A 15 -4.05 6.71 1.51
C VAL A 15 -3.07 7.70 0.91
N GLN A 16 -2.00 8.00 1.62
CA GLN A 16 -0.93 8.79 1.03
C GLN A 16 0.39 8.03 1.21
N GLY A 17 1.23 8.03 0.16
CA GLY A 17 2.54 7.38 0.24
C GLY A 17 3.48 8.24 1.08
N ALA A 18 3.73 7.81 2.29
CA ALA A 18 4.41 8.65 3.27
C ALA A 18 5.93 8.53 3.23
N ALA A 19 6.47 7.32 3.23
CA ALA A 19 7.92 7.18 3.44
C ALA A 19 8.55 5.95 2.79
N LEU A 20 9.86 5.80 3.06
CA LEU A 20 10.62 4.64 2.59
C LEU A 20 11.47 4.07 3.77
N VAL A 21 11.38 2.75 4.00
CA VAL A 21 12.24 2.09 4.97
C VAL A 21 13.03 0.99 4.24
N GLN A 22 14.34 0.94 4.41
CA GLN A 22 15.10 -0.22 3.92
C GLN A 22 15.76 -0.85 5.14
N ILE A 23 15.44 -2.10 5.51
CA ILE A 23 16.33 -2.89 6.37
C ILE A 23 16.43 -4.07 5.42
N LYS A 24 17.46 -4.51 4.65
CA LYS A 24 16.99 -5.39 3.58
C LYS A 24 16.94 -6.88 3.88
N ARG A 25 15.75 -7.19 4.33
CA ARG A 25 15.14 -8.43 3.92
C ARG A 25 14.02 -7.99 2.96
N LEU A 26 13.61 -6.74 3.20
CA LEU A 26 12.69 -6.01 2.39
C LEU A 26 13.28 -4.61 2.15
N GLN A 27 13.05 -4.00 1.01
CA GLN A 27 13.17 -2.54 0.94
C GLN A 27 11.74 -2.06 1.03
N THR A 28 11.35 -1.29 2.04
CA THR A 28 9.94 -1.11 2.26
C THR A 28 9.51 0.33 2.04
N PHE A 29 8.21 0.49 2.03
CA PHE A 29 7.54 1.74 1.72
C PHE A 29 6.81 2.14 2.97
N ALA A 30 6.31 3.38 3.07
CA ALA A 30 5.50 3.76 4.19
C ALA A 30 4.31 4.56 3.65
N PHE A 31 3.14 4.34 4.22
CA PHE A 31 1.93 5.03 3.76
C PHE A 31 1.21 5.62 4.92
N SER A 32 0.44 6.69 4.69
CA SER A 32 -0.41 7.22 5.69
C SER A 32 -1.82 7.09 5.14
N VAL A 33 -2.67 6.40 5.81
CA VAL A 33 -4.04 6.22 5.34
C VAL A 33 -5.03 6.61 6.43
N ARG A 34 -6.09 7.45 6.15
CA ARG A 34 -6.95 7.89 7.23
C ARG A 34 -8.29 7.14 7.25
N TRP A 35 -8.84 7.05 8.48
CA TRP A 35 -10.08 6.29 8.76
C TRP A 35 -11.28 7.19 9.00
N SER A 36 -12.41 6.75 8.46
CA SER A 36 -13.67 7.50 8.53
C SER A 36 -14.01 7.81 9.99
N ASP A 37 -13.41 7.03 10.88
CA ASP A 37 -13.55 7.25 12.32
C ASP A 37 -12.76 8.49 12.73
N GLY A 38 -12.08 9.07 11.77
CA GLY A 38 -11.28 10.26 12.01
C GLY A 38 -9.86 9.86 12.24
N SER A 39 -9.64 8.56 12.41
CA SER A 39 -8.34 8.05 12.82
C SER A 39 -7.36 8.21 11.69
N ASP A 40 -6.07 8.28 12.03
CA ASP A 40 -5.02 8.31 11.04
C ASP A 40 -4.20 7.04 11.17
N THR A 41 -3.49 6.66 10.13
CA THR A 41 -2.54 5.56 10.27
C THR A 41 -1.32 5.80 9.42
N PHE A 42 -0.17 5.43 9.95
CA PHE A 42 1.07 5.42 9.19
C PHE A 42 1.63 4.01 9.31
N VAL A 43 1.96 3.37 8.19
CA VAL A 43 2.48 2.02 8.26
C VAL A 43 3.61 1.83 7.25
N ARG A 44 4.40 0.78 7.45
CA ARG A 44 5.55 0.48 6.61
C ARG A 44 5.11 -0.64 5.72
N ARG A 45 5.56 -0.72 4.48
CA ARG A 45 5.15 -1.82 3.63
C ARG A 45 6.32 -2.37 2.87
N SER A 46 6.24 -3.64 2.55
CA SER A 46 7.27 -4.30 1.77
C SER A 46 6.81 -4.54 0.36
N TRP A 47 7.74 -4.59 -0.58
CA TRP A 47 7.37 -4.95 -1.95
C TRP A 47 6.79 -6.37 -1.92
N ASP A 48 7.43 -7.22 -1.11
CA ASP A 48 6.98 -8.57 -0.84
C ASP A 48 5.63 -8.54 -0.11
N GLU A 49 5.51 -7.54 0.81
CA GLU A 49 4.29 -7.40 1.60
C GLU A 49 3.16 -7.04 0.72
N PHE A 50 3.36 -6.09 -0.19
CA PHE A 50 2.35 -5.76 -1.13
C PHE A 50 2.05 -6.99 -1.93
N ARG A 51 3.11 -7.67 -2.33
CA ARG A 51 2.93 -8.77 -3.22
C ARG A 51 1.96 -9.76 -2.61
N GLN A 52 2.06 -10.03 -1.29
CA GLN A 52 1.04 -10.84 -0.65
C GLN A 52 -0.24 -10.03 -0.57
N LEU A 53 -0.07 -8.72 -0.44
CA LEU A 53 -1.24 -7.81 -0.26
C LEU A 53 -2.14 -7.93 -1.48
N LYS A 54 -1.49 -7.93 -2.62
CA LYS A 54 -2.12 -8.25 -3.87
C LYS A 54 -2.65 -9.68 -3.82
N LYS A 55 -1.83 -10.58 -3.30
CA LYS A 55 -2.22 -11.99 -3.23
C LYS A 55 -3.48 -12.12 -2.43
N THR A 56 -3.48 -11.48 -1.30
CA THR A 56 -4.55 -11.62 -0.39
C THR A 56 -5.82 -11.13 -1.05
N LEU A 57 -5.79 -9.97 -1.72
CA LEU A 57 -6.97 -9.53 -2.40
C LEU A 57 -7.33 -10.54 -3.49
N LYS A 58 -6.31 -10.98 -4.22
CA LYS A 58 -6.55 -11.91 -5.34
C LYS A 58 -7.26 -13.16 -4.88
N GLU A 59 -7.02 -13.59 -3.66
CA GLU A 59 -7.78 -14.72 -3.17
C GLU A 59 -9.26 -14.34 -3.02
N THR A 60 -9.53 -13.12 -2.57
CA THR A 60 -10.91 -12.69 -2.34
C THR A 60 -11.55 -12.09 -3.61
N PHE A 61 -10.74 -11.70 -4.59
CA PHE A 61 -11.26 -11.21 -5.86
C PHE A 61 -10.35 -11.76 -6.97
N PRO A 62 -10.55 -13.00 -7.39
CA PRO A 62 -9.70 -13.63 -8.46
C PRO A 62 -9.77 -12.85 -9.78
N VAL A 63 -9.68 -11.55 -9.66
CA VAL A 63 -9.60 -10.67 -10.80
C VAL A 63 -8.33 -10.98 -11.54
N GLU A 64 -7.27 -11.10 -10.79
CA GLU A 64 -5.92 -11.40 -11.27
C GLU A 64 -5.78 -11.19 -12.79
N ALA A 65 -6.29 -12.14 -13.53
CA ALA A 65 -6.09 -12.14 -14.99
C ALA A 65 -7.32 -11.56 -15.73
N GLY A 66 -8.41 -11.38 -15.04
CA GLY A 66 -9.62 -10.79 -15.62
C GLY A 66 -10.18 -11.63 -16.76
N LEU A 67 -9.62 -12.80 -17.01
CA LEU A 67 -10.24 -13.70 -17.98
C LEU A 67 -11.57 -14.21 -17.45
N LEU A 68 -11.53 -14.63 -16.21
CA LEU A 68 -12.71 -15.16 -15.54
C LEU A 68 -13.74 -14.08 -15.23
N ARG A 69 -13.26 -12.90 -14.86
CA ARG A 69 -14.13 -11.84 -14.38
C ARG A 69 -13.83 -10.49 -15.03
N ARG A 70 -14.87 -9.67 -15.12
CA ARG A 70 -14.73 -8.29 -15.55
C ARG A 70 -14.54 -7.40 -14.33
N SER A 71 -14.35 -8.05 -13.18
CA SER A 71 -14.07 -7.33 -11.96
C SER A 71 -12.72 -6.61 -12.06
N ASP A 72 -12.03 -6.80 -13.19
CA ASP A 72 -10.76 -6.12 -13.39
C ASP A 72 -11.00 -4.63 -13.40
N ARG A 73 -12.16 -4.25 -13.89
CA ARG A 73 -12.52 -2.84 -13.90
C ARG A 73 -12.53 -2.32 -12.46
N VAL A 74 -13.16 -3.11 -11.57
CA VAL A 74 -13.31 -2.70 -10.17
C VAL A 74 -12.04 -2.95 -9.37
N LEU A 75 -11.37 -4.07 -9.64
CA LEU A 75 -10.13 -4.41 -8.92
C LEU A 75 -8.93 -4.07 -9.82
N PRO A 76 -8.31 -2.96 -9.55
CA PRO A 76 -7.20 -2.40 -10.37
C PRO A 76 -5.89 -3.20 -10.27
N LYS A 77 -5.00 -2.89 -11.20
CA LYS A 77 -3.70 -3.51 -11.28
C LYS A 77 -2.65 -2.46 -10.90
N LEU A 78 -1.46 -2.86 -10.47
CA LEU A 78 -0.43 -1.86 -10.22
C LEU A 78 0.13 -1.43 -11.54
N LEU A 79 0.25 -0.14 -11.73
CA LEU A 79 0.75 0.38 -12.98
C LEU A 79 2.15 0.91 -12.76
N ASP A 80 3.10 0.42 -13.54
CA ASP A 80 4.48 0.85 -13.42
C ASP A 80 4.77 1.77 -14.57
N ALA A 81 5.30 2.93 -14.28
CA ALA A 81 5.32 4.00 -15.26
C ALA A 81 6.30 3.69 -16.41
N PRO A 82 5.83 3.70 -17.62
CA PRO A 82 6.71 3.55 -18.80
C PRO A 82 7.77 4.67 -18.78
N LEU A 83 7.38 5.81 -18.21
CA LEU A 83 8.24 6.99 -18.18
C LEU A 83 8.91 7.15 -16.80
N LEU A 84 9.27 6.03 -16.19
CA LEU A 84 9.88 6.06 -14.86
C LEU A 84 11.20 6.79 -14.85
N GLY A 85 11.98 6.63 -15.91
CA GLY A 85 13.33 7.17 -15.91
C GLY A 85 14.25 6.27 -15.10
N ARG A 86 13.67 5.54 -14.12
CA ARG A 86 14.41 4.57 -13.30
C ARG A 86 15.55 5.23 -12.51
N VAL A 87 16.21 6.15 -13.17
CA VAL A 87 17.42 6.80 -12.64
C VAL A 87 18.13 5.81 -11.70
N GLY A 88 17.90 5.93 -10.37
CA GLY A 88 18.47 4.97 -9.43
C GLY A 88 17.40 4.02 -8.88
N ARG A 89 17.82 2.99 -8.18
CA ARG A 89 16.88 2.05 -7.58
C ARG A 89 16.01 2.79 -6.60
N THR A 90 16.61 3.73 -5.92
CA THR A 90 15.89 4.49 -4.93
C THR A 90 14.74 5.25 -5.60
N SER A 91 15.02 5.85 -6.75
CA SER A 91 13.98 6.53 -7.51
C SER A 91 12.87 5.56 -7.90
N ARG A 92 13.27 4.32 -8.18
CA ARG A 92 12.32 3.24 -8.45
C ARG A 92 11.50 3.00 -7.18
N GLY A 93 12.19 3.04 -6.07
CA GLY A 93 11.55 2.81 -4.78
C GLY A 93 10.44 3.80 -4.57
N LEU A 94 10.73 5.09 -4.77
CA LEU A 94 9.73 6.10 -4.60
C LEU A 94 8.66 6.00 -5.64
N ALA A 95 8.97 5.49 -6.83
CA ALA A 95 7.92 5.32 -7.83
C ALA A 95 6.92 4.32 -7.30
N ARG A 96 7.47 3.30 -6.67
CA ARG A 96 6.63 2.27 -6.08
C ARG A 96 5.72 2.88 -5.02
N LEU A 97 6.16 3.89 -4.25
CA LEU A 97 5.21 4.57 -3.37
C LEU A 97 4.12 5.20 -4.22
N GLN A 98 4.51 5.85 -5.32
CA GLN A 98 3.51 6.58 -6.08
C GLN A 98 2.50 5.58 -6.62
N LEU A 99 3.00 4.49 -7.18
CA LEU A 99 2.12 3.51 -7.81
C LEU A 99 1.24 2.88 -6.74
N LEU A 100 1.86 2.53 -5.63
CA LEU A 100 1.14 1.86 -4.59
C LEU A 100 0.05 2.79 -4.07
N GLU A 101 0.40 4.07 -3.86
CA GLU A 101 -0.59 5.05 -3.42
C GLU A 101 -1.70 5.12 -4.47
N THR A 102 -1.30 5.20 -5.72
CA THR A 102 -2.29 5.32 -6.76
C THR A 102 -3.24 4.14 -6.70
N TYR A 103 -2.69 2.97 -6.55
CA TYR A 103 -3.49 1.75 -6.46
C TYR A 103 -4.43 1.79 -5.26
N SER A 104 -3.87 2.14 -4.10
CA SER A 104 -4.65 2.16 -2.86
C SER A 104 -5.80 3.14 -2.97
N ARG A 105 -5.50 4.30 -3.52
CA ARG A 105 -6.50 5.34 -3.68
C ARG A 105 -7.58 4.86 -4.66
N ARG A 106 -7.18 4.13 -5.67
CA ARG A 106 -8.14 3.49 -6.55
C ARG A 106 -8.98 2.45 -5.81
N LEU A 107 -8.38 1.66 -4.96
CA LEU A 107 -9.14 0.63 -4.27
C LEU A 107 -10.23 1.30 -3.47
N LEU A 108 -9.93 2.44 -2.87
CA LEU A 108 -10.90 3.16 -2.09
C LEU A 108 -11.98 3.77 -3.03
N ALA A 109 -11.75 3.68 -4.39
CA ALA A 109 -12.92 3.96 -5.24
C ALA A 109 -13.30 2.78 -6.13
N THR A 110 -12.33 2.05 -6.67
CA THR A 110 -12.61 1.12 -7.74
C THR A 110 -13.47 -0.07 -7.41
N ALA A 111 -13.44 -0.59 -6.22
CA ALA A 111 -14.40 -1.67 -5.94
C ALA A 111 -15.07 -1.39 -4.65
N GLU A 112 -16.38 -1.53 -4.60
CA GLU A 112 -17.04 -1.06 -3.43
C GLU A 112 -16.56 -1.81 -2.19
N ARG A 113 -16.58 -3.16 -2.16
CA ARG A 113 -16.11 -3.82 -0.98
C ARG A 113 -14.63 -3.65 -0.82
N VAL A 114 -13.85 -3.70 -1.89
CA VAL A 114 -12.41 -3.51 -1.83
C VAL A 114 -12.02 -2.12 -1.34
N ALA A 115 -12.98 -1.24 -1.33
CA ALA A 115 -12.71 0.00 -0.61
C ALA A 115 -12.61 -0.33 0.90
N ARG A 116 -13.45 -1.30 1.30
CA ARG A 116 -13.48 -1.79 2.73
C ARG A 116 -12.99 -3.25 2.92
N SER A 117 -12.81 -3.97 1.84
CA SER A 117 -12.87 -5.43 1.97
C SER A 117 -12.06 -5.91 3.17
N PRO A 118 -12.47 -7.01 3.79
CA PRO A 118 -11.92 -7.42 5.11
C PRO A 118 -10.44 -7.42 5.05
N THR A 119 -9.97 -7.75 3.88
CA THR A 119 -8.59 -7.65 3.60
C THR A 119 -8.11 -6.21 3.68
N ILE A 120 -8.95 -5.19 3.31
CA ILE A 120 -8.47 -3.85 3.37
C ILE A 120 -8.20 -3.50 4.80
N THR A 121 -9.17 -3.87 5.62
CA THR A 121 -9.10 -3.50 6.99
C THR A 121 -7.82 -4.04 7.58
N GLY A 122 -7.40 -5.24 7.14
CA GLY A 122 -6.12 -5.71 7.61
C GLY A 122 -5.03 -4.78 7.07
N PHE A 123 -5.01 -4.49 5.74
CA PHE A 123 -3.87 -3.76 5.18
C PHE A 123 -3.63 -2.34 5.70
N PHE A 124 -4.66 -1.54 5.81
CA PHE A 124 -4.43 -0.13 6.23
C PHE A 124 -4.16 -0.09 7.74
N ALA A 125 -4.51 -1.19 8.30
CA ALA A 125 -4.06 -1.51 9.64
C ALA A 125 -2.52 -1.81 9.61
N PRO A 126 -1.78 -1.38 10.62
CA PRO A 126 -0.31 -1.76 10.78
C PRO A 126 -0.28 -3.26 10.89
N GLN A 127 0.76 -4.01 10.51
CA GLN A 127 0.74 -5.43 10.68
C GLN A 127 1.81 -5.63 11.73
N PRO A 128 1.89 -6.72 12.39
CA PRO A 128 2.78 -6.82 13.59
C PRO A 128 4.16 -6.20 13.33
N LEU A 129 4.65 -6.30 12.13
CA LEU A 129 5.90 -5.70 11.74
C LEU A 129 5.88 -4.15 11.84
N ASP A 130 4.69 -3.57 11.69
CA ASP A 130 4.55 -2.14 11.98
C ASP A 130 4.50 -1.95 13.48
N LEU A 131 4.25 -3.05 14.15
CA LEU A 131 4.17 -3.10 15.59
C LEU A 131 5.47 -3.65 16.15
N GLU A 132 6.51 -3.76 15.30
CA GLU A 132 7.85 -4.11 15.77
C GLU A 132 8.69 -2.81 15.76
N PRO A 133 9.00 -2.26 16.90
CA PRO A 133 9.58 -0.87 16.96
C PRO A 133 10.83 -0.68 16.08
N ALA A 134 11.75 -1.64 16.08
CA ALA A 134 12.92 -1.56 15.20
C ALA A 134 13.01 -2.83 14.38
N LEU A 135 13.48 -2.76 13.13
CA LEU A 135 13.77 -3.98 12.37
C LEU A 135 15.30 -4.14 12.32
N PRO A 136 15.82 -5.23 12.81
CA PRO A 136 17.32 -5.45 12.95
C PRO A 136 18.13 -5.26 11.63
N PRO A 137 17.65 -5.75 10.51
CA PRO A 137 18.45 -5.76 9.24
C PRO A 137 18.95 -4.37 8.76
N GLY A 138 19.52 -3.59 9.67
CA GLY A 138 20.18 -2.32 9.29
C GLY A 138 19.19 -1.31 8.72
N SER A 139 18.24 -0.94 9.53
CA SER A 139 17.08 -0.20 9.03
C SER A 139 17.43 1.22 8.65
N ARG A 140 17.19 1.59 7.38
CA ARG A 140 17.34 2.95 6.93
C ARG A 140 15.96 3.45 6.62
N VAL A 141 15.52 4.51 7.26
CA VAL A 141 14.20 5.00 7.03
C VAL A 141 14.23 6.40 6.45
N ILE A 142 13.47 6.61 5.40
CA ILE A 142 13.31 7.91 4.84
C ILE A 142 12.03 8.48 5.41
N LEU A 143 12.18 9.62 6.05
CA LEU A 143 11.13 10.12 6.92
C LEU A 143 9.96 10.71 6.15
N PRO A 144 8.78 10.51 6.68
CA PRO A 144 7.50 10.99 6.06
C PRO A 144 7.31 12.51 6.12
N THR A 145 6.61 13.02 5.15
CA THR A 145 6.24 14.43 5.14
C THR A 145 5.12 14.63 6.15
N PRO A 146 5.04 15.74 6.85
CA PRO A 146 3.93 15.99 7.83
C PRO A 146 2.60 15.97 7.07
N GLU A 147 1.54 15.45 7.69
CA GLU A 147 0.25 15.37 6.98
C GLU A 147 -0.88 15.82 7.89
N GLU A 148 -1.91 16.45 7.30
CA GLU A 148 -3.08 16.89 8.04
C GLU A 148 -4.13 15.80 8.03
N GLN A 149 -5.27 16.08 8.65
CA GLN A 149 -6.41 15.18 8.60
C GLN A 149 -7.42 15.70 7.59
N ALA A 7 -17.39 -5.65 14.60
CA ALA A 7 -17.45 -4.76 15.77
C ALA A 7 -16.42 -3.65 15.60
N GLY A 8 -16.83 -2.41 15.90
CA GLY A 8 -15.93 -1.28 15.77
C GLY A 8 -15.40 -1.18 14.36
N PRO A 9 -16.27 -0.94 13.41
CA PRO A 9 -15.85 -0.86 11.97
C PRO A 9 -14.84 0.28 11.73
N ARG A 10 -13.87 0.04 10.85
CA ARG A 10 -12.92 1.10 10.48
C ARG A 10 -12.55 0.94 9.01
N TYR A 11 -13.00 1.85 8.18
CA TYR A 11 -12.65 1.80 6.77
C TYR A 11 -11.78 2.99 6.41
N PRO A 12 -10.61 2.76 5.85
CA PRO A 12 -9.66 3.84 5.42
C PRO A 12 -10.29 4.63 4.31
N VAL A 13 -10.10 5.94 4.18
CA VAL A 13 -10.78 6.65 3.13
C VAL A 13 -9.77 7.17 2.14
N SER A 14 -8.55 7.34 2.63
CA SER A 14 -7.47 7.86 1.82
C SER A 14 -6.16 7.26 2.29
N VAL A 15 -5.25 7.06 1.37
CA VAL A 15 -3.90 6.57 1.69
C VAL A 15 -2.95 7.44 0.97
N GLN A 16 -1.84 7.84 1.57
CA GLN A 16 -0.83 8.56 0.82
C GLN A 16 0.53 8.00 1.20
N GLY A 17 1.47 7.99 0.26
CA GLY A 17 2.81 7.48 0.52
C GLY A 17 3.48 8.30 1.61
N ALA A 18 3.71 7.67 2.76
CA ALA A 18 4.24 8.40 3.91
C ALA A 18 5.78 8.42 3.93
N ALA A 19 6.40 7.26 3.73
CA ALA A 19 7.85 7.15 3.93
C ALA A 19 8.45 6.09 3.04
N LEU A 20 9.76 6.13 2.95
CA LEU A 20 10.50 5.13 2.26
C LEU A 20 11.52 4.53 3.22
N VAL A 21 11.52 3.20 3.39
CA VAL A 21 12.60 2.58 4.08
C VAL A 21 13.32 1.75 3.04
N GLN A 22 14.58 2.00 2.82
CA GLN A 22 15.37 1.14 1.97
C GLN A 22 16.44 0.57 2.84
N ILE A 23 16.56 -0.74 2.94
CA ILE A 23 17.66 -1.38 3.62
C ILE A 23 18.28 -2.18 2.49
N LYS A 24 19.13 -3.16 2.79
CA LYS A 24 19.53 -4.16 1.77
C LYS A 24 18.39 -4.33 0.72
N ARG A 25 18.57 -5.11 -0.28
CA ARG A 25 17.62 -5.10 -1.42
C ARG A 25 16.21 -5.53 -1.01
N LEU A 26 15.97 -5.49 0.32
CA LEU A 26 14.58 -5.51 0.81
C LEU A 26 14.26 -4.11 1.33
N GLN A 27 13.19 -3.49 0.84
CA GLN A 27 12.92 -2.06 1.16
C GLN A 27 11.45 -1.89 1.56
N THR A 28 11.10 -1.10 2.57
CA THR A 28 9.73 -1.10 3.03
C THR A 28 9.04 0.20 2.57
N PHE A 29 7.72 0.15 2.38
CA PHE A 29 7.00 1.28 1.83
C PHE A 29 6.00 1.84 2.84
N ALA A 30 6.14 3.10 3.18
CA ALA A 30 5.27 3.66 4.22
C ALA A 30 4.08 4.40 3.62
N PHE A 31 2.99 4.32 4.34
CA PHE A 31 1.77 5.01 3.97
C PHE A 31 1.22 5.75 5.14
N SER A 32 0.46 6.78 4.85
CA SER A 32 -0.32 7.42 5.86
C SER A 32 -1.74 7.29 5.39
N VAL A 33 -2.56 6.57 6.11
CA VAL A 33 -3.95 6.33 5.69
C VAL A 33 -4.87 6.67 6.82
N ARG A 34 -5.97 7.36 6.57
CA ARG A 34 -6.89 7.72 7.65
C ARG A 34 -8.29 7.24 7.31
N TRP A 35 -9.04 6.73 8.31
CA TRP A 35 -10.22 5.98 7.97
C TRP A 35 -11.48 6.76 8.24
N SER A 36 -12.57 6.24 7.67
CA SER A 36 -13.87 6.92 7.70
C SER A 36 -14.29 7.18 9.13
N ASP A 37 -13.88 6.31 10.04
CA ASP A 37 -14.25 6.49 11.43
C ASP A 37 -13.47 7.67 11.96
N GLY A 38 -12.68 8.23 11.07
CA GLY A 38 -12.06 9.49 11.32
C GLY A 38 -10.71 9.36 11.95
N SER A 39 -10.12 8.15 12.01
CA SER A 39 -8.81 8.00 12.62
C SER A 39 -7.73 8.34 11.61
N ASP A 40 -6.47 8.29 12.02
CA ASP A 40 -5.34 8.49 11.11
C ASP A 40 -4.33 7.36 11.37
N THR A 41 -3.66 6.86 10.33
CA THR A 41 -2.66 5.83 10.54
C THR A 41 -1.41 6.08 9.69
N PHE A 42 -0.23 5.79 10.29
CA PHE A 42 1.06 5.81 9.58
C PHE A 42 1.73 4.45 9.78
N VAL A 43 2.03 3.68 8.72
CA VAL A 43 2.64 2.37 8.90
C VAL A 43 3.74 2.13 7.87
N ARG A 44 4.61 1.15 8.15
CA ARG A 44 5.71 0.78 7.27
C ARG A 44 5.21 -0.48 6.57
N ARG A 45 5.50 -0.73 5.31
CA ARG A 45 5.04 -2.00 4.74
C ARG A 45 6.17 -2.62 3.92
N SER A 46 6.06 -3.90 3.71
CA SER A 46 6.97 -4.49 2.70
C SER A 46 6.35 -4.42 1.31
N TRP A 47 7.20 -4.24 0.28
CA TRP A 47 6.75 -4.44 -1.10
C TRP A 47 6.47 -5.89 -1.34
N ASP A 48 7.37 -6.70 -0.81
CA ASP A 48 7.31 -8.12 -0.99
C ASP A 48 6.09 -8.63 -0.35
N GLU A 49 5.80 -8.09 0.82
CA GLU A 49 4.60 -8.41 1.49
C GLU A 49 3.45 -7.87 0.71
N PHE A 50 3.59 -6.70 0.01
CA PHE A 50 2.50 -6.16 -0.75
C PHE A 50 2.11 -7.21 -1.75
N ARG A 51 3.10 -7.81 -2.37
CA ARG A 51 2.82 -8.80 -3.41
C ARG A 51 1.92 -9.87 -2.84
N GLN A 52 2.17 -10.22 -1.59
CA GLN A 52 1.22 -11.06 -0.89
C GLN A 52 -0.08 -10.27 -0.65
N LEU A 53 0.07 -8.97 -0.47
CA LEU A 53 -1.13 -8.10 -0.28
C LEU A 53 -2.00 -8.13 -1.53
N LYS A 54 -1.39 -8.05 -2.70
CA LYS A 54 -2.15 -8.05 -3.94
C LYS A 54 -2.86 -9.39 -4.03
N LYS A 55 -2.08 -10.39 -3.71
CA LYS A 55 -2.53 -11.75 -3.81
C LYS A 55 -3.71 -11.88 -2.87
N THR A 56 -3.50 -11.39 -1.67
CA THR A 56 -4.47 -11.53 -0.63
C THR A 56 -5.78 -10.85 -0.97
N LEU A 57 -5.77 -9.58 -1.41
CA LEU A 57 -7.03 -8.98 -1.79
C LEU A 57 -7.59 -9.70 -2.99
N LYS A 58 -6.74 -9.91 -4.00
CA LYS A 58 -7.19 -10.42 -5.29
C LYS A 58 -7.80 -11.80 -5.19
N GLU A 59 -7.35 -12.59 -4.25
CA GLU A 59 -8.03 -13.84 -4.00
C GLU A 59 -9.42 -13.52 -3.48
N THR A 60 -9.49 -12.51 -2.63
CA THR A 60 -10.76 -12.08 -2.07
C THR A 60 -11.70 -11.54 -3.18
N PHE A 61 -11.17 -10.69 -4.05
CA PHE A 61 -11.96 -10.13 -5.17
C PHE A 61 -11.23 -10.42 -6.50
N PRO A 62 -11.41 -11.60 -7.05
CA PRO A 62 -10.67 -12.05 -8.28
C PRO A 62 -10.94 -11.18 -9.52
N VAL A 63 -10.94 -9.87 -9.36
CA VAL A 63 -11.14 -8.97 -10.49
C VAL A 63 -9.82 -8.78 -11.25
N GLU A 64 -9.31 -7.56 -11.29
CA GLU A 64 -8.01 -7.26 -11.91
C GLU A 64 -7.96 -7.56 -13.40
N ALA A 65 -8.31 -8.77 -13.80
CA ALA A 65 -8.25 -9.12 -15.23
C ALA A 65 -9.64 -9.06 -15.88
N GLY A 66 -10.67 -8.93 -15.08
CA GLY A 66 -12.03 -8.80 -15.58
C GLY A 66 -12.53 -10.08 -16.19
N LEU A 67 -11.75 -11.13 -16.09
CA LEU A 67 -12.18 -12.41 -16.58
C LEU A 67 -13.24 -13.01 -15.69
N LEU A 68 -12.99 -12.93 -14.39
CA LEU A 68 -13.89 -13.55 -13.42
C LEU A 68 -14.87 -12.54 -12.83
N ARG A 69 -14.40 -11.32 -12.58
CA ARG A 69 -15.24 -10.36 -11.84
C ARG A 69 -15.32 -9.02 -12.55
N ARG A 70 -16.51 -8.44 -12.56
CA ARG A 70 -16.73 -7.09 -13.07
C ARG A 70 -17.78 -6.38 -12.22
N SER A 71 -17.97 -6.91 -11.02
CA SER A 71 -19.01 -6.45 -10.11
C SER A 71 -18.60 -5.14 -9.41
N ASP A 72 -19.40 -4.74 -8.45
CA ASP A 72 -19.10 -3.53 -7.67
C ASP A 72 -17.80 -3.74 -6.93
N ARG A 73 -17.51 -4.99 -6.70
CA ARG A 73 -16.33 -5.42 -5.98
C ARG A 73 -15.08 -5.33 -6.83
N VAL A 74 -15.23 -4.87 -8.08
CA VAL A 74 -14.07 -4.72 -8.97
C VAL A 74 -12.84 -4.22 -8.19
N LEU A 75 -11.78 -4.99 -8.22
CA LEU A 75 -10.51 -4.51 -7.73
C LEU A 75 -9.86 -3.73 -8.86
N PRO A 76 -9.18 -2.67 -8.55
CA PRO A 76 -8.43 -1.90 -9.57
C PRO A 76 -7.27 -2.70 -10.12
N LYS A 77 -6.92 -2.46 -11.37
CA LYS A 77 -5.77 -3.12 -11.91
C LYS A 77 -4.52 -2.42 -11.43
N LEU A 78 -3.62 -3.18 -10.84
CA LEU A 78 -2.41 -2.63 -10.24
C LEU A 78 -1.31 -2.47 -11.27
N LEU A 79 -0.62 -1.32 -11.22
CA LEU A 79 0.45 -1.05 -12.18
C LEU A 79 1.72 -1.69 -11.74
N ASP A 80 2.50 -2.05 -12.75
CA ASP A 80 3.91 -2.28 -12.52
C ASP A 80 4.63 -1.22 -13.35
N ALA A 81 5.47 -0.42 -12.75
CA ALA A 81 6.05 0.72 -13.46
C ALA A 81 7.04 0.26 -14.52
N PRO A 82 7.05 0.95 -15.67
CA PRO A 82 8.02 0.72 -16.80
C PRO A 82 9.47 0.99 -16.37
N LEU A 83 10.39 0.38 -17.06
CA LEU A 83 11.80 0.45 -16.68
C LEU A 83 12.30 1.91 -16.76
N LEU A 84 13.19 2.26 -15.83
CA LEU A 84 13.71 3.62 -15.71
C LEU A 84 14.86 3.85 -16.71
N GLY A 85 14.95 5.06 -17.28
CA GLY A 85 16.10 5.39 -18.11
C GLY A 85 17.35 5.55 -17.26
N ARG A 86 17.23 6.26 -16.15
CA ARG A 86 18.36 6.49 -15.21
C ARG A 86 18.29 5.61 -13.99
N VAL A 87 17.38 4.65 -14.00
CA VAL A 87 17.16 3.78 -12.86
C VAL A 87 17.53 4.47 -11.54
N GLY A 88 18.40 3.84 -10.78
CA GLY A 88 18.73 4.34 -9.44
C GLY A 88 17.81 3.71 -8.41
N ARG A 89 18.35 3.37 -7.24
CA ARG A 89 17.54 2.74 -6.22
C ARG A 89 16.45 3.69 -5.72
N THR A 90 16.80 4.95 -5.53
CA THR A 90 15.89 5.92 -4.94
C THR A 90 14.70 6.15 -5.87
N SER A 91 15.00 6.40 -7.13
CA SER A 91 13.96 6.65 -8.12
C SER A 91 13.06 5.45 -8.27
N ARG A 92 13.63 4.26 -8.23
CA ARG A 92 12.83 3.04 -8.20
C ARG A 92 11.98 3.01 -6.92
N GLY A 93 12.56 3.55 -5.89
CA GLY A 93 11.85 3.63 -4.62
C GLY A 93 10.59 4.51 -4.78
N LEU A 94 10.76 5.70 -5.34
CA LEU A 94 9.61 6.59 -5.56
C LEU A 94 8.63 5.97 -6.55
N ALA A 95 9.17 5.43 -7.61
CA ALA A 95 8.31 4.90 -8.68
C ALA A 95 7.42 3.83 -8.06
N ARG A 96 8.07 2.98 -7.33
CA ARG A 96 7.42 1.85 -6.69
C ARG A 96 6.39 2.35 -5.64
N LEU A 97 6.76 3.39 -4.87
CA LEU A 97 5.86 3.97 -3.86
C LEU A 97 4.62 4.56 -4.53
N GLN A 98 4.84 5.25 -5.64
CA GLN A 98 3.75 5.98 -6.30
C GLN A 98 2.69 5.00 -6.79
N LEU A 99 3.11 3.92 -7.42
CA LEU A 99 2.16 2.97 -7.94
C LEU A 99 1.36 2.35 -6.81
N LEU A 100 2.07 1.97 -5.74
CA LEU A 100 1.40 1.33 -4.63
C LEU A 100 0.39 2.29 -4.06
N GLU A 101 0.78 3.57 -3.90
CA GLU A 101 -0.16 4.53 -3.38
C GLU A 101 -1.36 4.60 -4.30
N THR A 102 -1.12 4.70 -5.61
CA THR A 102 -2.22 4.86 -6.54
C THR A 102 -3.16 3.67 -6.44
N TYR A 103 -2.60 2.49 -6.37
CA TYR A 103 -3.38 1.29 -6.27
C TYR A 103 -4.23 1.37 -5.02
N SER A 104 -3.60 1.78 -3.93
CA SER A 104 -4.32 2.01 -2.68
C SER A 104 -5.43 3.06 -2.85
N ARG A 105 -5.15 4.13 -3.60
CA ARG A 105 -6.13 5.19 -3.82
C ARG A 105 -7.32 4.60 -4.54
N ARG A 106 -7.03 3.72 -5.47
CA ARG A 106 -8.07 2.98 -6.13
C ARG A 106 -8.80 2.04 -5.20
N LEU A 107 -8.11 1.39 -4.35
CA LEU A 107 -8.76 0.43 -3.54
C LEU A 107 -9.81 1.15 -2.72
N LEU A 108 -9.47 2.32 -2.21
CA LEU A 108 -10.49 3.10 -1.57
C LEU A 108 -11.56 3.57 -2.59
N ALA A 109 -11.14 3.97 -3.83
CA ALA A 109 -12.12 4.59 -4.79
C ALA A 109 -12.27 3.81 -6.12
N THR A 110 -11.89 2.57 -6.11
CA THR A 110 -12.17 1.71 -7.27
C THR A 110 -13.23 0.70 -6.91
N ALA A 111 -13.34 0.40 -5.62
CA ALA A 111 -14.53 -0.32 -5.17
C ALA A 111 -14.75 -0.04 -3.69
N GLU A 112 -15.97 0.31 -3.35
CA GLU A 112 -16.37 0.44 -1.95
C GLU A 112 -16.25 -0.94 -1.30
N ARG A 113 -16.65 -1.89 -2.11
CA ARG A 113 -16.75 -3.24 -1.63
C ARG A 113 -15.40 -3.75 -1.24
N VAL A 114 -14.34 -3.47 -2.01
CA VAL A 114 -13.02 -3.85 -1.56
C VAL A 114 -12.66 -2.98 -0.37
N ALA A 115 -12.94 -1.69 -0.49
CA ALA A 115 -12.38 -0.70 0.42
C ALA A 115 -12.63 -0.96 1.86
N ARG A 116 -13.65 -1.66 2.23
CA ARG A 116 -13.79 -1.92 3.67
C ARG A 116 -13.59 -3.38 4.01
N SER A 117 -13.64 -4.25 3.03
CA SER A 117 -13.66 -5.67 3.35
C SER A 117 -12.58 -5.99 4.40
N PRO A 118 -12.85 -6.97 5.26
CA PRO A 118 -12.01 -7.21 6.49
C PRO A 118 -10.55 -7.24 6.13
N THR A 119 -10.31 -7.58 4.91
CA THR A 119 -9.00 -7.53 4.37
C THR A 119 -8.46 -6.07 4.43
N ILE A 120 -9.28 -5.03 4.14
CA ILE A 120 -8.70 -3.71 4.16
C ILE A 120 -8.27 -3.38 5.56
N THR A 121 -9.12 -3.70 6.51
CA THR A 121 -8.89 -3.28 7.87
C THR A 121 -7.52 -3.75 8.40
N GLY A 122 -7.14 -5.00 8.11
CA GLY A 122 -5.85 -5.50 8.61
C GLY A 122 -4.70 -4.70 8.01
N PHE A 123 -4.70 -4.53 6.68
CA PHE A 123 -3.53 -3.92 6.01
C PHE A 123 -3.14 -2.51 6.48
N PHE A 124 -4.09 -1.63 6.64
CA PHE A 124 -3.74 -0.29 7.10
C PHE A 124 -3.47 -0.30 8.58
N ALA A 125 -4.00 -1.31 9.20
CA ALA A 125 -3.75 -1.51 10.61
C ALA A 125 -2.28 -1.89 10.76
N PRO A 126 -1.54 -1.23 11.63
CA PRO A 126 -0.11 -1.57 11.88
C PRO A 126 -0.13 -3.00 12.31
N GLN A 127 0.83 -3.84 12.00
CA GLN A 127 0.81 -5.19 12.41
C GLN A 127 2.06 -5.29 13.27
N PRO A 128 2.24 -6.28 14.05
CA PRO A 128 3.33 -6.26 15.08
C PRO A 128 4.67 -5.72 14.50
N LEU A 129 4.95 -5.94 13.23
CA LEU A 129 6.15 -5.38 12.61
C LEU A 129 6.13 -3.85 12.64
N ASP A 130 4.93 -3.26 12.60
CA ASP A 130 4.83 -1.81 12.83
C ASP A 130 5.00 -1.51 14.29
N LEU A 131 4.84 -2.54 15.08
CA LEU A 131 4.86 -2.43 16.52
C LEU A 131 6.25 -2.78 17.03
N GLU A 132 7.22 -2.91 16.11
CA GLU A 132 8.61 -3.09 16.55
C GLU A 132 9.34 -1.75 16.42
N PRO A 133 9.62 -1.11 17.52
CA PRO A 133 10.19 0.28 17.54
C PRO A 133 11.59 0.38 16.93
N ALA A 134 12.30 -0.75 16.91
CA ALA A 134 13.71 -0.73 16.50
C ALA A 134 13.87 -1.03 15.00
N LEU A 135 14.53 -0.11 14.30
CA LEU A 135 14.81 -0.29 12.87
C LEU A 135 16.28 -0.68 12.68
N PRO A 136 16.52 -1.79 12.00
CA PRO A 136 17.91 -2.26 11.70
C PRO A 136 18.79 -1.11 11.22
N PRO A 137 20.01 -1.04 11.67
CA PRO A 137 20.95 0.10 11.33
C PRO A 137 21.06 0.33 9.83
N GLY A 138 21.09 -0.75 9.08
CA GLY A 138 21.20 -0.68 7.63
C GLY A 138 20.02 0.07 7.03
N SER A 139 18.94 0.19 7.80
CA SER A 139 17.71 0.76 7.27
C SER A 139 17.86 2.26 7.09
N ARG A 140 17.28 2.78 6.01
CA ARG A 140 17.22 4.21 5.79
C ARG A 140 15.82 4.59 5.49
N VAL A 141 15.36 5.62 6.15
CA VAL A 141 13.99 6.07 5.98
C VAL A 141 13.95 7.47 5.36
N ILE A 142 13.30 7.56 4.20
CA ILE A 142 13.25 8.81 3.45
C ILE A 142 11.80 9.22 3.18
N LEU A 143 11.43 10.46 3.52
CA LEU A 143 10.09 10.94 3.21
C LEU A 143 10.02 11.22 1.70
N PRO A 144 8.97 10.80 1.03
CA PRO A 144 8.89 10.84 -0.49
C PRO A 144 9.00 12.25 -1.09
N THR A 145 9.70 12.29 -2.20
CA THR A 145 9.74 13.47 -3.05
C THR A 145 8.36 13.68 -3.71
N PRO A 146 7.62 14.68 -3.29
CA PRO A 146 6.23 14.90 -3.81
C PRO A 146 6.21 15.11 -5.32
N GLU A 147 5.19 14.55 -5.96
CA GLU A 147 5.00 14.71 -7.39
C GLU A 147 3.70 15.45 -7.63
N GLU A 148 2.61 14.87 -7.15
CA GLU A 148 1.32 15.51 -7.22
C GLU A 148 1.17 16.44 -6.04
N GLN A 149 0.66 17.63 -6.26
CA GLN A 149 0.49 18.57 -5.17
C GLN A 149 -0.91 18.46 -4.60
#